data_2VVN
#
_entry.id   2VVN
#
_cell.length_a   51.511
_cell.length_b   94.503
_cell.length_c   99.227
_cell.angle_alpha   104.53
_cell.angle_beta   94.00
_cell.angle_gamma   102.89
#
_symmetry.space_group_name_H-M   'P 1'
#
loop_
_entity.id
_entity.type
_entity.pdbx_description
1 polymer 'O-GLCNACASE BT_4395'
2 non-polymer GLYCEROL
3 non-polymer 'AMMONIUM ION'
4 non-polymer (3AR,5R,6S,7R,7AR)-2-(ETHYLAMINO)-5-(HYDROXYMETHYL)-5,6,7,7A-TETRAHYDRO-3AH-PYRANO[3,2-D][1,3]THIAZOLE-6,7-DIOL
5 water water
#
_entity_poly.entity_id   1
_entity_poly.type   'polypeptide(L)'
_entity_poly.pdbx_seq_one_letter_code
;MKNNKIYLLGACLLCAVTTFAQNVSLQPPPQQLIVQNKTIDLPAVYQLNGGEEANPHAVKVLKELLSGKQSSKKGMLISI
GEKGDKSVRKYSRQIPDHKEGYYLSVNEKEIVLAGNDERGTYYALQTFAQLLKDGKLPEVEIKDYPSVRYRGVVEGFYGT
PWSHQARLSQLKFYGKNKMNTYIYGPKDDPYHSAPNWRLPYPDKEAAQLQELVAVANENEVDFVWAIHPGQDIKWNKEDR
DLLLAKFEKMYQLGVRSFAVFFDDISGEGTNPQKQAELLNYIDEKFAQVKPDINQLVMCPTEYNKSWSNPNGNYLTTLGD
KLNPSIQIMWTGDRVISDITRDGISWINERIKRPAYIWWNFPVSDYVRDHLLLGPVYGNDTTIAKEMSGFVTNPMEHAES
SKIAIYSVASYAWNPAKYDTWQTWKDAIRTILPSAAEELECFAMHNSDLGPNGHGYRREESMDIQPAAERFLKAFKEGKN
YDKADFETLQYTFERMKESADILLMNTENKPLIVEITPWVHQFKLTAEMGEEVLKMVEGRNESYFLRKYNHVKALQQQMF
YIDQTSNQNPYQPGVKTATRVIKPLIDRTFATVVKFFNQKFNAHLDATTDYMPHKMISNVEQIKNLPLQVKANRVLISPA
NEVVKWAAGNSVEIELDAIYPGENIQINFGKDAPCTWGRLEISTDGKEWKTVDLKQKESRLSAGLQKAPVKFVRFTNVSD
EEQQVYLRQFVLTIEKK
;
_entity_poly.pdbx_strand_id   A,B
#
# COMPACT_ATOMS: atom_id res chain seq x y z
N SER A 25 -23.65 -35.87 2.22
CA SER A 25 -22.80 -34.70 2.54
C SER A 25 -23.59 -33.67 3.36
N LEU A 26 -23.45 -33.72 4.69
CA LEU A 26 -24.02 -32.70 5.57
C LEU A 26 -23.50 -31.28 5.27
N GLN A 27 -24.42 -30.33 5.08
CA GLN A 27 -24.07 -28.95 4.76
C GLN A 27 -24.88 -27.94 5.61
N PRO A 28 -24.18 -27.10 6.37
CA PRO A 28 -22.76 -27.08 6.64
C PRO A 28 -22.32 -28.35 7.36
N PRO A 29 -21.06 -28.75 7.15
CA PRO A 29 -20.55 -29.91 7.91
C PRO A 29 -20.46 -29.61 9.42
N PRO A 30 -20.91 -30.53 10.28
CA PRO A 30 -20.88 -30.22 11.70
C PRO A 30 -19.46 -30.22 12.31
N GLN A 31 -19.33 -29.54 13.44
CA GLN A 31 -18.05 -29.42 14.13
C GLN A 31 -17.49 -30.79 14.54
N GLN A 32 -18.36 -31.66 15.01
CA GLN A 32 -17.96 -32.99 15.43
C GLN A 32 -19.04 -33.98 15.02
N LEU A 33 -18.63 -35.08 14.41
CA LEU A 33 -19.55 -36.10 13.92
C LEU A 33 -18.95 -37.47 14.17
N ILE A 34 -19.72 -38.35 14.81
CA ILE A 34 -19.33 -39.76 14.96
C ILE A 34 -20.43 -40.64 14.34
N VAL A 35 -20.07 -41.39 13.30
CA VAL A 35 -21.02 -42.27 12.62
C VAL A 35 -20.73 -43.74 12.92
N GLN A 36 -21.78 -44.48 13.29
CA GLN A 36 -21.71 -45.93 13.37
C GLN A 36 -22.23 -46.47 12.06
N ASN A 37 -21.57 -47.48 11.52
CA ASN A 37 -22.03 -48.09 10.27
C ASN A 37 -23.26 -48.97 10.49
N LYS A 38 -24.29 -48.32 11.02
CA LYS A 38 -25.59 -48.90 11.27
C LYS A 38 -26.62 -47.83 10.92
N THR A 39 -27.71 -48.21 10.26
CA THR A 39 -28.81 -47.30 10.07
C THR A 39 -30.05 -47.84 10.78
N ILE A 40 -30.93 -46.94 11.21
CA ILE A 40 -32.20 -47.33 11.82
C ILE A 40 -33.33 -46.76 10.96
N ASP A 41 -34.54 -47.31 11.13
CA ASP A 41 -35.73 -46.76 10.48
C ASP A 41 -36.25 -45.59 11.30
N LEU A 42 -36.82 -44.62 10.61
CA LEU A 42 -37.57 -43.57 11.25
C LEU A 42 -38.79 -44.12 11.94
N PRO A 43 -38.81 -44.05 13.26
CA PRO A 43 -39.90 -44.61 14.02
C PRO A 43 -41.29 -44.31 13.51
N ALA A 44 -41.85 -45.35 12.92
CA ALA A 44 -43.25 -45.48 12.58
C ALA A 44 -44.19 -45.24 13.76
N VAL A 45 -43.77 -45.70 14.94
CA VAL A 45 -44.50 -45.33 16.12
C VAL A 45 -43.50 -44.80 17.12
N TYR A 46 -43.79 -43.66 17.73
CA TYR A 46 -42.81 -42.88 18.50
C TYR A 46 -43.44 -42.15 19.69
N GLN A 47 -42.67 -41.97 20.76
CA GLN A 47 -43.05 -41.08 21.85
C GLN A 47 -42.22 -39.80 21.75
N LEU A 48 -42.88 -38.68 21.50
CA LEU A 48 -42.25 -37.36 21.49
C LEU A 48 -42.23 -36.77 22.91
N ASN A 49 -41.06 -36.31 23.34
CA ASN A 49 -40.88 -35.69 24.64
C ASN A 49 -40.34 -34.28 24.48
N GLY A 50 -41.07 -33.28 24.97
CA GLY A 50 -40.63 -31.89 24.94
C GLY A 50 -41.23 -31.06 23.82
N GLY A 51 -42.21 -31.62 23.12
CA GLY A 51 -42.90 -30.92 22.04
C GLY A 51 -43.52 -29.61 22.46
N GLU A 52 -43.99 -29.55 23.70
CA GLU A 52 -44.65 -28.35 24.24
C GLU A 52 -43.69 -27.26 24.74
N GLU A 53 -42.43 -27.62 25.00
CA GLU A 53 -41.48 -26.68 25.61
C GLU A 53 -40.31 -26.29 24.72
N ALA A 54 -40.15 -26.98 23.59
CA ALA A 54 -39.11 -26.64 22.61
C ALA A 54 -39.56 -25.54 21.65
N ASN A 55 -38.56 -24.94 20.99
CA ASN A 55 -38.75 -23.97 19.89
C ASN A 55 -39.86 -24.50 18.98
N PRO A 56 -41.01 -23.79 18.92
CA PRO A 56 -42.12 -24.16 18.03
C PRO A 56 -41.68 -24.26 16.56
N HIS A 57 -40.69 -23.46 16.14
CA HIS A 57 -40.18 -23.55 14.77
C HIS A 57 -39.47 -24.88 14.54
N ALA A 58 -38.73 -25.35 15.53
CA ALA A 58 -38.08 -26.67 15.43
C ALA A 58 -39.11 -27.81 15.45
N VAL A 59 -40.15 -27.66 16.28
CA VAL A 59 -41.20 -28.68 16.48
C VAL A 59 -42.06 -28.84 15.23
N LYS A 60 -42.33 -27.72 14.55
CA LYS A 60 -43.02 -27.74 13.27
C LYS A 60 -42.27 -28.61 12.24
N VAL A 61 -40.95 -28.41 12.14
CA VAL A 61 -40.11 -29.17 11.22
C VAL A 61 -40.19 -30.67 11.55
N LEU A 62 -40.02 -31.00 12.82
CA LEU A 62 -40.02 -32.38 13.28
C LEU A 62 -41.33 -33.07 12.97
N LYS A 63 -42.44 -32.38 13.25
CA LYS A 63 -43.77 -32.96 13.02
C LYS A 63 -44.10 -33.11 11.54
N GLU A 64 -43.41 -32.35 10.68
CA GLU A 64 -43.55 -32.53 9.24
C GLU A 64 -42.78 -33.74 8.76
N LEU A 65 -41.59 -33.95 9.35
CA LEU A 65 -40.77 -35.13 9.08
C LEU A 65 -41.45 -36.43 9.54
N LEU A 66 -42.18 -36.34 10.67
CA LEU A 66 -42.89 -37.46 11.28
C LEU A 66 -44.34 -37.55 10.82
N SER A 67 -44.65 -36.81 9.75
CA SER A 67 -45.92 -36.92 9.06
C SER A 67 -46.11 -38.37 8.62
N GLY A 68 -47.35 -38.85 8.65
CA GLY A 68 -47.67 -40.23 8.28
C GLY A 68 -47.53 -41.21 9.43
N LYS A 69 -46.69 -40.85 10.41
CA LYS A 69 -46.51 -41.66 11.62
C LYS A 69 -47.46 -41.14 12.69
N GLN A 70 -47.50 -41.79 13.85
CA GLN A 70 -48.32 -41.28 14.97
C GLN A 70 -47.71 -41.54 16.35
N SER A 71 -48.00 -40.65 17.29
CA SER A 71 -47.37 -40.69 18.60
C SER A 71 -48.22 -41.39 19.65
N SER A 72 -47.56 -41.82 20.71
CA SER A 72 -48.18 -42.56 21.80
C SER A 72 -47.24 -42.49 23.01
N LYS A 73 -47.62 -43.20 24.09
CA LYS A 73 -46.72 -43.41 25.22
C LYS A 73 -45.81 -44.65 24.97
N LYS A 74 -46.11 -45.34 23.84
CA LYS A 74 -45.25 -46.40 23.30
C LYS A 74 -44.23 -45.81 22.32
N GLY A 75 -43.46 -46.70 21.68
CA GLY A 75 -42.62 -46.31 20.57
C GLY A 75 -41.30 -45.67 20.96
N MET A 76 -40.46 -45.42 19.95
CA MET A 76 -39.14 -44.83 20.11
C MET A 76 -39.26 -43.49 20.81
N LEU A 77 -38.41 -43.26 21.82
CA LEU A 77 -38.36 -41.95 22.45
C LEU A 77 -37.67 -40.98 21.50
N ILE A 78 -38.31 -39.82 21.28
CA ILE A 78 -37.69 -38.68 20.59
C ILE A 78 -37.76 -37.48 21.54
N SER A 79 -36.59 -36.94 21.86
CA SER A 79 -36.49 -35.88 22.84
C SER A 79 -36.01 -34.62 22.15
N ILE A 80 -36.81 -33.57 22.29
CA ILE A 80 -36.53 -32.29 21.65
C ILE A 80 -36.62 -31.20 22.72
N GLY A 81 -35.67 -30.26 22.71
CA GLY A 81 -35.75 -29.16 23.66
C GLY A 81 -34.48 -28.36 23.72
N GLU A 82 -34.51 -27.28 24.50
CA GLU A 82 -33.33 -26.44 24.71
C GLU A 82 -32.75 -26.81 26.06
N LYS A 83 -31.44 -26.67 26.22
CA LYS A 83 -30.78 -26.78 27.51
C LYS A 83 -31.63 -26.07 28.58
N GLY A 84 -31.96 -26.77 29.66
CA GLY A 84 -32.84 -26.20 30.69
C GLY A 84 -34.23 -26.82 30.68
N ASP A 85 -34.70 -27.27 29.49
CA ASP A 85 -35.94 -28.02 29.36
C ASP A 85 -35.79 -29.37 30.03
N LYS A 86 -36.90 -29.84 30.60
CA LYS A 86 -36.98 -31.16 31.25
C LYS A 86 -36.70 -32.30 30.30
N SER A 87 -37.14 -32.12 29.04
CA SER A 87 -36.97 -33.12 28.00
C SER A 87 -35.51 -33.55 27.79
N VAL A 88 -34.58 -32.63 27.97
CA VAL A 88 -33.18 -32.87 27.58
C VAL A 88 -32.19 -32.83 28.76
N ARG A 89 -32.69 -33.04 29.98
CA ARG A 89 -31.89 -33.01 31.23
C ARG A 89 -30.76 -34.08 31.35
N LYS A 90 -31.04 -35.27 30.82
CA LYS A 90 -30.05 -36.32 30.64
C LYS A 90 -28.85 -35.93 29.69
N TYR A 91 -29.09 -35.03 28.73
CA TYR A 91 -28.08 -34.69 27.71
C TYR A 91 -27.41 -33.33 27.91
N SER A 92 -27.66 -32.69 29.06
CA SER A 92 -27.16 -31.32 29.32
C SER A 92 -25.65 -31.18 29.09
N ARG A 93 -24.90 -32.23 29.45
CA ARG A 93 -23.45 -32.28 29.29
C ARG A 93 -22.97 -32.36 27.87
N GLN A 94 -23.78 -32.96 26.99
CA GLN A 94 -23.35 -33.12 25.61
C GLN A 94 -23.71 -31.93 24.72
N ILE A 95 -24.61 -31.07 25.20
CA ILE A 95 -25.02 -29.86 24.46
C ILE A 95 -23.89 -28.82 24.45
N PRO A 96 -23.36 -28.46 23.25
CA PRO A 96 -22.24 -27.51 23.20
C PRO A 96 -22.56 -26.17 23.86
N ASP A 97 -21.61 -25.64 24.64
CA ASP A 97 -21.85 -24.38 25.31
C ASP A 97 -21.55 -23.19 24.39
N HIS A 98 -22.29 -23.12 23.29
CA HIS A 98 -22.10 -22.11 22.25
C HIS A 98 -23.48 -21.62 21.79
N LYS A 99 -23.61 -20.32 21.56
CA LYS A 99 -24.77 -19.76 20.87
C LYS A 99 -25.09 -20.56 19.61
N GLU A 100 -26.37 -20.91 19.43
CA GLU A 100 -26.82 -21.66 18.25
C GLU A 100 -26.31 -23.11 18.16
N GLY A 101 -25.72 -23.59 19.26
CA GLY A 101 -25.22 -24.95 19.36
C GLY A 101 -26.30 -25.99 19.59
N TYR A 102 -25.98 -27.24 19.29
CA TYR A 102 -26.90 -28.35 19.51
C TYR A 102 -26.21 -29.71 19.63
N TYR A 103 -26.91 -30.65 20.25
CA TYR A 103 -26.52 -32.03 20.31
C TYR A 103 -27.59 -32.85 19.60
N LEU A 104 -27.15 -33.70 18.68
CA LEU A 104 -28.02 -34.59 17.93
C LEU A 104 -27.51 -36.00 18.08
N SER A 105 -28.41 -36.92 18.41
CA SER A 105 -28.05 -38.32 18.57
C SER A 105 -29.13 -39.17 17.92
N VAL A 106 -28.70 -40.17 17.16
CA VAL A 106 -29.60 -41.19 16.64
C VAL A 106 -28.95 -42.54 16.96
N ASN A 107 -29.68 -43.36 17.70
CA ASN A 107 -29.33 -44.77 17.85
C ASN A 107 -30.61 -45.59 17.85
N GLU A 108 -30.46 -46.91 17.95
CA GLU A 108 -31.59 -47.82 17.92
C GLU A 108 -32.64 -47.55 19.00
N LYS A 109 -32.22 -47.00 20.14
CA LYS A 109 -33.16 -46.80 21.27
C LYS A 109 -33.87 -45.44 21.29
N GLU A 110 -33.19 -44.37 20.89
CA GLU A 110 -33.82 -43.05 20.87
C GLU A 110 -33.18 -42.02 19.95
N ILE A 111 -33.92 -40.94 19.69
CA ILE A 111 -33.44 -39.77 18.94
C ILE A 111 -33.39 -38.53 19.84
N VAL A 112 -32.27 -37.80 19.80
CA VAL A 112 -32.10 -36.62 20.63
C VAL A 112 -31.85 -35.42 19.72
N LEU A 113 -32.58 -34.34 19.98
CA LEU A 113 -32.45 -33.08 19.26
C LEU A 113 -32.44 -31.94 20.30
N ALA A 114 -31.26 -31.60 20.80
CA ALA A 114 -31.16 -30.74 21.98
C ALA A 114 -30.34 -29.51 21.65
N GLY A 115 -30.99 -28.35 21.65
CA GLY A 115 -30.29 -27.11 21.34
C GLY A 115 -29.74 -26.47 22.59
N ASN A 116 -28.64 -25.74 22.46
CA ASN A 116 -28.18 -24.91 23.56
C ASN A 116 -29.17 -23.75 23.81
N ASP A 117 -29.81 -23.31 22.72
CA ASP A 117 -30.80 -22.23 22.76
C ASP A 117 -31.84 -22.54 21.66
N GLU A 118 -32.87 -21.71 21.53
CA GLU A 118 -33.97 -22.01 20.61
C GLU A 118 -33.51 -22.20 19.17
N ARG A 119 -32.63 -21.33 18.71
CA ARG A 119 -32.12 -21.41 17.35
C ARG A 119 -31.28 -22.70 17.17
N GLY A 120 -30.56 -23.11 18.21
CA GLY A 120 -29.81 -24.35 18.15
C GLY A 120 -30.69 -25.56 17.93
N THR A 121 -31.89 -25.55 18.54
CA THR A 121 -32.83 -26.67 18.37
C THR A 121 -33.30 -26.74 16.91
N TYR A 122 -33.65 -25.58 16.36
CA TYR A 122 -33.94 -25.44 14.93
C TYR A 122 -32.80 -25.95 14.05
N TYR A 123 -31.57 -25.57 14.35
CA TYR A 123 -30.44 -26.08 13.56
C TYR A 123 -30.21 -27.60 13.64
N ALA A 124 -30.49 -28.17 14.82
CA ALA A 124 -30.45 -29.62 15.04
C ALA A 124 -31.41 -30.28 14.09
N LEU A 125 -32.61 -29.70 13.98
CA LEU A 125 -33.63 -30.19 13.06
C LEU A 125 -33.20 -30.10 11.59
N GLN A 126 -32.50 -29.02 11.22
CA GLN A 126 -32.07 -28.81 9.84
C GLN A 126 -31.00 -29.85 9.44
N THR A 127 -30.17 -30.24 10.41
CA THR A 127 -29.25 -31.37 10.24
C THR A 127 -30.02 -32.71 10.19
N PHE A 128 -30.98 -32.87 11.09
CA PHE A 128 -31.76 -34.10 11.14
C PHE A 128 -32.44 -34.36 9.79
N ALA A 129 -32.99 -33.31 9.18
CA ALA A 129 -33.69 -33.45 7.90
C ALA A 129 -32.78 -33.97 6.76
N GLN A 130 -31.50 -33.60 6.79
CA GLN A 130 -30.51 -34.09 5.81
C GLN A 130 -30.06 -35.52 6.05
N LEU A 131 -30.13 -35.96 7.30
CA LEU A 131 -29.76 -37.35 7.67
C LEU A 131 -30.81 -38.34 7.19
N LEU A 132 -32.07 -37.89 7.18
CA LEU A 132 -33.21 -38.71 6.83
C LEU A 132 -33.29 -38.93 5.34
N LYS A 133 -33.12 -40.19 4.92
CA LYS A 133 -33.17 -40.55 3.51
C LYS A 133 -33.79 -41.91 3.31
N ASP A 134 -34.88 -41.95 2.53
CA ASP A 134 -35.66 -43.15 2.27
C ASP A 134 -36.22 -43.80 3.55
N GLY A 135 -36.74 -42.96 4.43
CA GLY A 135 -37.34 -43.40 5.70
C GLY A 135 -36.33 -43.95 6.69
N LYS A 136 -35.04 -43.70 6.43
CA LYS A 136 -33.99 -44.23 7.27
C LYS A 136 -32.99 -43.17 7.74
N LEU A 137 -32.32 -43.48 8.85
CA LEU A 137 -31.42 -42.56 9.51
C LEU A 137 -30.14 -43.29 9.86
N PRO A 138 -28.99 -42.61 9.73
CA PRO A 138 -27.78 -43.29 10.21
C PRO A 138 -27.68 -43.19 11.72
N GLU A 139 -26.94 -44.12 12.32
CA GLU A 139 -26.62 -44.05 13.73
C GLU A 139 -25.48 -43.06 13.88
N VAL A 140 -25.78 -41.90 14.47
CA VAL A 140 -24.84 -40.79 14.55
C VAL A 140 -24.89 -40.09 15.89
N GLU A 141 -23.78 -39.42 16.21
CA GLU A 141 -23.72 -38.48 17.30
C GLU A 141 -23.02 -37.22 16.80
N ILE A 142 -23.70 -36.09 16.97
CA ILE A 142 -23.21 -34.83 16.49
C ILE A 142 -23.22 -33.79 17.60
N LYS A 143 -22.11 -33.07 17.70
CA LYS A 143 -22.01 -31.86 18.50
C LYS A 143 -21.63 -30.74 17.53
N ASP A 144 -22.48 -29.72 17.44
CA ASP A 144 -22.33 -28.70 16.42
C ASP A 144 -22.66 -27.28 16.91
N TYR A 145 -22.13 -26.29 16.19
CA TYR A 145 -22.23 -24.86 16.54
C TYR A 145 -21.49 -24.06 15.43
N PRO A 146 -21.85 -22.77 15.22
CA PRO A 146 -21.20 -21.98 14.19
C PRO A 146 -19.87 -21.37 14.67
N SER A 147 -18.90 -21.26 13.78
CA SER A 147 -17.63 -20.61 14.12
C SER A 147 -17.68 -19.07 14.00
N VAL A 148 -18.63 -18.58 13.19
CA VAL A 148 -18.88 -17.15 12.98
C VAL A 148 -20.31 -16.85 13.46
N ARG A 149 -20.44 -15.77 14.22
CA ARG A 149 -21.68 -15.49 14.95
C ARG A 149 -22.85 -15.09 14.01
N TYR A 150 -22.59 -14.19 13.08
CA TYR A 150 -23.61 -13.73 12.10
C TYR A 150 -23.23 -14.21 10.71
N ARG A 151 -24.15 -14.93 10.07
CA ARG A 151 -23.89 -15.56 8.76
C ARG A 151 -25.08 -15.32 7.87
N GLY A 152 -24.84 -14.84 6.66
CA GLY A 152 -25.98 -14.58 5.78
C GLY A 152 -25.76 -13.81 4.49
N VAL A 153 -26.79 -13.09 4.07
CA VAL A 153 -26.83 -12.38 2.79
C VAL A 153 -27.12 -10.88 3.02
N VAL A 154 -26.35 -9.99 2.37
CA VAL A 154 -26.79 -8.59 2.27
C VAL A 154 -27.34 -8.43 0.85
N GLU A 155 -28.62 -8.12 0.71
CA GLU A 155 -29.11 -7.71 -0.62
C GLU A 155 -28.71 -6.26 -0.77
N GLY A 156 -27.49 -6.00 -1.26
CA GLY A 156 -26.92 -4.66 -1.15
C GLY A 156 -26.36 -4.13 -2.47
N PHE A 157 -26.77 -4.78 -3.57
CA PHE A 157 -26.28 -4.47 -4.90
C PHE A 157 -27.09 -3.35 -5.55
N TYR A 158 -26.48 -2.76 -6.58
CA TYR A 158 -27.10 -1.86 -7.58
C TYR A 158 -27.77 -2.70 -8.66
N GLY A 159 -28.98 -2.32 -9.09
CA GLY A 159 -29.70 -3.01 -10.17
C GLY A 159 -31.11 -3.29 -9.65
N THR A 160 -31.90 -4.05 -10.42
CA THR A 160 -33.27 -4.45 -10.04
C THR A 160 -33.30 -5.25 -8.73
N PRO A 161 -34.05 -4.74 -7.71
CA PRO A 161 -34.07 -5.45 -6.46
C PRO A 161 -34.78 -6.79 -6.63
N TRP A 162 -34.38 -7.75 -5.82
CA TRP A 162 -35.04 -9.03 -5.80
C TRP A 162 -36.55 -8.85 -5.70
N SER A 163 -37.29 -9.76 -6.34
CA SER A 163 -38.73 -9.72 -6.26
C SER A 163 -39.22 -10.30 -4.94
N HIS A 164 -40.47 -9.96 -4.60
CA HIS A 164 -41.03 -10.39 -3.33
C HIS A 164 -40.98 -11.92 -3.23
N GLN A 165 -41.39 -12.60 -4.31
CA GLN A 165 -41.45 -14.08 -4.31
C GLN A 165 -40.05 -14.65 -4.20
N ALA A 166 -39.10 -13.96 -4.79
CA ALA A 166 -37.69 -14.38 -4.68
C ALA A 166 -37.16 -14.29 -3.24
N ARG A 167 -37.42 -13.18 -2.56
CA ARG A 167 -37.08 -13.04 -1.14
C ARG A 167 -37.72 -14.11 -0.24
N LEU A 168 -38.99 -14.39 -0.48
CA LEU A 168 -39.67 -15.44 0.26
C LEU A 168 -38.87 -16.74 0.10
N SER A 169 -38.46 -17.01 -1.12
CA SER A 169 -37.69 -18.22 -1.40
C SER A 169 -36.36 -18.25 -0.67
N GLN A 170 -35.66 -17.10 -0.69
CA GLN A 170 -34.40 -16.95 -0.05
C GLN A 170 -34.46 -17.23 1.44
N LEU A 171 -35.44 -16.64 2.13
CA LEU A 171 -35.52 -16.79 3.61
C LEU A 171 -35.63 -18.25 4.04
N LYS A 172 -36.33 -19.02 3.23
CA LYS A 172 -36.50 -20.44 3.48
C LYS A 172 -35.17 -21.15 3.23
N PHE A 173 -34.44 -20.73 2.19
CA PHE A 173 -33.11 -21.29 1.87
C PHE A 173 -32.13 -21.05 3.03
N TYR A 174 -32.21 -19.86 3.64
CA TYR A 174 -31.27 -19.46 4.68
C TYR A 174 -31.44 -20.32 5.93
N GLY A 175 -32.69 -20.55 6.33
CA GLY A 175 -33.04 -21.41 7.46
C GLY A 175 -32.50 -22.82 7.29
N LYS A 176 -32.62 -23.36 6.08
CA LYS A 176 -32.16 -24.74 5.81
C LYS A 176 -30.65 -24.83 5.91
N ASN A 177 -30.00 -23.72 5.65
CA ASN A 177 -28.54 -23.70 5.60
C ASN A 177 -27.88 -23.00 6.78
N LYS A 178 -28.69 -22.74 7.81
CA LYS A 178 -28.29 -22.15 9.09
C LYS A 178 -27.65 -20.77 8.93
N MET A 179 -28.13 -19.99 7.98
CA MET A 179 -27.71 -18.59 7.86
C MET A 179 -28.66 -17.79 8.75
N ASN A 180 -28.13 -16.99 9.67
CA ASN A 180 -29.06 -16.29 10.61
C ASN A 180 -29.38 -14.83 10.30
N THR A 181 -28.97 -14.37 9.12
CA THR A 181 -28.94 -12.93 8.83
C THR A 181 -29.31 -12.62 7.38
N TYR A 182 -30.25 -11.70 7.22
CA TYR A 182 -30.65 -11.17 5.92
C TYR A 182 -30.74 -9.69 6.09
N ILE A 183 -29.73 -9.03 5.52
CA ILE A 183 -29.69 -7.58 5.50
C ILE A 183 -30.33 -7.07 4.20
N TYR A 184 -31.43 -6.35 4.40
CA TYR A 184 -32.14 -5.69 3.32
C TYR A 184 -31.55 -4.28 3.05
N GLY A 185 -30.96 -4.09 1.88
CA GLY A 185 -30.46 -2.77 1.44
C GLY A 185 -30.17 -2.61 -0.06
N PRO A 186 -31.18 -2.85 -0.92
CA PRO A 186 -31.03 -2.70 -2.39
C PRO A 186 -30.79 -1.25 -2.66
N LYS A 187 -29.66 -1.00 -3.30
CA LYS A 187 -29.22 0.37 -3.54
C LYS A 187 -30.28 1.14 -4.35
N ASP A 188 -31.04 0.41 -5.16
CA ASP A 188 -32.05 1.08 -5.99
C ASP A 188 -33.47 1.20 -5.43
N ASP A 189 -33.67 0.79 -4.18
CA ASP A 189 -34.94 0.95 -3.47
C ASP A 189 -34.97 2.40 -3.00
N PRO A 190 -35.93 3.22 -3.53
CA PRO A 190 -36.00 4.62 -3.16
C PRO A 190 -36.33 4.88 -1.69
N TYR A 191 -37.00 3.95 -1.01
CA TYR A 191 -37.28 4.14 0.43
C TYR A 191 -36.13 3.68 1.33
N HIS A 192 -35.04 3.17 0.71
CA HIS A 192 -33.85 2.71 1.41
C HIS A 192 -32.77 3.80 1.30
N SER A 193 -32.67 4.40 0.11
CA SER A 193 -31.61 5.35 -0.18
C SER A 193 -32.20 6.74 -0.47
N ALA A 194 -31.43 7.64 -1.10
CA ALA A 194 -31.86 9.04 -1.16
C ALA A 194 -32.72 9.37 -2.38
N PRO A 195 -33.74 10.28 -2.24
CA PRO A 195 -34.14 11.08 -1.08
C PRO A 195 -35.21 10.45 -0.22
N ASN A 196 -35.84 9.39 -0.72
CA ASN A 196 -37.03 8.90 -0.04
C ASN A 196 -36.80 7.99 1.17
N TRP A 197 -35.54 7.90 1.64
CA TRP A 197 -35.27 7.18 2.89
C TRP A 197 -36.06 7.77 4.06
N ARG A 198 -36.40 9.05 3.94
CA ARG A 198 -37.21 9.77 4.93
C ARG A 198 -38.70 9.34 4.96
N LEU A 199 -39.20 8.75 3.87
CA LEU A 199 -40.64 8.47 3.72
CA LEU A 199 -40.63 8.48 3.76
C LEU A 199 -40.95 7.05 4.20
N PRO A 200 -42.06 6.85 4.92
CA PRO A 200 -42.41 5.44 5.16
C PRO A 200 -42.77 4.72 3.83
N TYR A 201 -42.61 3.39 3.79
CA TYR A 201 -42.99 2.57 2.64
C TYR A 201 -44.49 2.72 2.35
N PRO A 202 -44.86 2.80 1.07
CA PRO A 202 -46.28 2.78 0.70
C PRO A 202 -46.92 1.48 1.23
N ASP A 203 -48.24 1.46 1.36
CA ASP A 203 -48.96 0.36 1.98
C ASP A 203 -48.61 -1.00 1.42
N LYS A 204 -48.62 -1.13 0.09
CA LYS A 204 -48.30 -2.42 -0.54
C LYS A 204 -46.90 -2.91 -0.20
N GLU A 205 -45.87 -2.07 -0.36
CA GLU A 205 -44.49 -2.43 -0.03
C GLU A 205 -44.34 -2.73 1.46
N ALA A 206 -45.09 -2.01 2.30
CA ALA A 206 -45.05 -2.23 3.75
C ALA A 206 -45.62 -3.59 4.17
N ALA A 207 -46.76 -3.97 3.60
CA ALA A 207 -47.37 -5.29 3.83
C ALA A 207 -46.48 -6.46 3.34
N GLN A 208 -45.82 -6.26 2.21
CA GLN A 208 -44.81 -7.24 1.76
C GLN A 208 -43.65 -7.37 2.76
N LEU A 209 -43.03 -6.24 3.15
CA LEU A 209 -41.95 -6.27 4.14
C LEU A 209 -42.36 -6.97 5.44
N GLN A 210 -43.58 -6.70 5.86
CA GLN A 210 -44.14 -7.30 7.06
C GLN A 210 -44.23 -8.84 6.92
N GLU A 211 -44.63 -9.29 5.74
CA GLU A 211 -44.66 -10.72 5.45
C GLU A 211 -43.22 -11.27 5.40
N LEU A 212 -42.27 -10.53 4.79
CA LEU A 212 -40.82 -10.92 4.81
C LEU A 212 -40.26 -11.11 6.23
N VAL A 213 -40.69 -10.27 7.17
CA VAL A 213 -40.30 -10.44 8.58
C VAL A 213 -40.93 -11.67 9.23
N ALA A 214 -42.22 -11.88 9.00
CA ALA A 214 -42.88 -13.03 9.62
C ALA A 214 -42.16 -14.31 9.13
N VAL A 215 -41.93 -14.39 7.83
CA VAL A 215 -41.25 -15.51 7.20
C VAL A 215 -39.82 -15.71 7.71
N ALA A 216 -39.06 -14.61 7.80
CA ALA A 216 -37.74 -14.64 8.39
C ALA A 216 -37.76 -15.20 9.82
N ASN A 217 -38.71 -14.74 10.65
CA ASN A 217 -38.78 -15.18 12.06
C ASN A 217 -39.05 -16.67 12.10
N GLU A 218 -39.91 -17.14 11.21
CA GLU A 218 -40.26 -18.59 11.17
C GLU A 218 -39.07 -19.49 10.80
N ASN A 219 -38.10 -18.89 10.09
CA ASN A 219 -36.88 -19.57 9.61
C ASN A 219 -35.63 -19.25 10.42
N GLU A 220 -35.82 -18.55 11.54
CA GLU A 220 -34.75 -18.19 12.47
C GLU A 220 -33.72 -17.24 11.88
N VAL A 221 -34.17 -16.38 10.96
CA VAL A 221 -33.31 -15.40 10.31
C VAL A 221 -33.64 -14.03 10.90
N ASP A 222 -32.61 -13.28 11.30
CA ASP A 222 -32.76 -11.87 11.62
C ASP A 222 -32.91 -11.08 10.32
N PHE A 223 -34.09 -10.48 10.14
CA PHE A 223 -34.31 -9.52 9.08
C PHE A 223 -33.71 -8.20 9.57
N VAL A 224 -32.64 -7.78 8.92
CA VAL A 224 -31.93 -6.55 9.26
C VAL A 224 -32.29 -5.44 8.22
N TRP A 225 -33.07 -4.43 8.65
CA TRP A 225 -33.46 -3.42 7.68
C TRP A 225 -32.42 -2.29 7.70
N ALA A 226 -31.77 -2.15 6.57
CA ALA A 226 -30.81 -1.05 6.40
C ALA A 226 -31.41 0.22 5.81
N ILE A 227 -30.75 1.37 6.08
CA ILE A 227 -31.09 2.68 5.54
C ILE A 227 -29.78 3.25 5.07
N HIS A 228 -29.88 4.10 4.05
CA HIS A 228 -28.75 4.59 3.32
C HIS A 228 -28.97 6.08 3.09
N PRO A 229 -28.77 6.90 4.16
CA PRO A 229 -29.14 8.30 4.15
C PRO A 229 -28.02 9.29 3.80
N GLY A 230 -26.80 8.79 3.63
CA GLY A 230 -25.63 9.68 3.68
C GLY A 230 -25.43 10.71 2.58
N GLN A 231 -25.95 10.47 1.37
CA GLN A 231 -25.76 11.40 0.25
C GLN A 231 -26.42 12.75 0.48
N ASP A 232 -27.52 12.81 1.22
CA ASP A 232 -28.19 14.09 1.43
C ASP A 232 -28.60 14.37 2.89
N ILE A 233 -28.10 13.58 3.83
CA ILE A 233 -28.36 13.84 5.25
C ILE A 233 -27.78 15.18 5.72
N LYS A 234 -28.57 15.92 6.48
CA LYS A 234 -28.10 17.09 7.21
C LYS A 234 -27.84 16.63 8.65
N TRP A 235 -26.72 17.08 9.22
CA TRP A 235 -26.41 16.82 10.62
C TRP A 235 -27.17 17.82 11.54
N ASN A 236 -28.50 17.72 11.50
CA ASN A 236 -29.42 18.54 12.30
C ASN A 236 -30.51 17.64 12.93
N LYS A 237 -31.34 18.21 13.80
CA LYS A 237 -32.38 17.47 14.48
C LYS A 237 -33.46 16.91 13.56
N GLU A 238 -33.86 17.69 12.56
CA GLU A 238 -34.91 17.25 11.64
C GLU A 238 -34.64 15.90 10.98
N ASP A 239 -33.43 15.73 10.44
CA ASP A 239 -33.09 14.50 9.73
C ASP A 239 -32.85 13.33 10.69
N ARG A 240 -32.26 13.62 11.85
CA ARG A 240 -32.07 12.61 12.89
C ARG A 240 -33.42 12.03 13.31
N ASP A 241 -34.39 12.91 13.61
CA ASP A 241 -35.74 12.48 13.99
C ASP A 241 -36.44 11.72 12.86
N LEU A 242 -36.24 12.19 11.62
CA LEU A 242 -36.83 11.54 10.45
C LEU A 242 -36.27 10.15 10.28
N LEU A 243 -34.98 10.00 10.52
CA LEU A 243 -34.36 8.68 10.48
C LEU A 243 -34.93 7.78 11.59
N LEU A 244 -35.00 8.30 12.82
CA LEU A 244 -35.59 7.50 13.91
C LEU A 244 -37.06 7.20 13.68
N ALA A 245 -37.81 8.16 13.14
CA ALA A 245 -39.22 7.94 12.80
C ALA A 245 -39.37 6.80 11.77
N LYS A 246 -38.46 6.72 10.81
CA LYS A 246 -38.45 5.62 9.83
C LYS A 246 -38.17 4.26 10.48
N PHE A 247 -37.14 4.20 11.32
CA PHE A 247 -36.84 3.00 12.10
C PHE A 247 -38.07 2.57 12.92
N GLU A 248 -38.74 3.55 13.55
CA GLU A 248 -39.98 3.26 14.26
C GLU A 248 -41.04 2.63 13.37
N LYS A 249 -41.25 3.18 12.17
CA LYS A 249 -42.23 2.58 11.24
CA LYS A 249 -42.21 2.59 11.22
C LYS A 249 -41.84 1.14 10.91
N MET A 250 -40.56 0.90 10.68
CA MET A 250 -40.09 -0.45 10.40
C MET A 250 -40.26 -1.40 11.58
N TYR A 251 -40.05 -0.88 12.78
CA TYR A 251 -40.29 -1.64 14.00
C TYR A 251 -41.78 -2.06 14.06
N GLN A 252 -42.69 -1.16 13.66
CA GLN A 252 -44.14 -1.51 13.67
C GLN A 252 -44.50 -2.63 12.70
N LEU A 253 -43.72 -2.72 11.62
CA LEU A 253 -43.81 -3.80 10.63
C LEU A 253 -43.13 -5.10 11.10
N GLY A 254 -42.47 -5.03 12.26
CA GLY A 254 -41.94 -6.22 12.94
C GLY A 254 -40.43 -6.34 12.85
N VAL A 255 -39.74 -5.37 12.23
CA VAL A 255 -38.26 -5.39 12.13
C VAL A 255 -37.61 -5.22 13.52
N ARG A 256 -36.57 -6.02 13.80
CA ARG A 256 -35.92 -6.02 15.12
C ARG A 256 -34.40 -5.93 15.06
N SER A 257 -33.85 -5.85 13.87
CA SER A 257 -32.42 -5.51 13.64
C SER A 257 -32.35 -4.40 12.61
N PHE A 258 -31.33 -3.55 12.69
CA PHE A 258 -31.30 -2.29 11.94
C PHE A 258 -29.89 -2.01 11.50
N ALA A 259 -29.73 -1.37 10.35
CA ALA A 259 -28.40 -0.94 9.88
C ALA A 259 -28.42 0.46 9.26
N VAL A 260 -27.31 1.16 9.37
CA VAL A 260 -27.18 2.46 8.71
C VAL A 260 -25.97 2.36 7.84
N PHE A 261 -26.17 2.57 6.53
CA PHE A 261 -25.10 2.44 5.53
C PHE A 261 -24.57 3.78 5.05
N PHE A 262 -23.25 4.00 5.11
CA PHE A 262 -22.61 5.21 4.56
C PHE A 262 -21.62 4.91 3.41
N ASP A 263 -21.94 3.90 2.63
CA ASP A 263 -21.06 3.49 1.52
C ASP A 263 -21.39 4.25 0.22
N ASP A 264 -20.38 4.56 -0.58
CA ASP A 264 -20.54 5.11 -1.95
C ASP A 264 -21.22 6.47 -1.97
N ILE A 265 -20.79 7.36 -1.07
CA ILE A 265 -21.32 8.71 -0.97
C ILE A 265 -20.19 9.75 -0.95
N SER A 266 -20.57 11.01 -1.16
CA SER A 266 -19.63 12.11 -1.02
C SER A 266 -20.32 13.21 -0.19
N GLY A 267 -19.53 14.20 0.22
CA GLY A 267 -20.06 15.34 0.95
C GLY A 267 -20.16 15.13 2.45
N GLU A 268 -20.94 15.99 3.09
CA GLU A 268 -21.01 16.08 4.56
C GLU A 268 -21.26 14.75 5.24
N GLY A 269 -22.09 13.92 4.61
CA GLY A 269 -22.44 12.59 5.12
C GLY A 269 -21.28 11.65 5.37
N THR A 270 -20.09 11.97 4.84
CA THR A 270 -18.88 11.16 5.07
C THR A 270 -18.13 11.48 6.38
N ASN A 271 -18.70 12.39 7.19
CA ASN A 271 -18.07 12.81 8.47
C ASN A 271 -18.14 11.66 9.49
N PRO A 272 -16.96 11.11 9.87
CA PRO A 272 -16.86 9.96 10.76
C PRO A 272 -17.37 10.25 12.20
N GLN A 273 -17.12 11.46 12.69
CA GLN A 273 -17.58 11.84 14.01
CA GLN A 273 -17.58 11.84 14.01
C GLN A 273 -19.10 11.93 14.06
N LYS A 274 -19.70 12.46 13.00
CA LYS A 274 -21.16 12.64 12.94
C LYS A 274 -21.86 11.32 12.75
N GLN A 275 -21.23 10.47 11.94
CA GLN A 275 -21.71 9.11 11.75
C GLN A 275 -21.79 8.34 13.08
N ALA A 276 -20.70 8.33 13.83
CA ALA A 276 -20.62 7.61 15.11
C ALA A 276 -21.64 8.15 16.12
N GLU A 277 -21.79 9.46 16.17
CA GLU A 277 -22.75 10.14 17.05
C GLU A 277 -24.20 9.75 16.73
N LEU A 278 -24.52 9.68 15.43
CA LEU A 278 -25.82 9.24 14.98
C LEU A 278 -26.06 7.77 15.37
N LEU A 279 -25.10 6.89 15.07
CA LEU A 279 -25.22 5.49 15.46
C LEU A 279 -25.34 5.30 16.98
N ASN A 280 -24.62 6.13 17.74
CA ASN A 280 -24.69 6.03 19.20
C ASN A 280 -26.01 6.52 19.74
N TYR A 281 -26.58 7.55 19.11
CA TYR A 281 -27.91 8.06 19.44
C TYR A 281 -28.95 6.97 19.17
N ILE A 282 -28.90 6.39 17.98
CA ILE A 282 -29.80 5.29 17.61
C ILE A 282 -29.64 4.19 18.64
N ASP A 283 -28.39 3.86 19.01
CA ASP A 283 -28.14 2.79 19.98
C ASP A 283 -28.82 3.13 21.31
N GLU A 284 -28.60 4.34 21.78
CA GLU A 284 -28.97 4.71 23.15
C GLU A 284 -30.44 5.06 23.30
N LYS A 285 -30.98 5.75 22.30
CA LYS A 285 -32.36 6.20 22.33
C LYS A 285 -33.38 5.25 21.68
N PHE A 286 -32.91 4.18 21.03
CA PHE A 286 -33.77 3.27 20.25
C PHE A 286 -33.35 1.80 20.50
N ALA A 287 -32.17 1.40 20.06
CA ALA A 287 -31.78 -0.03 20.20
C ALA A 287 -31.78 -0.54 21.69
N GLN A 288 -31.27 0.29 22.62
CA GLN A 288 -31.19 -0.10 24.04
CA GLN A 288 -31.18 -0.05 24.05
C GLN A 288 -32.46 0.30 24.80
N VAL A 289 -33.45 0.83 24.11
CA VAL A 289 -34.67 1.29 24.75
C VAL A 289 -35.87 0.37 24.44
N LYS A 290 -35.87 -0.26 23.27
CA LYS A 290 -36.88 -1.24 22.92
C LYS A 290 -36.68 -2.51 23.75
N PRO A 291 -37.74 -3.32 23.89
CA PRO A 291 -37.64 -4.56 24.66
C PRO A 291 -36.86 -5.69 23.97
N ASP A 292 -36.67 -5.61 22.65
CA ASP A 292 -36.32 -6.80 21.87
C ASP A 292 -35.55 -6.53 20.56
N ILE A 293 -34.77 -5.46 20.51
CA ILE A 293 -33.90 -5.26 19.35
C ILE A 293 -32.66 -6.15 19.43
N ASN A 294 -32.20 -6.62 18.26
CA ASN A 294 -31.09 -7.58 18.16
C ASN A 294 -29.76 -7.08 17.57
N GLN A 295 -29.63 -6.95 16.24
CA GLN A 295 -28.39 -6.43 15.64
C GLN A 295 -28.52 -4.93 15.40
N LEU A 296 -27.45 -4.19 15.67
CA LEU A 296 -27.28 -2.85 15.14
C LEU A 296 -25.91 -2.75 14.42
N VAL A 297 -25.97 -2.41 13.13
CA VAL A 297 -24.88 -2.58 12.18
C VAL A 297 -24.67 -1.29 11.41
N MET A 298 -23.42 -0.89 11.18
CA MET A 298 -23.17 0.16 10.19
C MET A 298 -22.14 -0.27 9.12
N CYS A 299 -22.20 0.33 7.93
CA CYS A 299 -21.09 0.11 6.99
C CYS A 299 -20.41 1.44 6.79
N PRO A 300 -19.07 1.46 6.75
CA PRO A 300 -18.41 2.77 6.65
C PRO A 300 -18.30 3.28 5.21
N THR A 301 -17.87 4.54 5.10
CA THR A 301 -17.51 5.20 3.85
C THR A 301 -16.16 4.66 3.33
N GLU A 302 -15.16 4.60 4.21
CA GLU A 302 -13.96 3.79 3.95
C GLU A 302 -14.21 2.29 4.29
N TYR A 303 -14.61 1.49 3.30
CA TYR A 303 -15.13 0.14 3.58
C TYR A 303 -14.24 -1.02 3.11
N ASN A 304 -13.06 -0.71 2.62
CA ASN A 304 -12.06 -1.68 2.17
C ASN A 304 -10.76 -0.91 2.30
N LYS A 305 -9.60 -1.57 2.31
CA LYS A 305 -8.29 -0.87 2.52
C LYS A 305 -7.87 0.12 1.43
N SER A 306 -8.14 -0.21 0.17
CA SER A 306 -7.70 0.64 -0.95
C SER A 306 -8.37 2.03 -0.94
N TRP A 307 -9.60 2.07 -0.44
CA TRP A 307 -10.38 3.30 -0.30
C TRP A 307 -10.28 3.93 1.10
N SER A 308 -9.24 3.54 1.83
CA SER A 308 -9.03 4.06 3.18
CA SER A 308 -9.01 4.06 3.18
C SER A 308 -7.79 4.93 3.14
N ASN A 309 -7.83 6.01 3.87
CA ASN A 309 -6.67 6.88 3.87
C ASN A 309 -5.75 6.48 5.04
N PRO A 310 -4.60 5.84 4.76
CA PRO A 310 -3.74 5.51 5.90
C PRO A 310 -3.41 6.72 6.78
N ASN A 311 -3.47 7.92 6.20
CA ASN A 311 -2.96 9.16 6.84
C ASN A 311 -4.09 10.08 7.30
N GLY A 312 -5.27 9.49 7.33
CA GLY A 312 -6.54 10.16 7.65
C GLY A 312 -7.16 9.59 8.91
N ASN A 313 -8.16 10.26 9.44
CA ASN A 313 -8.63 9.90 10.77
C ASN A 313 -9.92 9.14 10.76
N TYR A 314 -10.37 8.72 9.58
CA TYR A 314 -11.72 8.16 9.45
C TYR A 314 -11.96 6.86 10.26
N LEU A 315 -11.11 5.85 10.05
CA LEU A 315 -11.42 4.54 10.64
C LEU A 315 -11.07 4.52 12.12
N THR A 316 -10.01 5.25 12.51
CA THR A 316 -9.65 5.31 13.93
C THR A 316 -10.74 6.07 14.71
N THR A 317 -11.37 7.08 14.08
CA THR A 317 -12.42 7.87 14.73
C THR A 317 -13.66 7.01 14.93
N LEU A 318 -14.01 6.22 13.91
CA LEU A 318 -15.11 5.26 14.05
C LEU A 318 -14.84 4.19 15.12
N GLY A 319 -13.63 3.63 15.10
CA GLY A 319 -13.23 2.60 16.05
C GLY A 319 -13.29 3.07 17.50
N ASP A 320 -12.86 4.32 17.73
CA ASP A 320 -12.84 4.90 19.08
C ASP A 320 -14.21 5.33 19.58
N LYS A 321 -15.01 5.93 18.70
CA LYS A 321 -16.25 6.60 19.11
C LYS A 321 -17.49 5.73 19.05
N LEU A 322 -17.53 4.75 18.14
CA LEU A 322 -18.72 3.89 18.02
C LEU A 322 -18.83 2.99 19.24
N ASN A 323 -20.00 3.02 19.85
CA ASN A 323 -20.35 2.11 20.95
C ASN A 323 -20.01 0.66 20.61
N PRO A 324 -19.52 -0.12 21.60
CA PRO A 324 -18.88 -1.39 21.27
C PRO A 324 -19.82 -2.49 20.77
N SER A 325 -21.12 -2.34 21.00
CA SER A 325 -22.09 -3.31 20.51
C SER A 325 -22.45 -3.13 19.01
N ILE A 326 -22.02 -2.01 18.43
CA ILE A 326 -22.39 -1.68 17.06
C ILE A 326 -21.40 -2.40 16.14
N GLN A 327 -21.93 -3.12 15.15
CA GLN A 327 -21.07 -3.81 14.18
C GLN A 327 -20.57 -2.89 13.06
N ILE A 328 -19.36 -3.15 12.56
CA ILE A 328 -18.81 -2.34 11.47
C ILE A 328 -18.43 -3.28 10.32
N MET A 329 -18.97 -2.98 9.13
CA MET A 329 -18.81 -3.83 7.94
C MET A 329 -17.55 -3.44 7.17
N TRP A 330 -17.03 -4.37 6.33
CA TRP A 330 -15.72 -4.29 5.69
C TRP A 330 -15.70 -5.25 4.53
N THR A 331 -15.15 -4.81 3.39
CA THR A 331 -15.09 -5.67 2.18
C THR A 331 -13.73 -6.26 1.88
N GLY A 332 -12.72 -5.87 2.67
CA GLY A 332 -11.34 -6.39 2.48
C GLY A 332 -10.37 -5.34 2.01
N ASP A 333 -9.35 -5.76 1.25
CA ASP A 333 -8.24 -4.85 0.90
C ASP A 333 -8.64 -4.02 -0.31
N ARG A 334 -9.68 -4.48 -1.02
CA ARG A 334 -10.22 -3.80 -2.19
C ARG A 334 -11.75 -3.86 -2.12
N VAL A 335 -12.48 -3.15 -2.99
CA VAL A 335 -13.96 -3.17 -3.01
C VAL A 335 -14.43 -4.61 -3.21
N ILE A 336 -13.76 -5.28 -4.15
CA ILE A 336 -13.97 -6.70 -4.43
C ILE A 336 -12.68 -7.42 -4.08
N SER A 337 -12.72 -8.19 -3.00
CA SER A 337 -11.54 -8.92 -2.54
C SER A 337 -11.94 -10.11 -1.67
N ASP A 338 -11.02 -11.06 -1.52
CA ASP A 338 -11.23 -12.18 -0.59
C ASP A 338 -10.48 -11.85 0.72
N ILE A 339 -10.94 -12.44 1.81
CA ILE A 339 -10.52 -12.04 3.16
C ILE A 339 -9.29 -12.82 3.61
N THR A 340 -8.23 -12.09 3.95
CA THR A 340 -6.96 -12.72 4.39
C THR A 340 -6.72 -12.45 5.86
N ARG A 341 -5.85 -13.26 6.48
CA ARG A 341 -5.46 -13.01 7.87
C ARG A 341 -4.87 -11.62 8.05
N ASP A 342 -3.90 -11.26 7.21
CA ASP A 342 -3.30 -9.96 7.30
C ASP A 342 -4.30 -8.84 7.04
N GLY A 343 -5.22 -9.07 6.11
CA GLY A 343 -6.27 -8.10 5.77
C GLY A 343 -7.17 -7.80 6.95
N ILE A 344 -7.64 -8.84 7.62
CA ILE A 344 -8.59 -8.66 8.71
C ILE A 344 -7.93 -8.18 10.00
N SER A 345 -6.65 -8.54 10.20
CA SER A 345 -5.88 -8.01 11.33
C SER A 345 -5.72 -6.52 11.15
N TRP A 346 -5.49 -6.10 9.91
CA TRP A 346 -5.34 -4.68 9.59
C TRP A 346 -6.62 -3.87 9.94
N ILE A 347 -7.79 -4.32 9.52
CA ILE A 347 -9.02 -3.59 9.86
C ILE A 347 -9.31 -3.65 11.37
N ASN A 348 -9.20 -4.83 11.96
CA ASN A 348 -9.56 -5.00 13.37
C ASN A 348 -8.78 -4.10 14.32
N GLU A 349 -7.51 -3.84 14.01
CA GLU A 349 -6.68 -2.96 14.82
C GLU A 349 -7.17 -1.52 14.83
N ARG A 350 -7.81 -1.10 13.74
CA ARG A 350 -8.26 0.28 13.63
C ARG A 350 -9.66 0.47 14.18
N ILE A 351 -10.54 -0.51 13.95
CA ILE A 351 -11.92 -0.40 14.39
C ILE A 351 -12.15 -0.92 15.82
N LYS A 352 -11.12 -1.52 16.42
CA LYS A 352 -11.14 -2.01 17.81
C LYS A 352 -12.27 -3.03 18.11
N ARG A 353 -12.59 -3.86 17.12
CA ARG A 353 -13.61 -4.92 17.24
C ARG A 353 -13.43 -5.81 16.00
N PRO A 354 -14.00 -7.04 16.01
CA PRO A 354 -13.87 -7.91 14.84
C PRO A 354 -14.82 -7.42 13.75
N ALA A 355 -14.28 -7.22 12.56
CA ALA A 355 -15.01 -6.76 11.39
C ALA A 355 -16.17 -7.69 11.06
N TYR A 356 -17.22 -7.14 10.47
CA TYR A 356 -18.38 -7.89 10.08
C TYR A 356 -18.24 -7.88 8.56
N ILE A 357 -17.89 -9.03 7.97
CA ILE A 357 -17.49 -9.00 6.56
C ILE A 357 -18.65 -8.83 5.58
N TRP A 358 -18.51 -7.84 4.69
CA TRP A 358 -19.38 -7.70 3.50
C TRP A 358 -18.64 -8.30 2.30
N TRP A 359 -19.01 -9.51 1.87
CA TRP A 359 -18.18 -10.18 0.83
C TRP A 359 -18.79 -9.99 -0.56
N ASN A 360 -18.04 -9.32 -1.43
CA ASN A 360 -18.59 -8.97 -2.77
C ASN A 360 -18.47 -10.07 -3.82
N PHE A 361 -19.14 -11.20 -3.59
CA PHE A 361 -19.24 -12.29 -4.53
C PHE A 361 -20.49 -13.08 -4.04
N PRO A 362 -21.40 -13.45 -4.97
CA PRO A 362 -21.29 -13.35 -6.45
C PRO A 362 -21.79 -12.04 -7.15
N VAL A 363 -21.99 -10.95 -6.38
CA VAL A 363 -22.52 -9.70 -6.93
C VAL A 363 -21.87 -9.46 -8.30
N SER A 364 -22.70 -9.14 -9.29
CA SER A 364 -22.24 -8.98 -10.67
C SER A 364 -22.68 -7.61 -11.22
N ASP A 365 -22.97 -6.66 -10.32
CA ASP A 365 -23.61 -5.41 -10.72
C ASP A 365 -22.67 -4.47 -11.46
N TYR A 366 -21.38 -4.83 -11.53
CA TYR A 366 -20.38 -4.10 -12.31
C TYR A 366 -19.85 -4.91 -13.55
N VAL A 367 -20.37 -6.12 -13.72
CA VAL A 367 -20.09 -7.01 -14.88
C VAL A 367 -21.45 -7.67 -15.27
N ARG A 368 -22.44 -6.80 -15.53
CA ARG A 368 -23.85 -7.21 -15.63
C ARG A 368 -24.18 -8.18 -16.78
N ASP A 369 -23.30 -8.20 -17.76
CA ASP A 369 -23.30 -9.18 -18.89
C ASP A 369 -22.80 -10.63 -18.57
N HIS A 370 -22.30 -10.86 -17.34
CA HIS A 370 -21.78 -12.16 -16.87
C HIS A 370 -22.63 -12.77 -15.77
N LEU A 371 -22.78 -14.11 -15.79
CA LEU A 371 -23.32 -14.83 -14.64
C LEU A 371 -22.12 -15.38 -13.87
N LEU A 372 -22.16 -15.33 -12.55
CA LEU A 372 -21.02 -15.80 -11.75
C LEU A 372 -21.46 -16.99 -10.90
N LEU A 373 -21.29 -18.17 -11.47
CA LEU A 373 -21.93 -19.38 -10.97
C LEU A 373 -20.85 -20.33 -10.50
N GLY A 374 -19.60 -19.83 -10.42
CA GLY A 374 -18.53 -20.66 -9.88
C GLY A 374 -18.53 -20.95 -8.36
N PRO A 375 -17.59 -21.82 -7.93
CA PRO A 375 -17.47 -22.02 -6.48
C PRO A 375 -17.04 -20.76 -5.69
N VAL A 376 -17.32 -20.83 -4.40
CA VAL A 376 -16.86 -19.88 -3.38
C VAL A 376 -15.49 -20.33 -2.87
N TYR A 377 -14.48 -19.48 -3.06
CA TYR A 377 -13.12 -19.77 -2.58
C TYR A 377 -12.35 -18.47 -2.37
N GLY A 378 -11.17 -18.59 -1.76
CA GLY A 378 -10.26 -17.47 -1.64
C GLY A 378 -10.17 -16.90 -0.24
N ASN A 379 -11.17 -17.15 0.58
CA ASN A 379 -11.22 -16.65 1.96
C ASN A 379 -10.47 -17.57 2.91
N ASP A 380 -9.67 -16.98 3.79
CA ASP A 380 -8.83 -17.74 4.71
C ASP A 380 -9.78 -18.50 5.65
N THR A 381 -9.50 -19.78 5.84
CA THR A 381 -10.41 -20.66 6.57
C THR A 381 -10.06 -20.78 8.09
N THR A 382 -9.09 -19.99 8.56
CA THR A 382 -8.56 -20.09 9.94
C THR A 382 -8.81 -18.82 10.76
N ILE A 383 -9.67 -17.93 10.28
CA ILE A 383 -9.82 -16.59 10.87
C ILE A 383 -11.22 -16.31 11.43
N ALA A 384 -11.97 -17.37 11.73
CA ALA A 384 -13.33 -17.19 12.27
C ALA A 384 -13.32 -16.29 13.49
N LYS A 385 -12.33 -16.46 14.37
CA LYS A 385 -12.24 -15.64 15.57
C LYS A 385 -12.07 -14.14 15.29
N GLU A 386 -11.59 -13.78 14.10
CA GLU A 386 -11.33 -12.40 13.76
C GLU A 386 -12.54 -11.72 13.07
N MET A 387 -13.65 -12.43 12.91
CA MET A 387 -14.86 -11.80 12.33
C MET A 387 -16.12 -11.98 13.17
N SER A 388 -16.89 -10.89 13.26
CA SER A 388 -18.19 -10.86 13.93
C SER A 388 -19.30 -11.47 13.10
N GLY A 389 -19.16 -11.37 11.78
CA GLY A 389 -20.16 -11.75 10.82
C GLY A 389 -19.52 -11.94 9.46
N PHE A 390 -20.18 -12.71 8.62
CA PHE A 390 -19.75 -12.88 7.23
C PHE A 390 -21.01 -12.93 6.37
N VAL A 391 -21.17 -11.92 5.52
CA VAL A 391 -22.29 -11.89 4.57
C VAL A 391 -21.82 -11.71 3.12
N THR A 392 -22.50 -12.42 2.23
CA THR A 392 -22.33 -12.31 0.79
C THR A 392 -23.30 -11.30 0.15
N ASN A 393 -22.73 -10.42 -0.66
CA ASN A 393 -23.53 -9.56 -1.55
C ASN A 393 -23.69 -10.32 -2.89
N PRO A 394 -24.94 -10.77 -3.24
CA PRO A 394 -25.24 -11.67 -4.36
C PRO A 394 -25.60 -10.94 -5.68
N MET A 395 -25.94 -11.71 -6.72
CA MET A 395 -26.34 -11.11 -7.99
C MET A 395 -27.78 -10.67 -7.83
N GLU A 396 -28.20 -9.75 -8.71
CA GLU A 396 -29.59 -9.42 -8.90
C GLU A 396 -30.40 -10.67 -9.34
N HIS A 397 -29.68 -11.70 -9.80
CA HIS A 397 -30.28 -13.00 -10.14
C HIS A 397 -30.38 -13.84 -8.87
N ALA A 398 -31.58 -13.89 -8.27
CA ALA A 398 -31.74 -14.38 -6.87
C ALA A 398 -31.52 -15.88 -6.81
N GLU A 399 -32.20 -16.65 -7.67
CA GLU A 399 -32.05 -18.13 -7.68
C GLU A 399 -30.64 -18.57 -8.04
N SER A 400 -30.02 -17.87 -8.99
CA SER A 400 -28.68 -18.20 -9.50
C SER A 400 -27.60 -18.01 -8.42
N SER A 401 -27.89 -17.08 -7.51
CA SER A 401 -27.02 -16.74 -6.40
C SER A 401 -27.04 -17.86 -5.36
N LYS A 402 -28.02 -18.77 -5.41
CA LYS A 402 -28.06 -19.76 -4.36
C LYS A 402 -26.82 -20.68 -4.33
N ILE A 403 -26.17 -20.87 -5.47
CA ILE A 403 -24.94 -21.67 -5.50
C ILE A 403 -23.90 -21.08 -4.53
N ALA A 404 -23.62 -19.80 -4.69
CA ALA A 404 -22.67 -19.14 -3.82
C ALA A 404 -23.20 -19.01 -2.38
N ILE A 405 -24.49 -18.73 -2.25
CA ILE A 405 -25.07 -18.52 -0.92
C ILE A 405 -24.98 -19.79 -0.06
N TYR A 406 -25.33 -20.93 -0.64
CA TYR A 406 -25.21 -22.22 0.02
C TYR A 406 -23.79 -22.49 0.48
N SER A 407 -22.82 -22.14 -0.37
CA SER A 407 -21.40 -22.34 -0.10
C SER A 407 -20.92 -21.39 1.00
N VAL A 408 -21.34 -20.13 0.94
CA VAL A 408 -21.06 -19.18 2.02
C VAL A 408 -21.63 -19.66 3.36
N ALA A 409 -22.86 -20.23 3.36
CA ALA A 409 -23.47 -20.72 4.60
C ALA A 409 -22.59 -21.82 5.19
N SER A 410 -22.05 -22.66 4.30
CA SER A 410 -21.18 -23.76 4.69
C SER A 410 -19.85 -23.22 5.21
N TYR A 411 -19.26 -22.29 4.47
CA TYR A 411 -18.00 -21.68 4.90
C TYR A 411 -18.10 -20.98 6.26
N ALA A 412 -19.11 -20.12 6.44
CA ALA A 412 -19.18 -19.32 7.67
C ALA A 412 -19.53 -20.14 8.93
N TRP A 413 -20.22 -21.27 8.73
CA TRP A 413 -20.57 -22.20 9.83
C TRP A 413 -19.38 -23.04 10.29
N ASN A 414 -18.65 -23.62 9.33
CA ASN A 414 -17.49 -24.46 9.66
C ASN A 414 -16.36 -24.16 8.65
N PRO A 415 -15.64 -23.04 8.83
CA PRO A 415 -14.59 -22.69 7.90
C PRO A 415 -13.42 -23.68 7.94
N ALA A 416 -13.10 -24.25 9.12
CA ALA A 416 -12.03 -25.28 9.22
C ALA A 416 -12.23 -26.46 8.28
N LYS A 417 -13.47 -26.92 8.12
CA LYS A 417 -13.78 -28.04 7.22
C LYS A 417 -14.26 -27.59 5.83
N TYR A 418 -14.11 -26.32 5.49
CA TYR A 418 -14.70 -25.87 4.21
C TYR A 418 -14.02 -26.49 2.96
N ASP A 419 -14.84 -27.09 2.09
CA ASP A 419 -14.38 -27.83 0.93
C ASP A 419 -15.03 -27.16 -0.29
N THR A 420 -14.26 -26.31 -0.98
CA THR A 420 -14.74 -25.48 -2.11
C THR A 420 -15.58 -26.26 -3.11
N TRP A 421 -14.98 -27.28 -3.73
CA TRP A 421 -15.62 -27.96 -4.86
C TRP A 421 -16.76 -28.87 -4.42
N GLN A 422 -16.56 -29.64 -3.35
CA GLN A 422 -17.64 -30.49 -2.84
C GLN A 422 -18.90 -29.66 -2.51
N THR A 423 -18.70 -28.47 -1.93
CA THR A 423 -19.80 -27.60 -1.50
C THR A 423 -20.54 -27.05 -2.72
N TRP A 424 -19.76 -26.60 -3.73
CA TRP A 424 -20.34 -26.21 -5.05
C TRP A 424 -21.23 -27.30 -5.66
N LYS A 425 -20.70 -28.52 -5.76
CA LYS A 425 -21.47 -29.67 -6.25
C LYS A 425 -22.73 -29.92 -5.43
N ASP A 426 -22.59 -29.92 -4.10
CA ASP A 426 -23.73 -30.06 -3.17
C ASP A 426 -24.80 -29.01 -3.39
N ALA A 427 -24.38 -27.76 -3.55
CA ALA A 427 -25.30 -26.66 -3.79
C ALA A 427 -26.12 -26.87 -5.06
N ILE A 428 -25.44 -27.25 -6.14
CA ILE A 428 -26.09 -27.45 -7.44
C ILE A 428 -27.09 -28.60 -7.37
N ARG A 429 -26.70 -29.66 -6.69
CA ARG A 429 -27.55 -30.85 -6.56
C ARG A 429 -28.75 -30.57 -5.66
N THR A 430 -28.58 -29.60 -4.76
CA THR A 430 -29.64 -29.11 -3.88
C THR A 430 -30.60 -28.24 -4.66
N ILE A 431 -30.06 -27.37 -5.49
CA ILE A 431 -30.86 -26.39 -6.20
C ILE A 431 -31.57 -27.00 -7.39
N LEU A 432 -30.91 -27.89 -8.12
CA LEU A 432 -31.53 -28.49 -9.29
C LEU A 432 -31.28 -29.98 -9.38
N PRO A 433 -31.90 -30.78 -8.45
CA PRO A 433 -31.58 -32.20 -8.42
C PRO A 433 -31.89 -32.91 -9.73
N SER A 434 -32.91 -32.44 -10.47
CA SER A 434 -33.39 -33.11 -11.69
C SER A 434 -32.44 -32.96 -12.86
N ALA A 435 -31.54 -31.99 -12.80
CA ALA A 435 -30.59 -31.70 -13.86
C ALA A 435 -29.24 -31.19 -13.31
N ALA A 436 -28.75 -31.83 -12.25
CA ALA A 436 -27.55 -31.37 -11.54
C ALA A 436 -26.27 -31.32 -12.41
N GLU A 437 -26.07 -32.38 -13.20
CA GLU A 437 -24.89 -32.46 -14.05
C GLU A 437 -24.92 -31.42 -15.15
N GLU A 438 -26.11 -31.15 -15.68
CA GLU A 438 -26.31 -30.11 -16.70
C GLU A 438 -26.03 -28.73 -16.09
N LEU A 439 -26.52 -28.48 -14.86
CA LEU A 439 -26.23 -27.19 -14.21
C LEU A 439 -24.74 -27.08 -13.90
N GLU A 440 -24.14 -28.18 -13.42
CA GLU A 440 -22.67 -28.17 -13.26
C GLU A 440 -21.94 -27.78 -14.54
N CYS A 441 -22.30 -28.41 -15.67
CA CYS A 441 -21.64 -28.04 -16.94
C CYS A 441 -21.80 -26.53 -17.25
N PHE A 442 -23.03 -26.05 -17.16
CA PHE A 442 -23.26 -24.63 -17.41
C PHE A 442 -22.49 -23.73 -16.42
N ALA A 443 -22.56 -24.04 -15.13
CA ALA A 443 -21.86 -23.23 -14.09
C ALA A 443 -20.32 -23.21 -14.26
N MET A 444 -19.76 -24.35 -14.63
CA MET A 444 -18.29 -24.34 -14.68
CA MET A 444 -18.33 -24.49 -14.81
C MET A 444 -17.73 -23.52 -15.83
N HIS A 445 -18.51 -23.18 -16.83
CA HIS A 445 -18.06 -22.31 -17.92
C HIS A 445 -18.69 -20.91 -17.86
N ASN A 446 -19.20 -20.58 -16.68
CA ASN A 446 -19.80 -19.29 -16.42
C ASN A 446 -19.42 -18.87 -15.02
N SER A 447 -18.13 -18.58 -14.81
CA SER A 447 -17.58 -18.33 -13.48
CA SER A 447 -17.65 -18.24 -13.48
C SER A 447 -16.73 -17.04 -13.45
N ASP A 448 -16.02 -16.76 -14.52
CA ASP A 448 -15.12 -15.59 -14.56
C ASP A 448 -15.92 -14.32 -14.85
N LEU A 449 -15.31 -13.17 -14.59
CA LEU A 449 -16.00 -11.88 -14.68
C LEU A 449 -15.57 -11.08 -15.94
N GLY A 450 -14.52 -11.57 -16.61
CA GLY A 450 -13.86 -10.86 -17.70
C GLY A 450 -13.10 -9.69 -17.09
N PRO A 451 -12.37 -8.93 -17.93
CA PRO A 451 -11.62 -7.77 -17.45
C PRO A 451 -12.56 -6.75 -16.83
N ASN A 452 -12.13 -6.17 -15.71
CA ASN A 452 -12.96 -5.18 -15.05
C ASN A 452 -12.13 -4.22 -14.21
N GLY A 453 -12.75 -3.08 -13.90
CA GLY A 453 -12.10 -1.99 -13.16
C GLY A 453 -11.80 -2.32 -11.71
N HIS A 454 -12.46 -3.36 -11.19
CA HIS A 454 -12.15 -3.84 -9.83
C HIS A 454 -10.99 -4.85 -9.79
N GLY A 455 -10.58 -5.34 -10.95
CA GLY A 455 -9.45 -6.28 -11.09
C GLY A 455 -9.69 -7.65 -10.47
N TYR A 456 -10.95 -8.01 -10.26
CA TYR A 456 -11.30 -9.29 -9.62
C TYR A 456 -11.68 -10.30 -10.70
N ARG A 457 -11.07 -11.48 -10.61
CA ARG A 457 -11.24 -12.57 -11.59
C ARG A 457 -11.51 -13.88 -10.84
N ARG A 458 -12.10 -14.84 -11.55
CA ARG A 458 -12.31 -16.18 -11.03
C ARG A 458 -11.82 -17.14 -12.10
N GLU A 459 -11.36 -18.33 -11.67
CA GLU A 459 -11.06 -19.40 -12.63
C GLU A 459 -12.31 -19.88 -13.35
N GLU A 460 -12.12 -20.45 -14.54
CA GLU A 460 -13.21 -20.94 -15.35
C GLU A 460 -12.69 -21.99 -16.31
N SER A 461 -13.47 -23.04 -16.53
CA SER A 461 -13.22 -24.09 -17.55
C SER A 461 -11.87 -24.76 -17.31
N MET A 462 -11.50 -24.90 -16.03
CA MET A 462 -10.19 -25.42 -15.62
CA MET A 462 -10.14 -25.39 -15.71
C MET A 462 -9.86 -26.82 -16.16
N ASP A 463 -10.88 -27.69 -16.18
CA ASP A 463 -10.71 -29.08 -16.65
C ASP A 463 -10.16 -29.15 -18.10
N ILE A 464 -10.75 -28.38 -19.00
CA ILE A 464 -10.35 -28.43 -20.42
C ILE A 464 -9.24 -27.46 -20.81
N GLN A 465 -8.87 -26.56 -19.89
CA GLN A 465 -7.83 -25.53 -20.15
C GLN A 465 -6.48 -26.09 -20.70
N PRO A 466 -5.96 -27.21 -20.13
CA PRO A 466 -4.77 -27.85 -20.69
C PRO A 466 -4.91 -28.37 -22.13
N ALA A 467 -6.01 -29.07 -22.41
CA ALA A 467 -6.26 -29.59 -23.76
C ALA A 467 -6.46 -28.46 -24.77
N ALA A 468 -7.10 -27.38 -24.33
CA ALA A 468 -7.30 -26.18 -25.15
C ALA A 468 -5.95 -25.56 -25.45
N GLU A 469 -5.17 -25.36 -24.39
CA GLU A 469 -3.84 -24.75 -24.49
C GLU A 469 -2.88 -25.46 -25.46
N ARG A 470 -2.83 -26.78 -25.38
CA ARG A 470 -1.95 -27.58 -26.24
C ARG A 470 -2.41 -27.61 -27.70
N PHE A 471 -3.73 -27.64 -27.88
CA PHE A 471 -4.31 -27.68 -29.21
C PHE A 471 -3.94 -26.43 -29.98
N LEU A 472 -4.12 -25.27 -29.34
CA LEU A 472 -3.88 -23.97 -29.97
C LEU A 472 -2.37 -23.66 -30.14
N LYS A 473 -1.58 -24.07 -29.17
CA LYS A 473 -0.12 -24.00 -29.25
C LYS A 473 0.37 -24.74 -30.51
N ALA A 474 0.03 -26.01 -30.64
CA ALA A 474 0.39 -26.83 -31.80
C ALA A 474 -0.16 -26.25 -33.08
N PHE A 475 -1.49 -26.09 -33.13
CA PHE A 475 -2.20 -25.71 -34.33
C PHE A 475 -1.66 -24.42 -34.94
N LYS A 476 -1.34 -23.45 -34.12
CA LYS A 476 -0.84 -22.21 -34.60
C LYS A 476 0.55 -22.36 -35.22
N GLU A 477 1.11 -23.56 -35.16
CA GLU A 477 2.52 -23.83 -35.47
C GLU A 477 2.81 -24.96 -36.40
N GLY A 478 2.03 -25.25 -37.41
CA GLY A 478 2.37 -26.43 -38.19
C GLY A 478 2.88 -27.61 -37.54
N LYS A 479 2.50 -27.90 -36.24
CA LYS A 479 2.96 -29.05 -35.48
C LYS A 479 1.65 -29.52 -35.28
N ASN A 480 1.59 -30.83 -35.19
CA ASN A 480 0.37 -31.60 -35.21
C ASN A 480 -0.30 -31.79 -33.88
N TYR A 481 -1.57 -31.45 -33.78
CA TYR A 481 -2.21 -31.47 -32.48
C TYR A 481 -2.54 -32.86 -32.02
N ASP A 482 -2.67 -33.08 -30.72
CA ASP A 482 -3.01 -34.41 -30.18
C ASP A 482 -4.48 -34.71 -30.46
N LYS A 483 -4.73 -35.90 -30.99
CA LYS A 483 -6.08 -36.34 -31.31
C LYS A 483 -7.00 -36.33 -30.09
N ALA A 484 -6.47 -36.79 -28.96
CA ALA A 484 -7.24 -36.85 -27.71
C ALA A 484 -7.67 -35.46 -27.24
N ASP A 485 -6.85 -34.46 -27.54
CA ASP A 485 -7.19 -33.06 -27.25
C ASP A 485 -8.33 -32.52 -28.11
N PHE A 486 -8.28 -32.82 -29.41
CA PHE A 486 -9.37 -32.50 -30.36
C PHE A 486 -10.70 -33.17 -29.92
N GLU A 487 -10.61 -34.42 -29.49
CA GLU A 487 -11.78 -35.14 -28.94
C GLU A 487 -12.31 -34.54 -27.64
N THR A 488 -11.42 -34.15 -26.72
CA THR A 488 -11.85 -33.50 -25.49
C THR A 488 -12.70 -32.27 -25.79
N LEU A 489 -12.22 -31.44 -26.72
CA LEU A 489 -12.95 -30.21 -27.10
C LEU A 489 -14.30 -30.54 -27.73
N GLN A 490 -14.27 -31.49 -28.67
CA GLN A 490 -15.47 -32.06 -29.26
C GLN A 490 -16.49 -32.53 -28.20
N TYR A 491 -16.01 -33.31 -27.23
CA TYR A 491 -16.85 -33.83 -26.16
C TYR A 491 -17.45 -32.68 -25.34
N THR A 492 -16.62 -31.68 -25.06
CA THR A 492 -17.06 -30.51 -24.29
C THR A 492 -18.21 -29.81 -25.01
N PHE A 493 -18.04 -29.55 -26.32
CA PHE A 493 -19.10 -28.83 -27.03
C PHE A 493 -20.39 -29.63 -27.07
N GLU A 494 -20.28 -30.94 -27.25
CA GLU A 494 -21.43 -31.82 -27.23
C GLU A 494 -22.17 -31.75 -25.89
N ARG A 495 -21.42 -31.86 -24.79
CA ARG A 495 -21.98 -31.77 -23.45
C ARG A 495 -22.64 -30.40 -23.16
N MET A 496 -22.06 -29.32 -23.69
CA MET A 496 -22.61 -27.99 -23.53
C MET A 496 -24.02 -27.88 -24.16
N LYS A 497 -24.21 -28.44 -25.36
CA LYS A 497 -25.51 -28.40 -26.04
C LYS A 497 -26.57 -29.23 -25.31
N GLU A 498 -26.19 -30.41 -24.83
CA GLU A 498 -27.10 -31.23 -24.07
C GLU A 498 -27.58 -30.46 -22.84
N SER A 499 -26.63 -29.86 -22.11
CA SER A 499 -26.91 -29.09 -20.88
C SER A 499 -27.83 -27.90 -21.15
N ALA A 500 -27.50 -27.10 -22.18
CA ALA A 500 -28.34 -25.96 -22.55
C ALA A 500 -29.77 -26.37 -22.90
N ASP A 501 -29.93 -27.35 -23.78
CA ASP A 501 -31.27 -27.75 -24.15
C ASP A 501 -32.08 -28.31 -23.00
N ILE A 502 -31.45 -29.10 -22.12
CA ILE A 502 -32.13 -29.68 -20.94
C ILE A 502 -32.50 -28.60 -19.88
N LEU A 503 -31.59 -27.68 -19.62
CA LEU A 503 -31.88 -26.55 -18.71
C LEU A 503 -33.01 -25.65 -19.20
N LEU A 504 -33.02 -25.31 -20.49
CA LEU A 504 -34.10 -24.52 -21.08
C LEU A 504 -35.48 -25.06 -20.76
N MET A 505 -35.62 -26.39 -20.80
CA MET A 505 -36.90 -27.05 -20.66
C MET A 505 -37.22 -27.48 -19.23
N ASN A 506 -36.29 -27.26 -18.32
CA ASN A 506 -36.45 -27.72 -16.94
C ASN A 506 -37.51 -26.88 -16.22
N THR A 507 -38.44 -27.57 -15.58
CA THR A 507 -39.55 -26.93 -14.88
C THR A 507 -39.53 -27.21 -13.37
N GLU A 508 -38.41 -27.71 -12.87
CA GLU A 508 -38.27 -27.94 -11.43
C GLU A 508 -38.05 -26.62 -10.65
N ASN A 509 -37.21 -25.76 -11.22
CA ASN A 509 -36.98 -24.44 -10.67
C ASN A 509 -37.16 -23.46 -11.83
N LYS A 510 -38.41 -23.12 -12.12
CA LYS A 510 -38.72 -22.22 -13.22
C LYS A 510 -38.08 -20.84 -13.02
N PRO A 511 -38.11 -20.29 -11.78
CA PRO A 511 -37.47 -18.97 -11.60
C PRO A 511 -35.98 -18.97 -11.96
N LEU A 512 -35.27 -20.03 -11.62
CA LEU A 512 -33.86 -20.16 -12.01
C LEU A 512 -33.69 -20.16 -13.54
N ILE A 513 -34.49 -20.96 -14.24
CA ILE A 513 -34.41 -21.07 -15.69
C ILE A 513 -34.69 -19.71 -16.37
N VAL A 514 -35.71 -19.00 -15.89
CA VAL A 514 -36.01 -17.64 -16.34
C VAL A 514 -34.80 -16.71 -16.22
N GLU A 515 -34.15 -16.68 -15.05
CA GLU A 515 -32.93 -15.87 -14.83
C GLU A 515 -31.83 -16.18 -15.87
N ILE A 516 -31.54 -17.46 -16.06
CA ILE A 516 -30.37 -17.85 -16.87
C ILE A 516 -30.65 -18.02 -18.36
N THR A 517 -31.91 -18.00 -18.77
CA THR A 517 -32.25 -18.29 -20.17
C THR A 517 -31.44 -17.60 -21.28
N PRO A 518 -31.22 -16.27 -21.20
CA PRO A 518 -30.44 -15.64 -22.27
C PRO A 518 -29.00 -16.15 -22.33
N TRP A 519 -28.38 -16.42 -21.18
CA TRP A 519 -27.02 -16.98 -21.13
C TRP A 519 -27.02 -18.42 -21.63
N VAL A 520 -28.06 -19.17 -21.30
CA VAL A 520 -28.21 -20.52 -21.84
C VAL A 520 -28.25 -20.52 -23.39
N HIS A 521 -29.04 -19.64 -24.01
CA HIS A 521 -29.09 -19.54 -25.48
C HIS A 521 -27.70 -19.25 -26.04
N GLN A 522 -27.01 -18.31 -25.41
CA GLN A 522 -25.68 -17.90 -25.82
C GLN A 522 -24.60 -19.02 -25.68
N PHE A 523 -24.73 -19.79 -24.59
CA PHE A 523 -23.88 -20.93 -24.27
C PHE A 523 -24.06 -22.02 -25.34
N LYS A 524 -25.31 -22.34 -25.70
CA LYS A 524 -25.56 -23.27 -26.82
C LYS A 524 -24.95 -22.79 -28.14
N LEU A 525 -25.16 -21.52 -28.50
CA LEU A 525 -24.61 -20.99 -29.72
C LEU A 525 -23.09 -21.17 -29.72
N THR A 526 -22.48 -20.88 -28.58
CA THR A 526 -21.02 -21.02 -28.39
C THR A 526 -20.53 -22.43 -28.72
N ALA A 527 -21.23 -23.42 -28.17
CA ALA A 527 -20.89 -24.82 -28.38
C ALA A 527 -21.06 -25.22 -29.85
N GLU A 528 -22.15 -24.77 -30.47
CA GLU A 528 -22.37 -25.00 -31.90
C GLU A 528 -21.23 -24.39 -32.72
N MET A 529 -20.83 -23.17 -32.38
CA MET A 529 -19.74 -22.53 -33.10
C MET A 529 -18.44 -23.35 -32.93
N GLY A 530 -18.18 -23.79 -31.70
CA GLY A 530 -17.03 -24.65 -31.44
C GLY A 530 -16.99 -25.88 -32.35
N GLU A 531 -18.13 -26.54 -32.54
CA GLU A 531 -18.21 -27.77 -33.31
C GLU A 531 -17.94 -27.49 -34.77
N GLU A 532 -18.54 -26.42 -35.27
CA GLU A 532 -18.35 -26.01 -36.67
C GLU A 532 -16.91 -25.66 -36.94
N VAL A 533 -16.28 -24.91 -36.03
CA VAL A 533 -14.86 -24.53 -36.16
C VAL A 533 -13.92 -25.74 -36.16
N LEU A 534 -14.25 -26.76 -35.36
CA LEU A 534 -13.48 -28.01 -35.36
C LEU A 534 -13.64 -28.77 -36.66
N LYS A 535 -14.82 -28.67 -37.26
CA LYS A 535 -15.03 -29.25 -38.57
C LYS A 535 -14.18 -28.53 -39.64
N MET A 536 -13.99 -27.22 -39.46
CA MET A 536 -13.12 -26.46 -40.35
C MET A 536 -11.65 -26.92 -40.27
N VAL A 537 -11.18 -27.18 -39.05
CA VAL A 537 -9.83 -27.71 -38.80
C VAL A 537 -9.63 -29.07 -39.50
N GLU A 538 -10.61 -29.96 -39.40
CA GLU A 538 -10.60 -31.24 -40.12
C GLU A 538 -10.72 -31.07 -41.62
N GLY A 539 -11.56 -30.12 -42.02
CA GLY A 539 -11.74 -29.67 -43.41
C GLY A 539 -11.71 -30.37 -44.74
N ARG A 540 -12.31 -31.54 -44.83
CA ARG A 540 -12.10 -32.50 -45.91
C ARG A 540 -11.78 -31.92 -47.30
N ASN A 541 -12.55 -30.93 -47.74
CA ASN A 541 -12.34 -30.28 -49.03
C ASN A 541 -12.78 -28.82 -49.03
N GLU A 542 -12.49 -28.11 -50.12
CA GLU A 542 -12.75 -26.68 -50.23
C GLU A 542 -14.23 -26.33 -50.06
N SER A 543 -15.10 -27.10 -50.69
CA SER A 543 -16.54 -26.92 -50.61
C SER A 543 -17.08 -27.08 -49.18
N TYR A 544 -16.66 -28.15 -48.50
CA TYR A 544 -17.06 -28.38 -47.12
C TYR A 544 -16.55 -27.28 -46.19
N PHE A 545 -15.28 -26.90 -46.33
CA PHE A 545 -14.74 -25.80 -45.52
C PHE A 545 -15.59 -24.53 -45.64
N LEU A 546 -16.02 -24.21 -46.87
CA LEU A 546 -16.76 -22.98 -47.10
C LEU A 546 -18.14 -23.05 -46.49
N ARG A 547 -18.73 -24.24 -46.45
CA ARG A 547 -20.04 -24.42 -45.82
C ARG A 547 -19.93 -24.22 -44.31
N LYS A 548 -18.89 -24.78 -43.72
CA LYS A 548 -18.68 -24.64 -42.28
C LYS A 548 -18.38 -23.19 -41.92
N TYR A 549 -17.56 -22.54 -42.72
CA TYR A 549 -17.23 -21.12 -42.57
C TYR A 549 -18.44 -20.20 -42.59
N ASN A 550 -19.32 -20.41 -43.57
CA ASN A 550 -20.58 -19.66 -43.67
C ASN A 550 -21.53 -19.93 -42.49
N HIS A 551 -21.57 -21.19 -42.02
CA HIS A 551 -22.32 -21.51 -40.80
C HIS A 551 -21.78 -20.78 -39.56
N VAL A 552 -20.46 -20.78 -39.37
CA VAL A 552 -19.83 -20.04 -38.29
C VAL A 552 -20.21 -18.57 -38.34
N LYS A 553 -20.08 -17.95 -39.52
CA LYS A 553 -20.44 -16.54 -39.73
C LYS A 553 -21.88 -16.26 -39.25
N ALA A 554 -22.80 -17.17 -39.58
CA ALA A 554 -24.21 -17.02 -39.20
C ALA A 554 -24.40 -17.20 -37.69
N LEU A 555 -23.66 -18.14 -37.10
CA LEU A 555 -23.63 -18.30 -35.65
C LEU A 555 -23.09 -17.04 -34.92
N GLN A 556 -22.04 -16.42 -35.46
CA GLN A 556 -21.54 -15.14 -34.93
C GLN A 556 -22.65 -14.07 -34.94
N GLN A 557 -23.37 -13.99 -36.05
CA GLN A 557 -24.47 -13.04 -36.14
C GLN A 557 -25.53 -13.32 -35.12
N GLN A 558 -25.83 -14.61 -34.89
CA GLN A 558 -26.83 -14.93 -33.87
C GLN A 558 -26.44 -14.53 -32.46
N MET A 559 -25.17 -14.74 -32.12
CA MET A 559 -24.65 -14.33 -30.82
C MET A 559 -24.71 -12.81 -30.64
N PHE A 560 -24.41 -12.08 -31.72
CA PHE A 560 -24.56 -10.62 -31.75
C PHE A 560 -26.01 -10.23 -31.49
N TYR A 561 -26.97 -10.92 -32.12
CA TYR A 561 -28.43 -10.68 -31.90
CA TYR A 561 -28.35 -10.56 -31.87
C TYR A 561 -28.81 -10.87 -30.44
N ILE A 562 -28.32 -11.94 -29.83
CA ILE A 562 -28.62 -12.14 -28.40
C ILE A 562 -28.05 -11.01 -27.53
N ASP A 563 -26.81 -10.59 -27.85
CA ASP A 563 -26.04 -9.63 -27.09
C ASP A 563 -26.67 -8.25 -27.20
N GLN A 564 -27.46 -8.03 -28.25
CA GLN A 564 -28.05 -6.73 -28.52
C GLN A 564 -29.50 -6.62 -28.09
N THR A 565 -30.13 -7.76 -27.85
CA THR A 565 -31.56 -7.77 -27.52
C THR A 565 -31.88 -8.24 -26.10
N SER A 566 -30.98 -9.04 -25.50
CA SER A 566 -31.15 -9.50 -24.11
C SER A 566 -30.35 -8.68 -23.11
N ASN A 567 -30.92 -8.52 -21.92
CA ASN A 567 -30.24 -7.91 -20.79
C ASN A 567 -29.67 -6.55 -21.18
N GLN A 568 -30.53 -5.71 -21.74
CA GLN A 568 -30.09 -4.41 -22.24
C GLN A 568 -30.14 -3.38 -21.12
N ASN A 569 -29.25 -3.54 -20.15
CA ASN A 569 -29.07 -2.60 -19.04
C ASN A 569 -28.16 -1.43 -19.45
N PRO A 570 -28.20 -0.31 -18.69
CA PRO A 570 -27.44 0.87 -19.09
C PRO A 570 -25.93 0.71 -18.98
N TYR A 571 -25.47 -0.30 -18.23
CA TYR A 571 -24.08 -0.31 -17.77
C TYR A 571 -23.19 -1.34 -18.48
N GLN A 572 -23.56 -2.62 -18.44
CA GLN A 572 -22.89 -3.66 -19.22
C GLN A 572 -23.96 -4.48 -19.93
N PRO A 573 -24.54 -3.94 -21.02
CA PRO A 573 -25.64 -4.59 -21.70
C PRO A 573 -25.19 -5.87 -22.39
N GLY A 574 -26.10 -6.83 -22.51
CA GLY A 574 -25.85 -8.03 -23.29
C GLY A 574 -25.53 -9.30 -22.50
N VAL A 575 -25.00 -10.28 -23.22
CA VAL A 575 -24.86 -11.64 -22.67
C VAL A 575 -23.49 -12.22 -23.08
N LYS A 576 -22.61 -12.43 -22.11
CA LYS A 576 -21.33 -13.07 -22.35
C LYS A 576 -21.30 -14.41 -21.59
N THR A 577 -20.67 -15.41 -22.20
CA THR A 577 -20.63 -16.74 -21.61
C THR A 577 -19.32 -17.45 -22.02
N ALA A 578 -18.83 -18.32 -21.15
CA ALA A 578 -17.64 -19.16 -21.46
C ALA A 578 -16.51 -18.28 -21.97
N THR A 579 -16.26 -17.17 -21.29
CA THR A 579 -15.39 -16.11 -21.84
C THR A 579 -13.90 -16.28 -21.61
N ARG A 580 -13.52 -17.04 -20.58
CA ARG A 580 -12.13 -17.11 -20.17
C ARG A 580 -11.27 -18.02 -21.07
N VAL A 581 -11.82 -19.18 -21.39
CA VAL A 581 -11.09 -20.23 -22.10
C VAL A 581 -11.78 -20.63 -23.40
N ILE A 582 -13.08 -20.95 -23.34
CA ILE A 582 -13.73 -21.57 -24.49
C ILE A 582 -13.93 -20.61 -25.68
N LYS A 583 -14.47 -19.41 -25.46
CA LYS A 583 -14.71 -18.49 -26.60
C LYS A 583 -13.38 -18.04 -27.23
N PRO A 584 -12.37 -17.69 -26.41
CA PRO A 584 -11.07 -17.35 -27.01
C PRO A 584 -10.49 -18.47 -27.86
N LEU A 585 -10.49 -19.69 -27.35
CA LEU A 585 -10.03 -20.84 -28.14
C LEU A 585 -10.75 -20.96 -29.49
N ILE A 586 -12.09 -20.85 -29.47
CA ILE A 586 -12.91 -20.93 -30.69
C ILE A 586 -12.54 -19.80 -31.64
N ASP A 587 -12.45 -18.57 -31.12
CA ASP A 587 -12.18 -17.40 -31.94
C ASP A 587 -10.80 -17.49 -32.58
N ARG A 588 -9.81 -17.92 -31.80
CA ARG A 588 -8.42 -18.02 -32.28
C ARG A 588 -8.24 -19.13 -33.30
N THR A 589 -8.88 -20.27 -33.04
CA THR A 589 -8.87 -21.40 -33.95
C THR A 589 -9.49 -20.97 -35.28
N PHE A 590 -10.60 -20.24 -35.22
CA PHE A 590 -11.26 -19.74 -36.42
C PHE A 590 -10.34 -18.84 -37.24
N ALA A 591 -9.76 -17.83 -36.60
CA ALA A 591 -8.85 -16.89 -37.26
C ALA A 591 -7.67 -17.62 -37.92
N THR A 592 -7.13 -18.61 -37.21
CA THR A 592 -6.02 -19.42 -37.70
C THR A 592 -6.37 -20.24 -38.95
N VAL A 593 -7.47 -21.02 -38.90
CA VAL A 593 -7.81 -21.86 -40.06
C VAL A 593 -8.16 -21.03 -41.28
N VAL A 594 -8.75 -19.86 -41.07
CA VAL A 594 -9.13 -18.94 -42.16
C VAL A 594 -7.86 -18.40 -42.81
N LYS A 595 -6.89 -18.02 -41.98
CA LYS A 595 -5.56 -17.66 -42.43
C LYS A 595 -4.96 -18.77 -43.30
N PHE A 596 -4.94 -20.00 -42.79
CA PHE A 596 -4.35 -21.12 -43.53
C PHE A 596 -5.06 -21.37 -44.87
N PHE A 597 -6.40 -21.29 -44.86
CA PHE A 597 -7.22 -21.47 -46.08
C PHE A 597 -6.91 -20.39 -47.12
N ASN A 598 -6.91 -19.13 -46.70
CA ASN A 598 -6.53 -18.00 -47.56
C ASN A 598 -5.15 -18.15 -48.21
N GLN A 599 -4.17 -18.65 -47.43
CA GLN A 599 -2.83 -18.94 -47.94
C GLN A 599 -2.85 -20.05 -48.98
N LYS A 600 -3.49 -21.15 -48.61
CA LYS A 600 -3.50 -22.35 -49.45
C LYS A 600 -4.29 -22.12 -50.73
N PHE A 601 -5.40 -21.39 -50.63
CA PHE A 601 -6.26 -21.23 -51.81
C PHE A 601 -6.21 -19.84 -52.42
N ASN A 602 -5.22 -19.05 -52.00
CA ASN A 602 -5.06 -17.67 -52.49
C ASN A 602 -6.37 -16.90 -52.37
N ALA A 603 -7.04 -17.08 -51.24
CA ALA A 603 -8.37 -16.50 -51.00
C ALA A 603 -8.31 -15.32 -50.03
N HIS A 604 -9.46 -14.69 -49.83
CA HIS A 604 -9.58 -13.52 -48.98
C HIS A 604 -10.82 -13.59 -48.08
N LEU A 605 -11.02 -14.74 -47.44
CA LEU A 605 -12.09 -14.85 -46.47
C LEU A 605 -11.76 -13.95 -45.28
N ASP A 606 -12.79 -13.27 -44.80
CA ASP A 606 -12.78 -12.47 -43.58
C ASP A 606 -12.57 -13.34 -42.34
N ALA A 607 -11.52 -13.03 -41.57
CA ALA A 607 -11.13 -13.81 -40.38
C ALA A 607 -11.64 -13.24 -39.06
N THR A 608 -12.47 -12.18 -39.14
CA THR A 608 -12.86 -11.48 -37.92
C THR A 608 -13.88 -12.31 -37.16
N THR A 609 -13.91 -12.20 -35.84
CA THR A 609 -14.60 -13.21 -35.02
C THR A 609 -15.91 -12.77 -34.35
N ASP A 610 -16.08 -11.46 -34.20
CA ASP A 610 -17.32 -10.95 -33.65
C ASP A 610 -18.05 -10.29 -34.81
N TYR A 611 -19.36 -10.59 -34.93
CA TYR A 611 -20.18 -9.96 -35.96
C TYR A 611 -20.34 -8.47 -35.66
N MET A 612 -20.17 -7.66 -36.70
CA MET A 612 -20.39 -6.21 -36.61
C MET A 612 -21.05 -5.73 -37.91
N PRO A 613 -22.29 -5.21 -37.83
CA PRO A 613 -23.03 -4.78 -39.03
C PRO A 613 -22.53 -3.46 -39.62
N HIS A 614 -21.88 -2.63 -38.80
CA HIS A 614 -21.33 -1.35 -39.23
C HIS A 614 -19.86 -1.54 -39.58
N LYS A 615 -19.30 -0.63 -40.39
CA LYS A 615 -17.90 -0.75 -40.83
C LYS A 615 -17.01 0.43 -40.38
N MET A 616 -15.73 0.17 -40.27
CA MET A 616 -14.73 1.20 -39.97
C MET A 616 -13.38 0.87 -40.63
N LEU A 626 -8.63 -1.96 -34.77
CA LEU A 626 -9.49 -1.75 -33.61
C LEU A 626 -10.97 -2.06 -33.90
N PRO A 627 -11.57 -3.01 -33.15
CA PRO A 627 -12.96 -3.37 -33.40
C PRO A 627 -13.95 -2.24 -33.04
N LEU A 628 -14.97 -2.06 -33.88
CA LEU A 628 -16.15 -1.30 -33.49
C LEU A 628 -16.95 -2.12 -32.49
N GLN A 629 -17.78 -1.46 -31.71
CA GLN A 629 -18.74 -2.13 -30.86
C GLN A 629 -20.05 -1.40 -30.85
N VAL A 630 -21.10 -2.14 -30.57
CA VAL A 630 -22.43 -1.62 -30.44
C VAL A 630 -22.87 -1.83 -29.01
N LYS A 631 -23.28 -0.76 -28.36
CA LYS A 631 -23.87 -0.85 -27.06
C LYS A 631 -25.12 0.00 -27.03
N ALA A 632 -26.26 -0.63 -26.93
CA ALA A 632 -27.52 0.09 -27.03
C ALA A 632 -27.52 0.92 -28.29
N ASN A 633 -27.78 2.20 -28.16
CA ASN A 633 -27.80 3.05 -29.33
C ASN A 633 -26.51 3.79 -29.54
N ARG A 634 -25.43 3.24 -29.07
CA ARG A 634 -24.12 3.80 -29.30
C ARG A 634 -23.33 2.91 -30.21
N VAL A 635 -22.57 3.52 -31.09
CA VAL A 635 -21.60 2.83 -31.96
C VAL A 635 -20.20 3.41 -31.70
N LEU A 636 -19.33 2.58 -31.12
CA LEU A 636 -18.06 3.06 -30.59
C LEU A 636 -16.86 2.31 -31.16
N ILE A 637 -15.72 2.99 -31.25
CA ILE A 637 -14.45 2.34 -31.56
C ILE A 637 -13.84 1.88 -30.23
N SER A 638 -13.38 0.64 -30.20
CA SER A 638 -12.67 0.14 -29.02
C SER A 638 -11.53 1.09 -28.60
N PRO A 639 -11.58 1.60 -27.35
CA PRO A 639 -10.58 2.56 -26.84
C PRO A 639 -9.14 2.09 -27.02
N VAL A 652 -10.85 6.58 -38.27
CA VAL A 652 -10.80 7.32 -39.53
C VAL A 652 -12.23 7.58 -40.00
N GLU A 653 -12.87 6.56 -40.55
CA GLU A 653 -14.24 6.66 -41.04
C GLU A 653 -15.08 5.47 -40.61
N ILE A 654 -16.25 5.77 -40.04
CA ILE A 654 -17.25 4.76 -39.66
C ILE A 654 -18.42 4.84 -40.64
N GLU A 655 -18.93 3.69 -41.06
CA GLU A 655 -20.08 3.62 -41.96
C GLU A 655 -21.14 2.66 -41.43
N LEU A 656 -22.27 3.23 -41.04
CA LEU A 656 -23.40 2.48 -40.49
C LEU A 656 -24.15 1.71 -41.59
N ASP A 657 -24.79 0.61 -41.17
CA ASP A 657 -25.55 -0.26 -42.07
C ASP A 657 -26.80 0.41 -42.66
N ALA A 658 -27.14 1.60 -42.15
CA ALA A 658 -28.29 2.37 -42.62
C ALA A 658 -28.14 3.85 -42.26
N ILE A 659 -29.10 4.66 -42.70
CA ILE A 659 -29.21 6.06 -42.27
C ILE A 659 -30.04 6.10 -40.98
N TYR A 660 -29.47 6.70 -39.92
CA TYR A 660 -30.18 6.88 -38.64
C TYR A 660 -30.23 8.36 -38.30
N PRO A 661 -31.21 8.78 -37.46
CA PRO A 661 -31.09 10.10 -36.86
C PRO A 661 -29.93 10.09 -35.88
N GLY A 662 -28.98 11.00 -36.05
CA GLY A 662 -27.85 11.12 -35.14
C GLY A 662 -28.25 11.89 -33.89
N GLU A 663 -27.72 11.47 -32.75
CA GLU A 663 -28.00 12.13 -31.47
C GLU A 663 -26.85 13.04 -31.07
N ASN A 664 -25.64 12.47 -31.00
CA ASN A 664 -24.42 13.19 -30.67
C ASN A 664 -23.17 12.35 -30.90
N ILE A 665 -22.00 13.00 -30.86
CA ILE A 665 -20.70 12.32 -30.94
C ILE A 665 -19.89 12.73 -29.72
N GLN A 666 -19.15 11.78 -29.17
CA GLN A 666 -18.25 12.03 -28.04
C GLN A 666 -16.87 11.42 -28.30
N ILE A 667 -15.87 12.30 -28.41
CA ILE A 667 -14.49 11.88 -28.66
C ILE A 667 -13.61 12.29 -27.47
N ASN A 668 -12.67 11.43 -27.10
CA ASN A 668 -11.73 11.73 -26.03
C ASN A 668 -10.32 11.29 -26.37
N PHE A 669 -9.42 12.26 -26.47
CA PHE A 669 -8.01 12.01 -26.77
C PHE A 669 -7.16 12.07 -25.50
N ARG A 700 -12.85 16.07 -23.13
CA ARG A 700 -14.08 15.43 -23.58
C ARG A 700 -14.81 16.26 -24.66
N LEU A 701 -14.59 15.88 -25.92
CA LEU A 701 -15.22 16.54 -27.07
C LEU A 701 -16.63 15.99 -27.29
N SER A 702 -17.56 16.86 -27.68
CA SER A 702 -18.95 16.47 -27.98
C SER A 702 -19.71 17.44 -28.89
N ALA A 703 -20.58 16.90 -29.73
CA ALA A 703 -21.46 17.72 -30.58
C ALA A 703 -22.83 17.06 -30.77
N GLY A 704 -23.89 17.72 -30.29
CA GLY A 704 -25.26 17.24 -30.49
C GLY A 704 -25.63 17.29 -31.96
N LEU A 705 -26.10 16.17 -32.49
CA LEU A 705 -26.33 16.05 -33.93
C LEU A 705 -27.70 16.58 -34.39
N GLN A 706 -28.57 16.91 -33.42
CA GLN A 706 -29.90 17.49 -33.68
C GLN A 706 -30.77 16.66 -34.63
N LYS A 707 -30.72 15.34 -34.45
CA LYS A 707 -31.46 14.36 -35.27
C LYS A 707 -31.08 14.35 -36.76
N ALA A 708 -29.95 14.96 -37.12
CA ALA A 708 -29.52 15.00 -38.52
C ALA A 708 -29.35 13.58 -39.04
N PRO A 709 -29.84 13.29 -40.27
CA PRO A 709 -29.62 11.95 -40.84
C PRO A 709 -28.12 11.65 -41.00
N VAL A 710 -27.67 10.52 -40.47
CA VAL A 710 -26.26 10.09 -40.56
C VAL A 710 -26.12 8.62 -40.98
N LYS A 711 -25.16 8.38 -41.88
CA LYS A 711 -24.71 7.04 -42.25
C LYS A 711 -23.19 6.97 -42.11
N PHE A 712 -22.51 8.03 -42.55
CA PHE A 712 -21.05 8.10 -42.51
C PHE A 712 -20.56 9.11 -41.46
N VAL A 713 -19.56 8.72 -40.66
CA VAL A 713 -18.88 9.63 -39.73
C VAL A 713 -17.38 9.48 -39.95
N ARG A 714 -16.73 10.59 -40.28
CA ARG A 714 -15.27 10.61 -40.53
C ARG A 714 -14.60 11.70 -39.69
N PHE A 715 -13.45 11.38 -39.11
CA PHE A 715 -12.64 12.35 -38.37
C PHE A 715 -11.23 12.43 -38.93
N GLN A 729 -11.97 7.77 -26.04
CA GLN A 729 -13.25 7.36 -26.61
C GLN A 729 -13.56 7.98 -27.98
N PHE A 730 -14.46 7.33 -28.70
CA PHE A 730 -14.97 7.78 -29.97
C PHE A 730 -16.33 7.08 -30.09
N VAL A 731 -17.37 7.74 -29.57
CA VAL A 731 -18.69 7.14 -29.47
C VAL A 731 -19.73 7.95 -30.24
N LEU A 732 -20.47 7.28 -31.13
CA LEU A 732 -21.60 7.89 -31.81
C LEU A 732 -22.92 7.36 -31.22
N THR A 733 -23.78 8.27 -30.79
CA THR A 733 -25.13 7.90 -30.35
C THR A 733 -26.13 8.23 -31.45
N ILE A 734 -27.03 7.27 -31.70
CA ILE A 734 -28.06 7.39 -32.73
C ILE A 734 -29.43 7.13 -32.10
N GLU A 735 -30.47 7.46 -32.83
CA GLU A 735 -31.80 7.09 -32.45
C GLU A 735 -32.05 5.69 -32.93
N LYS A 736 -32.23 4.81 -31.99
CA LYS A 736 -32.38 3.38 -32.19
C LYS A 736 -32.95 2.83 -30.88
N SER B 25 41.82 15.08 -8.40
CA SER B 25 40.65 14.88 -9.28
C SER B 25 40.16 16.22 -9.88
N LEU B 26 39.14 16.16 -10.70
CA LEU B 26 38.17 17.24 -10.76
C LEU B 26 36.90 16.66 -10.15
N GLN B 27 36.20 17.45 -9.34
CA GLN B 27 34.92 17.06 -8.71
C GLN B 27 33.84 18.17 -8.83
N PRO B 28 32.72 17.89 -9.52
CA PRO B 28 32.39 16.63 -10.19
C PRO B 28 33.29 16.45 -11.39
N PRO B 29 33.53 15.18 -11.80
CA PRO B 29 34.33 14.91 -13.00
C PRO B 29 33.60 15.47 -14.25
N PRO B 30 34.31 16.20 -15.12
CA PRO B 30 33.59 16.75 -16.30
C PRO B 30 33.13 15.67 -17.27
N GLN B 31 32.09 15.98 -18.06
CA GLN B 31 31.60 15.11 -19.11
C GLN B 31 32.73 14.70 -20.07
N GLN B 32 33.51 15.66 -20.55
CA GLN B 32 34.62 15.34 -21.44
C GLN B 32 35.85 16.12 -21.04
N LEU B 33 36.98 15.41 -20.96
CA LEU B 33 38.25 16.00 -20.58
C LEU B 33 39.40 15.50 -21.49
N ILE B 34 40.09 16.44 -22.14
CA ILE B 34 41.31 16.11 -22.88
C ILE B 34 42.47 16.88 -22.25
N VAL B 35 43.44 16.15 -21.69
CA VAL B 35 44.65 16.74 -21.09
C VAL B 35 45.86 16.44 -21.96
N GLN B 36 46.57 17.48 -22.41
CA GLN B 36 47.87 17.28 -23.07
C GLN B 36 48.89 17.26 -21.94
N ASN B 37 50.03 16.64 -22.16
CA ASN B 37 51.02 16.63 -21.09
C ASN B 37 51.95 17.84 -21.15
N LYS B 38 51.33 19.01 -20.94
CA LYS B 38 52.00 20.31 -20.91
C LYS B 38 51.42 21.11 -19.76
N THR B 39 52.26 21.93 -19.15
CA THR B 39 51.78 22.85 -18.13
C THR B 39 52.15 24.29 -18.50
N ILE B 40 51.24 25.22 -18.23
CA ILE B 40 51.58 26.63 -18.38
C ILE B 40 51.41 27.36 -17.06
N ASP B 41 52.18 28.42 -16.88
CA ASP B 41 51.99 29.27 -15.73
C ASP B 41 50.76 30.13 -15.93
N LEU B 42 50.05 30.38 -14.86
CA LEU B 42 49.03 31.36 -14.86
C LEU B 42 49.73 32.66 -15.13
N PRO B 43 49.30 33.34 -16.18
CA PRO B 43 50.00 34.47 -16.77
C PRO B 43 50.26 35.57 -15.80
N ALA B 44 51.51 36.02 -15.78
CA ALA B 44 51.90 37.22 -15.07
C ALA B 44 51.31 38.38 -15.77
N VAL B 45 51.29 38.41 -17.09
CA VAL B 45 50.62 39.56 -17.60
C VAL B 45 49.50 39.07 -18.46
N TYR B 46 48.29 39.45 -18.13
CA TYR B 46 47.13 38.96 -18.87
C TYR B 46 46.28 40.07 -19.46
N GLN B 47 45.54 39.71 -20.50
CA GLN B 47 44.58 40.60 -21.13
C GLN B 47 43.20 39.99 -20.98
N LEU B 48 42.34 40.65 -20.23
CA LEU B 48 41.00 40.12 -19.98
C LEU B 48 40.02 40.58 -21.02
N ASN B 49 39.37 39.61 -21.64
CA ASN B 49 38.38 39.83 -22.66
C ASN B 49 37.00 39.32 -22.22
N GLY B 50 36.06 40.24 -22.00
CA GLY B 50 34.68 39.92 -21.62
C GLY B 50 34.27 40.18 -20.16
N GLY B 51 35.16 40.78 -19.38
CA GLY B 51 34.90 41.08 -17.97
C GLY B 51 33.63 41.87 -17.67
N GLU B 52 33.25 42.77 -18.58
CA GLU B 52 32.09 43.63 -18.35
C GLU B 52 30.77 42.99 -18.79
N GLU B 53 30.85 41.94 -19.60
CA GLU B 53 29.65 41.31 -20.16
C GLU B 53 29.34 39.95 -19.54
N ALA B 54 30.37 39.27 -19.04
CA ALA B 54 30.18 37.93 -18.45
C ALA B 54 29.50 37.99 -17.07
N ASN B 55 28.95 36.84 -16.66
CA ASN B 55 28.41 36.66 -15.31
C ASN B 55 29.34 37.31 -14.27
N PRO B 56 28.86 38.36 -13.57
CA PRO B 56 29.67 39.06 -12.57
C PRO B 56 30.17 38.11 -11.47
N HIS B 57 29.37 37.08 -11.16
CA HIS B 57 29.75 36.06 -10.16
C HIS B 57 30.97 35.24 -10.63
N ALA B 58 31.04 34.99 -11.94
CA ALA B 58 32.16 34.26 -12.53
C ALA B 58 33.40 35.19 -12.63
N VAL B 59 33.19 36.42 -13.06
CA VAL B 59 34.26 37.42 -13.14
C VAL B 59 34.93 37.64 -11.76
N LYS B 60 34.11 37.75 -10.73
CA LYS B 60 34.63 37.90 -9.37
C LYS B 60 35.62 36.79 -8.97
N VAL B 61 35.21 35.55 -9.17
CA VAL B 61 36.08 34.40 -8.92
C VAL B 61 37.35 34.53 -9.74
N LEU B 62 37.21 34.87 -11.02
CA LEU B 62 38.36 34.90 -11.92
C LEU B 62 39.36 35.88 -11.38
N LYS B 63 38.86 37.06 -11.03
CA LYS B 63 39.70 38.16 -10.57
C LYS B 63 40.42 37.90 -9.24
N GLU B 64 39.81 37.12 -8.36
CA GLU B 64 40.47 36.69 -7.13
C GLU B 64 41.64 35.75 -7.43
N LEU B 65 41.41 34.76 -8.29
CA LEU B 65 42.46 33.85 -8.76
C LEU B 65 43.63 34.57 -9.40
N LEU B 66 43.33 35.73 -10.01
CA LEU B 66 44.30 36.56 -10.73
C LEU B 66 44.88 37.71 -9.90
N SER B 67 44.49 37.83 -8.63
CA SER B 67 44.92 38.96 -7.83
C SER B 67 46.41 38.84 -7.51
N GLY B 68 47.16 39.88 -7.86
CA GLY B 68 48.61 39.82 -7.80
C GLY B 68 49.17 39.78 -9.21
N LYS B 69 48.37 39.29 -10.15
CA LYS B 69 48.75 39.32 -11.57
C LYS B 69 48.56 40.72 -12.19
N GLN B 70 49.08 40.92 -13.40
CA GLN B 70 49.07 42.24 -14.04
C GLN B 70 48.11 42.35 -15.23
N SER B 71 47.15 43.26 -15.15
CA SER B 71 46.10 43.39 -16.17
C SER B 71 46.47 44.42 -17.22
N SER B 72 46.59 43.98 -18.47
CA SER B 72 47.21 44.80 -19.50
C SER B 72 46.66 44.54 -20.91
N LYS B 73 47.11 45.36 -21.86
CA LYS B 73 46.85 45.15 -23.29
C LYS B 73 47.85 44.17 -23.91
N LYS B 74 49.05 44.10 -23.32
CA LYS B 74 50.01 43.03 -23.60
C LYS B 74 49.53 41.73 -22.93
N GLY B 75 50.25 40.63 -23.18
CA GLY B 75 50.12 39.43 -22.38
C GLY B 75 48.98 38.50 -22.77
N MET B 76 48.97 37.32 -22.15
CA MET B 76 48.08 36.22 -22.51
C MET B 76 46.60 36.60 -22.47
N LEU B 77 45.89 36.26 -23.55
CA LEU B 77 44.47 36.56 -23.65
C LEU B 77 43.70 35.60 -22.76
N ILE B 78 42.83 36.15 -21.93
CA ILE B 78 41.86 35.38 -21.17
C ILE B 78 40.44 35.84 -21.57
N SER B 79 39.66 34.92 -22.12
CA SER B 79 38.35 35.26 -22.70
C SER B 79 37.31 34.62 -21.82
N ILE B 80 36.43 35.45 -21.26
CA ILE B 80 35.38 34.99 -20.37
C ILE B 80 34.02 35.42 -20.91
N GLY B 81 33.02 34.54 -20.86
CA GLY B 81 31.70 34.99 -21.29
C GLY B 81 30.66 33.91 -21.46
N GLU B 82 29.45 34.33 -21.84
CA GLU B 82 28.41 33.38 -22.19
C GLU B 82 28.35 33.31 -23.72
N LYS B 83 27.88 32.19 -24.25
CA LYS B 83 27.69 32.01 -25.69
CA LYS B 83 27.73 32.03 -25.70
C LYS B 83 26.87 33.20 -26.20
N GLY B 84 27.34 33.90 -27.20
CA GLY B 84 26.58 35.07 -27.66
C GLY B 84 27.24 36.37 -27.28
N ASP B 85 28.02 36.38 -26.20
CA ASP B 85 28.92 37.49 -25.87
C ASP B 85 30.01 37.58 -26.93
N LYS B 86 30.36 38.79 -27.35
CA LYS B 86 31.36 38.91 -28.40
C LYS B 86 32.75 38.39 -27.98
N SER B 87 32.98 38.34 -26.65
CA SER B 87 34.21 37.78 -26.09
C SER B 87 34.45 36.31 -26.46
N VAL B 88 33.39 35.51 -26.49
CA VAL B 88 33.55 34.08 -26.71
C VAL B 88 32.72 33.54 -27.88
N ARG B 89 32.08 34.44 -28.63
CA ARG B 89 31.19 34.02 -29.70
C ARG B 89 31.86 33.02 -30.67
N LYS B 90 33.09 33.35 -31.10
CA LYS B 90 34.02 32.45 -31.85
C LYS B 90 33.98 30.97 -31.45
N TYR B 91 33.77 30.72 -30.15
CA TYR B 91 33.85 29.37 -29.57
C TYR B 91 32.51 28.65 -29.51
N SER B 92 31.50 29.18 -30.20
CA SER B 92 30.16 28.65 -30.10
C SER B 92 30.09 27.14 -30.37
N ARG B 93 30.86 26.68 -31.36
CA ARG B 93 30.87 25.27 -31.74
C ARG B 93 31.43 24.35 -30.66
N GLN B 94 32.21 24.94 -29.76
CA GLN B 94 32.83 24.20 -28.66
C GLN B 94 31.96 24.15 -27.37
N ILE B 95 31.06 25.13 -27.23
CA ILE B 95 30.22 25.26 -26.02
C ILE B 95 29.05 24.27 -26.06
N PRO B 96 28.98 23.36 -25.06
CA PRO B 96 27.91 22.37 -25.04
C PRO B 96 26.51 22.99 -25.00
N ASP B 97 25.64 22.53 -25.89
CA ASP B 97 24.26 23.03 -25.99
C ASP B 97 23.38 22.40 -24.88
N HIS B 98 23.74 22.70 -23.64
CA HIS B 98 23.10 22.18 -22.42
C HIS B 98 23.04 23.30 -21.37
N LYS B 99 21.91 23.38 -20.68
CA LYS B 99 21.80 24.30 -19.55
C LYS B 99 22.92 24.06 -18.54
N GLU B 100 23.54 25.15 -18.08
CA GLU B 100 24.66 25.11 -17.12
C GLU B 100 25.93 24.49 -17.70
N GLY B 101 25.92 24.24 -19.01
CA GLY B 101 27.14 23.76 -19.73
C GLY B 101 28.21 24.82 -19.94
N TYR B 102 29.44 24.38 -20.24
CA TYR B 102 30.55 25.28 -20.49
C TYR B 102 31.65 24.59 -21.29
N TYR B 103 32.48 25.43 -21.91
CA TYR B 103 33.68 25.02 -22.57
C TYR B 103 34.79 25.70 -21.80
N LEU B 104 35.84 24.94 -21.47
CA LEU B 104 37.05 25.49 -20.83
C LEU B 104 38.28 25.01 -21.59
N SER B 105 39.19 25.94 -21.88
CA SER B 105 40.38 25.60 -22.62
C SER B 105 41.58 26.33 -22.05
N VAL B 106 42.66 25.58 -21.79
CA VAL B 106 43.94 26.18 -21.46
C VAL B 106 44.96 25.63 -22.42
N ASN B 107 45.66 26.53 -23.09
CA ASN B 107 46.82 26.16 -23.89
C ASN B 107 47.85 27.27 -23.74
N GLU B 108 49.01 27.08 -24.34
CA GLU B 108 50.13 28.03 -24.22
C GLU B 108 49.81 29.45 -24.69
N LYS B 109 48.82 29.56 -25.57
CA LYS B 109 48.49 30.82 -26.25
C LYS B 109 47.35 31.59 -25.56
N GLU B 110 46.31 30.91 -25.11
CA GLU B 110 45.14 31.58 -24.49
C GLU B 110 44.35 30.71 -23.49
N ILE B 111 43.52 31.37 -22.70
CA ILE B 111 42.60 30.70 -21.80
C ILE B 111 41.16 31.06 -22.20
N VAL B 112 40.26 30.07 -22.26
CA VAL B 112 38.87 30.35 -22.65
C VAL B 112 37.95 29.82 -21.58
N LEU B 113 37.05 30.68 -21.08
CA LEU B 113 36.08 30.26 -20.09
C LEU B 113 34.68 30.67 -20.56
N ALA B 114 33.97 29.75 -21.22
CA ALA B 114 32.75 30.10 -21.94
C ALA B 114 31.54 29.26 -21.52
N GLY B 115 30.57 29.93 -20.92
CA GLY B 115 29.37 29.22 -20.48
C GLY B 115 28.32 29.21 -21.59
N ASN B 116 27.55 28.14 -21.65
CA ASN B 116 26.33 28.16 -22.44
C ASN B 116 25.38 29.26 -21.93
N ASP B 117 25.39 29.47 -20.61
CA ASP B 117 24.53 30.48 -19.92
C ASP B 117 25.33 31.02 -18.73
N GLU B 118 24.79 31.98 -17.97
CA GLU B 118 25.55 32.60 -16.88
C GLU B 118 26.06 31.61 -15.84
N ARG B 119 25.22 30.66 -15.47
CA ARG B 119 25.61 29.70 -14.48
C ARG B 119 26.73 28.82 -15.05
N GLY B 120 26.67 28.52 -16.35
CA GLY B 120 27.69 27.76 -17.02
C GLY B 120 29.06 28.40 -16.90
N THR B 121 29.10 29.71 -17.06
CA THR B 121 30.36 30.47 -16.93
C THR B 121 30.91 30.37 -15.50
N TYR B 122 30.02 30.51 -14.52
CA TYR B 122 30.37 30.29 -13.11
C TYR B 122 30.94 28.88 -12.87
N TYR B 123 30.26 27.87 -13.42
CA TYR B 123 30.76 26.50 -13.34
C TYR B 123 32.11 26.28 -14.04
N ALA B 124 32.34 26.94 -15.18
CA ALA B 124 33.66 26.95 -15.80
C ALA B 124 34.73 27.39 -14.79
N LEU B 125 34.43 28.49 -14.08
CA LEU B 125 35.37 29.03 -13.09
C LEU B 125 35.65 28.10 -11.91
N GLN B 126 34.63 27.35 -11.52
CA GLN B 126 34.79 26.39 -10.42
C GLN B 126 35.69 25.20 -10.78
N THR B 127 35.66 24.80 -12.06
CA THR B 127 36.60 23.84 -12.60
C THR B 127 38.00 24.43 -12.73
N PHE B 128 38.08 25.65 -13.27
CA PHE B 128 39.35 26.36 -13.44
C PHE B 128 40.09 26.45 -12.09
N ALA B 129 39.35 26.77 -11.02
CA ALA B 129 39.95 26.93 -9.71
C ALA B 129 40.64 25.66 -9.24
N GLN B 130 40.06 24.52 -9.60
CA GLN B 130 40.62 23.22 -9.22
C GLN B 130 41.83 22.80 -10.04
N LEU B 131 41.84 23.23 -11.31
CA LEU B 131 43.00 23.05 -12.19
C LEU B 131 44.24 23.82 -11.72
N LEU B 132 44.02 24.98 -11.11
CA LEU B 132 45.10 25.88 -10.75
C LEU B 132 45.81 25.38 -9.50
N LYS B 133 47.09 25.05 -9.65
CA LYS B 133 47.89 24.53 -8.53
C LYS B 133 49.33 25.04 -8.53
N ASP B 134 49.72 25.65 -7.41
CA ASP B 134 51.05 26.23 -7.23
C ASP B 134 51.40 27.14 -8.41
N GLY B 135 50.41 27.95 -8.81
CA GLY B 135 50.55 28.94 -9.88
C GLY B 135 50.52 28.42 -11.30
N LYS B 136 50.27 27.11 -11.46
CA LYS B 136 50.33 26.45 -12.78
C LYS B 136 49.04 25.76 -13.20
N LEU B 137 48.83 25.68 -14.53
CA LEU B 137 47.68 25.02 -15.12
C LEU B 137 48.13 23.96 -16.11
N PRO B 138 47.39 22.85 -16.21
CA PRO B 138 47.66 21.91 -17.30
C PRO B 138 47.07 22.41 -18.62
N GLU B 139 47.68 22.01 -19.73
CA GLU B 139 47.07 22.21 -21.02
C GLU B 139 45.91 21.21 -21.12
N VAL B 140 44.69 21.74 -21.19
CA VAL B 140 43.48 20.92 -21.18
C VAL B 140 42.36 21.53 -22.01
N GLU B 141 41.45 20.66 -22.44
CA GLU B 141 40.23 21.12 -23.05
C GLU B 141 39.09 20.34 -22.41
N ILE B 142 38.06 21.07 -21.97
CA ILE B 142 36.95 20.48 -21.22
C ILE B 142 35.61 20.93 -21.81
N LYS B 143 34.71 19.98 -22.00
CA LYS B 143 33.33 20.34 -22.38
C LYS B 143 32.46 19.62 -21.36
N ASP B 144 31.64 20.39 -20.65
CA ASP B 144 31.01 19.93 -19.41
C ASP B 144 29.60 20.45 -19.27
N TYR B 145 28.78 19.70 -18.55
CA TYR B 145 27.39 20.07 -18.27
C TYR B 145 26.87 19.02 -17.28
N PRO B 146 25.79 19.34 -16.53
CA PRO B 146 25.25 18.35 -15.57
C PRO B 146 24.32 17.34 -16.24
N SER B 147 24.27 16.14 -15.69
CA SER B 147 23.34 15.13 -16.19
C SER B 147 21.94 15.24 -15.58
N VAL B 148 21.84 15.83 -14.37
CA VAL B 148 20.57 16.01 -13.66
C VAL B 148 20.33 17.51 -13.48
N ARG B 149 19.11 17.95 -13.77
CA ARG B 149 18.80 19.38 -13.91
C ARG B 149 18.94 20.16 -12.57
N TYR B 150 18.40 19.58 -11.51
CA TYR B 150 18.42 20.18 -10.16
C TYR B 150 19.16 19.28 -9.20
N ARG B 151 20.12 19.85 -8.49
CA ARG B 151 21.11 19.10 -7.69
C ARG B 151 21.38 19.89 -6.45
N GLY B 152 21.31 19.24 -5.29
CA GLY B 152 21.45 20.02 -4.08
C GLY B 152 21.08 19.38 -2.77
N VAL B 153 20.67 20.22 -1.83
CA VAL B 153 20.40 19.78 -0.45
C VAL B 153 18.98 20.20 0.00
N VAL B 154 18.21 19.34 0.68
CA VAL B 154 17.00 19.81 1.34
C VAL B 154 17.33 19.81 2.84
N GLU B 155 17.27 20.97 3.50
CA GLU B 155 17.31 20.93 4.97
C GLU B 155 15.91 20.59 5.47
N GLY B 156 15.58 19.30 5.56
CA GLY B 156 14.19 18.84 5.73
C GLY B 156 14.03 17.87 6.87
N PHE B 157 15.02 17.87 7.75
CA PHE B 157 15.09 16.90 8.85
C PHE B 157 14.39 17.46 10.11
N TYR B 158 14.17 16.56 11.07
CA TYR B 158 13.77 16.91 12.44
C TYR B 158 15.01 17.07 13.32
N GLY B 159 14.94 18.00 14.28
CA GLY B 159 16.08 18.28 15.17
C GLY B 159 16.46 19.75 15.10
N THR B 160 17.52 20.13 15.80
CA THR B 160 18.01 21.51 15.74
C THR B 160 18.30 21.92 14.29
N PRO B 161 17.55 22.95 13.78
CA PRO B 161 17.85 23.42 12.43
C PRO B 161 19.27 24.03 12.36
N TRP B 162 19.89 23.96 11.18
CA TRP B 162 21.24 24.46 11.02
C TRP B 162 21.31 25.89 11.49
N SER B 163 22.46 26.28 12.02
CA SER B 163 22.73 27.67 12.35
C SER B 163 22.93 28.55 11.13
N HIS B 164 22.80 29.85 11.35
CA HIS B 164 22.92 30.80 10.27
C HIS B 164 24.35 30.71 9.70
N GLN B 165 25.35 30.76 10.58
CA GLN B 165 26.73 30.55 10.19
C GLN B 165 26.92 29.25 9.40
N ALA B 166 26.29 28.15 9.84
CA ALA B 166 26.42 26.93 9.09
C ALA B 166 25.82 27.06 7.66
N ARG B 167 24.63 27.67 7.56
CA ARG B 167 23.99 27.81 6.25
C ARG B 167 24.80 28.63 5.26
N LEU B 168 25.45 29.68 5.75
CA LEU B 168 26.33 30.48 4.92
C LEU B 168 27.50 29.63 4.38
N SER B 169 28.07 28.78 5.26
CA SER B 169 29.14 27.89 4.84
C SER B 169 28.65 26.88 3.81
N GLN B 170 27.43 26.36 3.99
CA GLN B 170 26.83 25.44 3.04
C GLN B 170 26.70 26.07 1.65
N LEU B 171 26.17 27.28 1.55
CA LEU B 171 25.84 27.84 0.24
C LEU B 171 27.10 28.07 -0.58
N LYS B 172 28.17 28.39 0.10
CA LYS B 172 29.46 28.59 -0.54
C LYS B 172 30.01 27.23 -1.04
N PHE B 173 29.87 26.21 -0.20
CA PHE B 173 30.22 24.83 -0.55
C PHE B 173 29.42 24.30 -1.77
N TYR B 174 28.11 24.59 -1.83
CA TYR B 174 27.27 24.22 -2.98
C TYR B 174 27.79 24.82 -4.28
N GLY B 175 28.09 26.11 -4.28
CA GLY B 175 28.61 26.76 -5.48
C GLY B 175 29.88 26.10 -5.99
N LYS B 176 30.80 25.77 -5.07
CA LYS B 176 32.08 25.19 -5.44
C LYS B 176 31.91 23.82 -6.09
N ASN B 177 30.87 23.11 -5.67
CA ASN B 177 30.57 21.75 -6.17
C ASN B 177 29.42 21.63 -7.16
N LYS B 178 29.02 22.78 -7.69
CA LYS B 178 28.01 22.91 -8.76
C LYS B 178 26.65 22.36 -8.35
N MET B 179 26.31 22.50 -7.07
CA MET B 179 24.94 22.19 -6.63
C MET B 179 24.17 23.50 -6.78
N ASN B 180 23.04 23.44 -7.50
CA ASN B 180 22.30 24.67 -7.83
C ASN B 180 20.99 24.84 -7.01
N THR B 181 20.78 23.98 -6.01
CA THR B 181 19.53 23.90 -5.27
C THR B 181 19.72 23.76 -3.76
N TYR B 182 19.05 24.63 -2.99
CA TYR B 182 18.96 24.51 -1.54
C TYR B 182 17.54 24.78 -1.15
N ILE B 183 16.89 23.73 -0.72
CA ILE B 183 15.52 23.76 -0.23
C ILE B 183 15.54 23.87 1.30
N TYR B 184 14.99 24.97 1.76
CA TYR B 184 14.92 25.27 3.19
C TYR B 184 13.61 24.75 3.72
N GLY B 185 13.66 23.76 4.60
CA GLY B 185 12.44 23.26 5.25
C GLY B 185 12.70 22.45 6.54
N PRO B 186 13.38 23.07 7.56
CA PRO B 186 13.69 22.40 8.82
C PRO B 186 12.34 22.14 9.51
N LYS B 187 12.07 20.87 9.77
CA LYS B 187 10.78 20.49 10.33
C LYS B 187 10.48 21.26 11.62
N ASP B 188 11.54 21.58 12.37
CA ASP B 188 11.35 22.23 13.69
C ASP B 188 11.35 23.77 13.70
N ASP B 189 11.33 24.38 12.49
CA ASP B 189 11.20 25.83 12.34
C ASP B 189 9.70 26.15 12.39
N PRO B 190 9.26 26.87 13.46
CA PRO B 190 7.83 27.10 13.64
C PRO B 190 7.20 28.03 12.59
N TYR B 191 8.01 28.80 11.87
CA TYR B 191 7.53 29.65 10.74
C TYR B 191 7.54 28.92 9.38
N HIS B 192 8.08 27.71 9.35
CA HIS B 192 8.03 26.80 8.18
C HIS B 192 6.85 25.82 8.35
N SER B 193 6.71 25.28 9.56
CA SER B 193 5.69 24.29 9.83
C SER B 193 4.67 24.77 10.88
N ALA B 194 4.11 23.81 11.62
CA ALA B 194 3.29 24.04 12.83
C ALA B 194 4.07 24.74 13.91
N PRO B 195 3.43 25.73 14.56
CA PRO B 195 2.07 26.25 14.32
C PRO B 195 2.01 27.56 13.53
N ASN B 196 3.16 28.16 13.24
CA ASN B 196 3.21 29.54 12.76
C ASN B 196 3.59 29.76 11.28
N TRP B 197 3.38 28.74 10.43
CA TRP B 197 3.59 28.91 9.00
C TRP B 197 2.80 30.11 8.40
N ARG B 198 1.65 30.45 8.99
CA ARG B 198 0.83 31.58 8.55
C ARG B 198 1.49 32.93 8.84
N LEU B 199 2.50 32.96 9.71
CA LEU B 199 3.07 34.22 10.22
C LEU B 199 4.35 34.62 9.49
N PRO B 200 4.54 35.91 9.19
CA PRO B 200 5.88 36.32 8.70
C PRO B 200 6.98 36.07 9.71
N TYR B 201 8.20 35.79 9.25
CA TYR B 201 9.35 35.68 10.17
C TYR B 201 9.56 36.99 10.93
N PRO B 202 9.97 36.93 12.20
CA PRO B 202 10.35 38.17 12.87
C PRO B 202 11.55 38.80 12.18
N ASP B 203 11.80 40.07 12.50
CA ASP B 203 12.84 40.88 11.86
C ASP B 203 14.24 40.27 11.85
N LYS B 204 14.67 39.70 12.97
CA LYS B 204 15.98 39.06 13.05
C LYS B 204 16.14 37.93 12.02
N GLU B 205 15.20 36.99 12.04
CA GLU B 205 15.19 35.81 11.17
C GLU B 205 14.98 36.23 9.73
N ALA B 206 14.07 37.19 9.52
CA ALA B 206 13.83 37.73 8.18
C ALA B 206 15.12 38.27 7.55
N ALA B 207 15.86 39.07 8.31
CA ALA B 207 17.14 39.67 7.87
C ALA B 207 18.22 38.60 7.59
N GLN B 208 18.26 37.55 8.42
CA GLN B 208 19.12 36.39 8.17
C GLN B 208 18.77 35.71 6.86
N LEU B 209 17.50 35.36 6.67
CA LEU B 209 17.02 34.76 5.42
C LEU B 209 17.34 35.65 4.19
N GLN B 210 17.12 36.94 4.32
CA GLN B 210 17.49 37.89 3.26
C GLN B 210 18.97 37.70 2.90
N GLU B 211 19.82 37.56 3.92
CA GLU B 211 21.25 37.39 3.68
C GLU B 211 21.55 36.03 3.05
N LEU B 212 20.87 34.96 3.49
CA LEU B 212 21.05 33.65 2.84
C LEU B 212 20.68 33.67 1.35
N VAL B 213 19.59 34.35 1.02
CA VAL B 213 19.20 34.53 -0.38
C VAL B 213 20.29 35.25 -1.19
N ALA B 214 20.83 36.31 -0.60
CA ALA B 214 21.83 37.07 -1.29
C ALA B 214 23.05 36.18 -1.55
N VAL B 215 23.46 35.43 -0.54
CA VAL B 215 24.63 34.54 -0.66
C VAL B 215 24.35 33.38 -1.63
N ALA B 216 23.14 32.81 -1.58
CA ALA B 216 22.71 31.81 -2.54
C ALA B 216 22.89 32.30 -3.97
N ASN B 217 22.32 33.48 -4.26
CA ASN B 217 22.43 34.16 -5.58
C ASN B 217 23.87 34.29 -6.09
N GLU B 218 24.77 34.79 -5.24
CA GLU B 218 26.17 34.97 -5.58
C GLU B 218 26.92 33.67 -5.87
N ASN B 219 26.40 32.56 -5.33
CA ASN B 219 27.01 31.25 -5.51
C ASN B 219 26.22 30.38 -6.50
N GLU B 220 25.33 31.04 -7.27
CA GLU B 220 24.49 30.41 -8.28
C GLU B 220 23.63 29.24 -7.75
N VAL B 221 23.17 29.37 -6.50
CA VAL B 221 22.27 28.41 -5.90
C VAL B 221 20.85 29.01 -5.88
N ASP B 222 19.85 28.24 -6.31
CA ASP B 222 18.45 28.60 -6.06
C ASP B 222 18.06 28.35 -4.60
N PHE B 223 17.76 29.41 -3.85
CA PHE B 223 17.20 29.25 -2.52
C PHE B 223 15.71 28.93 -2.70
N VAL B 224 15.31 27.71 -2.37
CA VAL B 224 13.90 27.31 -2.46
C VAL B 224 13.29 27.36 -1.05
N TRP B 225 12.36 28.29 -0.81
CA TRP B 225 11.72 28.31 0.52
C TRP B 225 10.48 27.43 0.54
N ALA B 226 10.51 26.44 1.42
CA ALA B 226 9.42 25.50 1.59
C ALA B 226 8.51 25.96 2.71
N ILE B 227 7.23 25.64 2.58
CA ILE B 227 6.23 25.83 3.65
C ILE B 227 5.65 24.44 3.91
N HIS B 228 5.24 24.20 5.16
CA HIS B 228 4.81 22.86 5.61
C HIS B 228 3.49 23.02 6.36
N PRO B 229 2.43 23.38 5.63
CA PRO B 229 1.24 23.88 6.28
C PRO B 229 0.18 22.83 6.61
N GLY B 230 0.44 21.58 6.25
CA GLY B 230 -0.62 20.58 6.12
C GLY B 230 -1.30 20.03 7.37
N GLN B 231 -0.62 20.00 8.51
CA GLN B 231 -1.22 19.39 9.71
C GLN B 231 -2.50 20.12 10.16
N ASP B 232 -2.56 21.42 9.95
CA ASP B 232 -3.77 22.16 10.36
C ASP B 232 -4.39 23.07 9.30
N ILE B 233 -3.92 22.99 8.06
CA ILE B 233 -4.51 23.73 6.94
C ILE B 233 -6.01 23.45 6.81
N LYS B 234 -6.79 24.51 6.55
CA LYS B 234 -8.20 24.38 6.20
C LYS B 234 -8.32 24.59 4.70
N TRP B 235 -9.17 23.79 4.06
CA TRP B 235 -9.36 23.95 2.62
C TRP B 235 -10.34 25.09 2.31
N ASN B 236 -9.97 26.29 2.76
CA ASN B 236 -10.82 27.47 2.54
C ASN B 236 -10.04 28.68 2.00
N LYS B 237 -10.77 29.74 1.65
CA LYS B 237 -10.18 30.98 1.16
C LYS B 237 -9.22 31.64 2.15
N GLU B 238 -9.54 31.63 3.44
CA GLU B 238 -8.68 32.26 4.44
C GLU B 238 -7.25 31.68 4.47
N ASP B 239 -7.15 30.34 4.53
CA ASP B 239 -5.83 29.68 4.61
C ASP B 239 -5.05 29.76 3.29
N ARG B 240 -5.75 29.54 2.18
CA ARG B 240 -5.22 29.78 0.84
CA ARG B 240 -5.23 29.79 0.83
C ARG B 240 -4.59 31.17 0.75
N ASP B 241 -5.35 32.20 1.13
CA ASP B 241 -4.89 33.59 1.16
C ASP B 241 -3.68 33.84 2.07
N LEU B 242 -3.69 33.26 3.27
CA LEU B 242 -2.56 33.37 4.20
C LEU B 242 -1.29 32.69 3.67
N LEU B 243 -1.44 31.54 3.03
CA LEU B 243 -0.28 30.87 2.43
C LEU B 243 0.33 31.81 1.36
N LEU B 244 -0.49 32.30 0.43
CA LEU B 244 0.01 33.22 -0.58
C LEU B 244 0.62 34.50 0.01
N ALA B 245 0.00 35.06 1.05
CA ALA B 245 0.56 36.23 1.74
C ALA B 245 1.95 35.94 2.33
N LYS B 246 2.14 34.75 2.89
CA LYS B 246 3.42 34.29 3.39
C LYS B 246 4.44 34.16 2.25
N PHE B 247 4.04 33.51 1.16
CA PHE B 247 4.88 33.46 -0.03
C PHE B 247 5.29 34.88 -0.50
N GLU B 248 4.34 35.82 -0.51
CA GLU B 248 4.65 37.20 -0.90
C GLU B 248 5.71 37.84 0.03
N LYS B 249 5.59 37.58 1.33
CA LYS B 249 6.58 38.12 2.29
C LYS B 249 7.97 37.56 2.01
N MET B 250 8.02 36.26 1.70
CA MET B 250 9.28 35.60 1.33
C MET B 250 9.82 36.18 0.03
N TYR B 251 8.93 36.47 -0.93
CA TYR B 251 9.37 37.07 -2.20
C TYR B 251 10.06 38.44 -1.95
N GLN B 252 9.51 39.23 -1.03
CA GLN B 252 10.10 40.55 -0.68
C GLN B 252 11.50 40.44 -0.05
N LEU B 253 11.78 39.31 0.60
CA LEU B 253 13.12 38.99 1.16
C LEU B 253 14.08 38.48 0.08
N GLY B 254 13.61 38.40 -1.16
CA GLY B 254 14.42 37.92 -2.28
C GLY B 254 14.16 36.49 -2.75
N VAL B 255 13.27 35.74 -2.10
CA VAL B 255 13.08 34.34 -2.51
C VAL B 255 12.44 34.24 -3.90
N ARG B 256 12.99 33.41 -4.79
CA ARG B 256 12.47 33.22 -6.16
C ARG B 256 12.04 31.77 -6.53
N SER B 257 12.18 30.84 -5.60
CA SER B 257 11.73 29.47 -5.74
C SER B 257 10.98 29.01 -4.48
N PHE B 258 10.00 28.15 -4.66
CA PHE B 258 9.06 27.88 -3.60
C PHE B 258 8.68 26.42 -3.60
N ALA B 259 8.40 25.90 -2.41
CA ALA B 259 7.93 24.53 -2.26
C ALA B 259 6.77 24.46 -1.26
N VAL B 260 5.86 23.50 -1.45
CA VAL B 260 4.84 23.22 -0.44
C VAL B 260 4.95 21.76 -0.11
N PHE B 261 5.16 21.49 1.17
CA PHE B 261 5.41 20.13 1.67
C PHE B 261 4.21 19.54 2.39
N PHE B 262 3.81 18.32 2.01
CA PHE B 262 2.71 17.62 2.68
C PHE B 262 3.17 16.30 3.31
N ASP B 263 4.44 16.21 3.71
CA ASP B 263 4.98 15.00 4.32
C ASP B 263 4.74 14.91 5.84
N ASP B 264 4.45 13.68 6.32
CA ASP B 264 4.39 13.38 7.78
C ASP B 264 3.31 14.20 8.46
N ILE B 265 2.07 14.10 7.96
CA ILE B 265 0.95 14.86 8.47
C ILE B 265 -0.24 13.90 8.45
N SER B 266 -1.29 14.21 9.20
CA SER B 266 -2.51 13.44 9.17
C SER B 266 -3.73 14.36 9.09
N GLY B 267 -4.85 13.83 8.63
CA GLY B 267 -6.13 14.56 8.62
C GLY B 267 -6.42 15.12 7.24
N GLU B 268 -7.19 16.20 7.18
CA GLU B 268 -7.69 16.72 5.89
C GLU B 268 -6.60 17.24 4.99
N GLY B 269 -5.46 17.62 5.55
CA GLY B 269 -4.37 18.14 4.74
C GLY B 269 -3.77 17.10 3.79
N THR B 270 -4.20 15.84 3.89
CA THR B 270 -3.59 14.76 3.10
C THR B 270 -4.35 14.51 1.78
N ASN B 271 -5.42 15.27 1.55
CA ASN B 271 -6.27 15.10 0.37
C ASN B 271 -5.52 15.51 -0.93
N PRO B 272 -5.22 14.56 -1.83
CA PRO B 272 -4.34 14.95 -2.97
C PRO B 272 -5.08 15.83 -4.00
N GLN B 273 -6.39 15.68 -4.12
CA GLN B 273 -7.17 16.59 -4.97
C GLN B 273 -6.96 18.05 -4.50
N LYS B 274 -7.12 18.28 -3.19
CA LYS B 274 -7.02 19.61 -2.59
C LYS B 274 -5.60 20.13 -2.66
N GLN B 275 -4.61 19.24 -2.46
CA GLN B 275 -3.23 19.62 -2.59
C GLN B 275 -2.93 20.09 -4.00
N ALA B 276 -3.39 19.32 -5.00
CA ALA B 276 -3.10 19.64 -6.39
C ALA B 276 -3.76 20.97 -6.78
N GLU B 277 -5.01 21.16 -6.33
CA GLU B 277 -5.73 22.42 -6.56
C GLU B 277 -4.99 23.61 -5.93
N LEU B 278 -4.48 23.46 -4.71
CA LEU B 278 -3.69 24.52 -4.08
C LEU B 278 -2.41 24.86 -4.84
N LEU B 279 -1.69 23.83 -5.27
CA LEU B 279 -0.42 24.06 -5.97
C LEU B 279 -0.67 24.74 -7.31
N ASN B 280 -1.70 24.29 -8.01
CA ASN B 280 -2.12 24.91 -9.27
C ASN B 280 -2.56 26.35 -9.09
N TYR B 281 -3.24 26.63 -7.98
CA TYR B 281 -3.64 27.99 -7.63
C TYR B 281 -2.41 28.87 -7.37
N ILE B 282 -1.45 28.36 -6.61
CA ILE B 282 -0.17 29.04 -6.40
C ILE B 282 0.58 29.31 -7.73
N ASP B 283 0.64 28.31 -8.59
CA ASP B 283 1.23 28.48 -9.92
C ASP B 283 0.55 29.63 -10.67
N GLU B 284 -0.76 29.56 -10.73
CA GLU B 284 -1.50 30.45 -11.61
C GLU B 284 -1.58 31.91 -11.10
N LYS B 285 -1.70 32.07 -9.79
CA LYS B 285 -1.83 33.40 -9.17
C LYS B 285 -0.55 34.00 -8.65
N PHE B 286 0.54 33.23 -8.60
CA PHE B 286 1.79 33.73 -7.99
C PHE B 286 2.97 33.48 -8.91
N ALA B 287 3.27 32.21 -9.18
CA ALA B 287 4.44 31.83 -9.99
C ALA B 287 4.33 32.27 -11.47
N GLN B 288 3.10 32.45 -11.98
CA GLN B 288 2.87 32.93 -13.36
C GLN B 288 2.53 34.40 -13.38
N VAL B 289 2.64 35.04 -12.22
CA VAL B 289 2.30 36.46 -12.05
C VAL B 289 3.56 37.29 -11.74
N LYS B 290 4.47 36.71 -10.96
CA LYS B 290 5.77 37.33 -10.69
C LYS B 290 6.66 37.21 -11.92
N PRO B 291 7.57 38.17 -12.12
CA PRO B 291 8.35 38.10 -13.38
C PRO B 291 9.48 37.08 -13.41
N ASP B 292 9.86 36.54 -12.26
CA ASP B 292 11.13 35.83 -12.13
C ASP B 292 11.13 34.61 -11.22
N ILE B 293 10.00 33.90 -11.11
CA ILE B 293 9.98 32.72 -10.26
C ILE B 293 10.57 31.50 -10.98
N ASN B 294 11.44 30.77 -10.30
CA ASN B 294 12.14 29.63 -10.89
C ASN B 294 11.59 28.21 -10.62
N GLN B 295 11.84 27.65 -9.45
CA GLN B 295 11.35 26.31 -9.14
C GLN B 295 10.02 26.41 -8.36
N LEU B 296 9.11 25.51 -8.68
CA LEU B 296 7.93 25.34 -7.86
C LEU B 296 7.79 23.83 -7.65
N VAL B 297 7.83 23.44 -6.37
CA VAL B 297 8.03 22.06 -5.94
C VAL B 297 7.02 21.66 -4.86
N MET B 298 6.53 20.43 -4.92
CA MET B 298 5.72 19.92 -3.79
C MET B 298 6.31 18.58 -3.34
N CYS B 299 6.16 18.22 -2.06
CA CYS B 299 6.42 16.83 -1.68
C CYS B 299 5.09 16.21 -1.24
N PRO B 300 4.83 14.97 -1.65
CA PRO B 300 3.54 14.40 -1.32
C PRO B 300 3.52 13.78 0.06
N THR B 301 2.30 13.37 0.46
CA THR B 301 2.02 12.68 1.72
C THR B 301 2.36 11.19 1.63
N GLU B 302 2.06 10.60 0.48
CA GLU B 302 2.57 9.28 0.18
C GLU B 302 3.84 9.49 -0.65
N TYR B 303 5.00 9.40 0.02
CA TYR B 303 6.26 9.81 -0.60
C TYR B 303 7.28 8.71 -0.84
N ASN B 304 6.86 7.46 -0.66
CA ASN B 304 7.72 6.34 -1.02
C ASN B 304 6.80 5.15 -1.27
N LYS B 305 7.29 4.18 -2.05
CA LYS B 305 6.40 3.08 -2.52
C LYS B 305 5.78 2.29 -1.38
N SER B 306 6.55 2.06 -0.31
CA SER B 306 6.00 1.22 0.79
C SER B 306 4.84 1.92 1.54
N TRP B 307 4.83 3.25 1.57
CA TRP B 307 3.77 4.06 2.19
C TRP B 307 2.64 4.40 1.24
N SER B 308 2.82 4.06 -0.04
CA SER B 308 1.81 4.28 -1.07
CA SER B 308 1.79 4.30 -1.02
C SER B 308 0.73 3.20 -0.98
N ASN B 309 -0.49 3.64 -0.71
CA ASN B 309 -1.61 2.75 -0.49
C ASN B 309 -1.93 1.98 -1.77
N PRO B 310 -1.87 0.61 -1.72
CA PRO B 310 -2.06 -0.09 -2.99
C PRO B 310 -3.51 -0.01 -3.47
N ASN B 311 -3.63 0.36 -4.75
CA ASN B 311 -4.89 0.58 -5.41
C ASN B 311 -5.62 1.81 -4.90
N GLY B 312 -4.91 2.64 -4.12
CA GLY B 312 -5.36 3.97 -3.74
C GLY B 312 -5.17 4.84 -4.97
N ASN B 313 -5.82 5.99 -5.02
CA ASN B 313 -5.66 6.82 -6.22
CA ASN B 313 -5.70 6.85 -6.20
C ASN B 313 -4.79 8.04 -5.93
N TYR B 314 -4.06 7.99 -4.81
CA TYR B 314 -3.30 9.16 -4.33
C TYR B 314 -2.28 9.73 -5.32
N LEU B 315 -1.35 8.90 -5.78
CA LEU B 315 -0.27 9.39 -6.61
C LEU B 315 -0.73 9.72 -8.03
N THR B 316 -1.67 8.93 -8.55
CA THR B 316 -2.23 9.21 -9.89
C THR B 316 -3.10 10.48 -9.90
N THR B 317 -3.72 10.83 -8.78
CA THR B 317 -4.40 12.13 -8.65
C THR B 317 -3.40 13.29 -8.79
N LEU B 318 -2.31 13.26 -8.03
CA LEU B 318 -1.29 14.30 -8.14
C LEU B 318 -0.78 14.36 -9.58
N GLY B 319 -0.41 13.19 -10.12
CA GLY B 319 0.18 13.07 -11.45
C GLY B 319 -0.69 13.67 -12.54
N ASP B 320 -1.99 13.42 -12.44
CA ASP B 320 -2.99 13.91 -13.39
C ASP B 320 -3.44 15.37 -13.20
N LYS B 321 -3.54 15.83 -11.96
CA LYS B 321 -4.07 17.18 -11.69
C LYS B 321 -2.99 18.26 -11.55
N LEU B 322 -1.82 17.91 -11.03
CA LEU B 322 -0.77 18.92 -10.86
C LEU B 322 -0.30 19.44 -12.20
N ASN B 323 -0.23 20.77 -12.33
CA ASN B 323 0.32 21.45 -13.51
C ASN B 323 1.71 20.85 -13.84
N PRO B 324 1.98 20.56 -15.13
CA PRO B 324 3.21 19.82 -15.54
C PRO B 324 4.54 20.44 -15.13
N SER B 325 4.54 21.75 -14.91
CA SER B 325 5.70 22.51 -14.47
C SER B 325 6.08 22.28 -13.00
N ILE B 326 5.17 21.73 -12.21
CA ILE B 326 5.38 21.57 -10.77
C ILE B 326 6.08 20.24 -10.51
N GLN B 327 7.11 20.29 -9.69
CA GLN B 327 7.92 19.12 -9.36
C GLN B 327 7.26 18.32 -8.24
N ILE B 328 7.42 16.99 -8.29
CA ILE B 328 6.92 16.09 -7.25
C ILE B 328 8.08 15.28 -6.66
N MET B 329 8.30 15.44 -5.34
CA MET B 329 9.45 14.81 -4.64
C MET B 329 9.11 13.37 -4.22
N TRP B 330 10.15 12.56 -4.02
CA TRP B 330 9.95 11.12 -3.81
C TRP B 330 11.21 10.56 -3.16
N THR B 331 11.04 9.64 -2.21
CA THR B 331 12.23 9.14 -1.50
C THR B 331 12.68 7.73 -1.90
N GLY B 332 12.00 7.11 -2.88
CA GLY B 332 12.33 5.78 -3.36
C GLY B 332 11.30 4.73 -2.96
N ASP B 333 11.74 3.49 -2.83
CA ASP B 333 10.82 2.40 -2.48
C ASP B 333 10.43 2.37 -1.00
N ARG B 334 11.20 3.08 -0.17
CA ARG B 334 10.96 3.16 1.29
CA ARG B 334 10.93 3.17 1.27
C ARG B 334 11.30 4.57 1.75
N VAL B 335 10.89 4.93 2.99
CA VAL B 335 11.23 6.20 3.61
C VAL B 335 12.72 6.42 3.40
N ILE B 336 13.52 5.41 3.79
CA ILE B 336 14.98 5.44 3.61
C ILE B 336 15.34 4.35 2.61
N SER B 337 15.82 4.79 1.45
CA SER B 337 16.11 3.84 0.36
C SER B 337 17.01 4.48 -0.69
N ASP B 338 17.69 3.63 -1.44
CA ASP B 338 18.51 4.07 -2.55
C ASP B 338 17.70 3.92 -3.84
N ILE B 339 17.99 4.77 -4.81
CA ILE B 339 17.17 4.92 -6.00
C ILE B 339 17.61 3.92 -7.10
N THR B 340 16.66 3.09 -7.53
CA THR B 340 16.88 2.06 -8.57
C THR B 340 16.14 2.37 -9.88
N ARG B 341 16.50 1.68 -10.98
CA ARG B 341 15.79 1.90 -12.22
C ARG B 341 14.34 1.41 -12.11
N ASP B 342 14.11 0.27 -11.47
CA ASP B 342 12.76 -0.24 -11.30
C ASP B 342 11.89 0.68 -10.42
N GLY B 343 12.47 1.18 -9.32
CA GLY B 343 11.81 2.13 -8.43
C GLY B 343 11.42 3.46 -9.08
N ILE B 344 12.33 4.05 -9.84
CA ILE B 344 12.06 5.35 -10.46
C ILE B 344 11.01 5.23 -11.58
N SER B 345 11.01 4.09 -12.27
CA SER B 345 10.02 3.80 -13.32
C SER B 345 8.64 3.68 -12.68
N TRP B 346 8.60 3.02 -11.52
CA TRP B 346 7.37 2.83 -10.77
C TRP B 346 6.68 4.18 -10.41
N ILE B 347 7.43 5.10 -9.83
CA ILE B 347 6.88 6.41 -9.48
C ILE B 347 6.55 7.22 -10.74
N ASN B 348 7.53 7.36 -11.65
CA ASN B 348 7.38 8.14 -12.89
C ASN B 348 6.10 7.82 -13.68
N GLU B 349 5.71 6.55 -13.75
CA GLU B 349 4.47 6.18 -14.48
C GLU B 349 3.20 6.72 -13.82
N ARG B 350 3.31 7.03 -12.54
CA ARG B 350 2.14 7.44 -11.77
C ARG B 350 2.02 8.95 -11.68
N ILE B 351 3.14 9.62 -11.50
CA ILE B 351 3.13 11.06 -11.38
C ILE B 351 3.24 11.75 -12.75
N LYS B 352 3.47 10.96 -13.80
CA LYS B 352 3.45 11.45 -15.20
C LYS B 352 4.54 12.49 -15.49
N ARG B 353 5.65 12.37 -14.79
CA ARG B 353 6.76 13.28 -14.92
C ARG B 353 7.96 12.61 -14.22
N PRO B 354 9.19 13.10 -14.47
CA PRO B 354 10.36 12.52 -13.80
C PRO B 354 10.40 13.00 -12.33
N ALA B 355 10.51 12.06 -11.40
CA ALA B 355 10.52 12.42 -9.97
C ALA B 355 11.71 13.30 -9.57
N TYR B 356 11.49 14.12 -8.54
CA TYR B 356 12.52 14.99 -7.98
C TYR B 356 12.90 14.27 -6.67
N ILE B 357 14.06 13.64 -6.69
CA ILE B 357 14.43 12.72 -5.61
C ILE B 357 14.78 13.46 -4.30
N TRP B 358 14.12 13.07 -3.22
CA TRP B 358 14.50 13.45 -1.85
C TRP B 358 15.21 12.22 -1.23
N TRP B 359 16.53 12.24 -1.21
CA TRP B 359 17.35 11.09 -0.77
C TRP B 359 17.72 11.19 0.71
N ASN B 360 17.21 10.25 1.49
CA ASN B 360 17.39 10.31 2.96
C ASN B 360 18.72 9.72 3.46
N PHE B 361 19.84 10.35 3.09
CA PHE B 361 21.15 9.99 3.57
C PHE B 361 21.94 11.28 3.32
N PRO B 362 22.70 11.73 4.33
CA PRO B 362 23.06 11.10 5.60
C PRO B 362 22.17 11.46 6.81
N VAL B 363 20.99 12.05 6.58
CA VAL B 363 20.05 12.37 7.67
C VAL B 363 20.08 11.30 8.76
N SER B 364 20.21 11.72 10.01
CA SER B 364 20.30 10.74 11.11
C SER B 364 19.27 10.99 12.22
N ASP B 365 18.20 11.70 11.84
CA ASP B 365 17.28 12.23 12.85
C ASP B 365 16.46 11.11 13.49
N TYR B 366 16.65 9.90 13.01
CA TYR B 366 15.97 8.72 13.58
C TYR B 366 16.99 7.74 14.24
N VAL B 367 18.27 8.06 14.11
CA VAL B 367 19.38 7.34 14.76
C VAL B 367 20.34 8.40 15.32
N ARG B 368 19.80 9.27 16.19
CA ARG B 368 20.49 10.53 16.55
C ARG B 368 21.79 10.34 17.33
N ASP B 369 21.96 9.17 17.92
CA ASP B 369 23.19 8.82 18.63
C ASP B 369 24.35 8.38 17.70
N HIS B 370 24.09 8.31 16.39
CA HIS B 370 25.10 7.94 15.36
C HIS B 370 25.45 9.09 14.42
N LEU B 371 26.75 9.18 14.07
CA LEU B 371 27.21 9.98 12.93
C LEU B 371 27.27 9.11 11.69
N LEU B 372 26.87 9.66 10.53
CA LEU B 372 26.84 8.84 9.31
C LEU B 372 27.79 9.43 8.29
N LEU B 373 29.04 9.00 8.42
CA LEU B 373 30.17 9.66 7.74
C LEU B 373 30.72 8.81 6.58
N GLY B 374 30.05 7.73 6.22
CA GLY B 374 30.59 6.90 5.16
C GLY B 374 30.27 7.42 3.77
N PRO B 375 30.74 6.69 2.74
CA PRO B 375 30.46 7.06 1.34
C PRO B 375 28.99 7.04 0.93
N VAL B 376 28.72 7.78 -0.13
CA VAL B 376 27.43 7.82 -0.81
C VAL B 376 27.43 6.71 -1.88
N TYR B 377 26.54 5.72 -1.75
CA TYR B 377 26.45 4.64 -2.75
C TYR B 377 25.03 4.06 -2.74
N GLY B 378 24.71 3.19 -3.72
CA GLY B 378 23.44 2.45 -3.75
C GLY B 378 22.48 2.91 -4.83
N ASN B 379 22.67 4.15 -5.30
CA ASN B 379 21.82 4.76 -6.30
C ASN B 379 22.29 4.43 -7.72
N ASP B 380 21.37 3.99 -8.56
CA ASP B 380 21.68 3.64 -9.96
C ASP B 380 22.32 4.83 -10.69
N THR B 381 23.40 4.56 -11.42
CA THR B 381 24.17 5.62 -12.08
C THR B 381 23.71 5.84 -13.54
N THR B 382 22.65 5.16 -13.98
CA THR B 382 22.27 5.22 -15.40
C THR B 382 20.89 5.87 -15.63
N ILE B 383 20.32 6.44 -14.56
CA ILE B 383 18.93 6.89 -14.58
C ILE B 383 18.72 8.39 -14.52
N ALA B 384 19.78 9.15 -14.83
CA ALA B 384 19.74 10.61 -14.90
C ALA B 384 18.55 11.20 -15.66
N LYS B 385 18.19 10.58 -16.80
CA LYS B 385 17.07 11.07 -17.59
C LYS B 385 15.71 10.85 -16.93
N GLU B 386 15.67 9.96 -15.94
CA GLU B 386 14.43 9.60 -15.23
C GLU B 386 14.15 10.45 -13.97
N MET B 387 15.05 11.36 -13.65
CA MET B 387 14.84 12.26 -12.48
C MET B 387 14.95 13.74 -12.85
N SER B 388 14.04 14.57 -12.35
CA SER B 388 14.08 16.03 -12.54
C SER B 388 15.08 16.72 -11.62
N GLY B 389 15.39 16.05 -10.51
CA GLY B 389 16.21 16.61 -9.46
C GLY B 389 16.69 15.50 -8.54
N PHE B 390 17.78 15.77 -7.85
CA PHE B 390 18.27 14.84 -6.81
C PHE B 390 18.79 15.70 -5.64
N VAL B 391 18.11 15.61 -4.50
CA VAL B 391 18.56 16.28 -3.27
C VAL B 391 18.76 15.30 -2.10
N THR B 392 19.82 15.56 -1.35
CA THR B 392 20.13 14.88 -0.09
C THR B 392 19.54 15.60 1.16
N ASN B 393 18.86 14.86 2.02
CA ASN B 393 18.40 15.32 3.33
C ASN B 393 19.54 14.92 4.29
N PRO B 394 20.29 15.90 4.85
CA PRO B 394 21.51 15.60 5.63
C PRO B 394 21.32 15.59 7.14
N MET B 395 22.42 15.50 7.89
CA MET B 395 22.34 15.40 9.34
C MET B 395 22.09 16.78 9.87
N GLU B 396 21.57 16.86 11.09
CA GLU B 396 21.57 18.12 11.79
C GLU B 396 22.99 18.68 11.98
N HIS B 397 24.02 17.83 11.83
CA HIS B 397 25.41 18.28 11.91
C HIS B 397 25.83 18.78 10.52
N ALA B 398 25.79 20.10 10.32
CA ALA B 398 26.00 20.73 9.01
C ALA B 398 27.36 20.35 8.38
N GLU B 399 28.47 20.67 9.04
CA GLU B 399 29.78 20.37 8.47
C GLU B 399 30.02 18.88 8.24
N SER B 400 29.65 18.04 9.23
CA SER B 400 29.80 16.60 9.14
C SER B 400 29.13 16.05 7.88
N SER B 401 28.06 16.72 7.48
CA SER B 401 27.27 16.39 6.30
C SER B 401 27.94 16.67 4.99
N LYS B 402 29.00 17.52 5.00
CA LYS B 402 29.66 17.84 3.76
C LYS B 402 30.28 16.64 3.03
N ILE B 403 30.62 15.56 3.75
CA ILE B 403 31.21 14.40 3.08
C ILE B 403 30.22 13.81 2.06
N ALA B 404 28.99 13.59 2.51
CA ALA B 404 27.93 13.06 1.64
C ALA B 404 27.51 14.11 0.59
N ILE B 405 27.55 15.40 0.96
CA ILE B 405 27.03 16.49 0.08
C ILE B 405 27.94 16.64 -1.12
N TYR B 406 29.23 16.60 -0.86
CA TYR B 406 30.22 16.73 -1.91
C TYR B 406 30.10 15.52 -2.85
N SER B 407 29.78 14.34 -2.29
CA SER B 407 29.61 13.09 -3.05
C SER B 407 28.33 13.12 -3.89
N VAL B 408 27.23 13.59 -3.27
CA VAL B 408 25.97 13.75 -4.00
C VAL B 408 26.11 14.76 -5.11
N ALA B 409 26.86 15.85 -4.89
CA ALA B 409 27.12 16.83 -5.94
C ALA B 409 27.79 16.15 -7.13
N SER B 410 28.79 15.30 -6.83
CA SER B 410 29.54 14.56 -7.83
C SER B 410 28.64 13.56 -8.59
N TYR B 411 27.89 12.77 -7.82
CA TYR B 411 26.97 11.81 -8.42
C TYR B 411 25.97 12.47 -9.36
N ALA B 412 25.35 13.56 -8.93
CA ALA B 412 24.23 14.16 -9.68
C ALA B 412 24.68 14.95 -10.92
N TRP B 413 25.91 15.50 -10.87
CA TRP B 413 26.49 16.15 -12.05
C TRP B 413 26.90 15.13 -13.13
N ASN B 414 27.70 14.14 -12.74
CA ASN B 414 28.20 13.12 -13.67
C ASN B 414 28.02 11.70 -13.14
N PRO B 415 26.79 11.22 -13.13
CA PRO B 415 26.58 9.89 -12.55
C PRO B 415 27.29 8.76 -13.27
N ALA B 416 27.48 8.89 -14.59
CA ALA B 416 28.07 7.81 -15.37
C ALA B 416 29.52 7.56 -14.98
N LYS B 417 30.20 8.61 -14.50
CA LYS B 417 31.57 8.51 -13.98
C LYS B 417 31.63 8.46 -12.44
N TYR B 418 30.49 8.31 -11.75
CA TYR B 418 30.52 8.40 -10.29
C TYR B 418 31.33 7.24 -9.66
N ASP B 419 32.34 7.62 -8.87
CA ASP B 419 33.26 6.71 -8.18
C ASP B 419 33.08 6.87 -6.67
N THR B 420 32.31 5.97 -6.04
CA THR B 420 31.94 6.07 -4.60
C THR B 420 33.11 6.32 -3.66
N TRP B 421 34.11 5.44 -3.69
CA TRP B 421 35.24 5.56 -2.74
C TRP B 421 36.16 6.71 -3.02
N GLN B 422 36.52 6.92 -4.30
CA GLN B 422 37.43 8.04 -4.61
C GLN B 422 36.77 9.37 -4.24
N THR B 423 35.46 9.49 -4.49
CA THR B 423 34.79 10.74 -4.19
C THR B 423 34.72 10.99 -2.66
N TRP B 424 34.53 9.93 -1.91
CA TRP B 424 34.56 9.99 -0.45
C TRP B 424 35.88 10.51 0.08
N LYS B 425 36.98 9.92 -0.40
CA LYS B 425 38.33 10.34 -0.05
C LYS B 425 38.57 11.78 -0.51
N ASP B 426 38.12 12.13 -1.73
CA ASP B 426 38.25 13.52 -2.24
C ASP B 426 37.56 14.56 -1.34
N ALA B 427 36.34 14.24 -0.94
CA ALA B 427 35.52 15.03 -0.02
C ALA B 427 36.26 15.30 1.29
N ILE B 428 36.81 14.24 1.86
CA ILE B 428 37.52 14.33 3.16
C ILE B 428 38.75 15.22 3.03
N ARG B 429 39.48 15.04 1.94
CA ARG B 429 40.70 15.83 1.71
C ARG B 429 40.39 17.30 1.43
N THR B 430 39.23 17.56 0.83
CA THR B 430 38.75 18.93 0.60
C THR B 430 38.28 19.55 1.92
N ILE B 431 37.53 18.78 2.72
CA ILE B 431 36.98 19.29 3.97
C ILE B 431 38.07 19.53 5.05
N LEU B 432 39.03 18.62 5.18
CA LEU B 432 40.02 18.74 6.24
C LEU B 432 41.35 18.32 5.70
N PRO B 433 41.95 19.13 4.80
CA PRO B 433 43.21 18.77 4.18
C PRO B 433 44.36 18.55 5.16
N SER B 434 44.37 19.29 6.27
CA SER B 434 45.41 19.16 7.29
C SER B 434 45.31 17.88 8.11
N ALA B 435 44.17 17.17 8.07
CA ALA B 435 44.08 15.93 8.82
C ALA B 435 43.23 14.90 8.10
N ALA B 436 43.47 14.76 6.80
CA ALA B 436 42.60 14.00 5.92
C ALA B 436 42.58 12.53 6.30
N GLU B 437 43.75 11.95 6.52
CA GLU B 437 43.85 10.54 6.86
C GLU B 437 43.22 10.22 8.21
N GLU B 438 43.34 11.14 9.16
CA GLU B 438 42.73 11.00 10.49
C GLU B 438 41.20 11.08 10.38
N LEU B 439 40.70 12.01 9.55
CA LEU B 439 39.23 12.04 9.30
C LEU B 439 38.76 10.80 8.57
N GLU B 440 39.53 10.33 7.57
CA GLU B 440 39.20 9.02 6.95
C GLU B 440 39.06 7.90 7.97
N CYS B 441 40.04 7.82 8.88
CA CYS B 441 40.02 6.78 9.94
C CYS B 441 38.74 6.87 10.78
N PHE B 442 38.44 8.07 11.29
CA PHE B 442 37.19 8.30 12.05
C PHE B 442 35.92 7.97 11.24
N ALA B 443 35.84 8.44 10.00
CA ALA B 443 34.65 8.24 9.18
C ALA B 443 34.41 6.76 8.82
N MET B 444 35.46 5.99 8.52
CA MET B 444 35.21 4.60 8.13
CA MET B 444 35.40 4.55 8.19
C MET B 444 34.69 3.72 9.26
N HIS B 445 34.80 4.16 10.50
CA HIS B 445 34.26 3.39 11.62
C HIS B 445 33.11 4.17 12.25
N ASN B 446 32.58 5.14 11.50
CA ASN B 446 31.36 5.86 11.88
C ASN B 446 30.48 6.04 10.65
N SER B 447 29.96 4.91 10.15
CA SER B 447 29.29 4.80 8.85
C SER B 447 27.91 4.16 9.03
N ASP B 448 27.80 3.18 9.92
CA ASP B 448 26.56 2.36 10.01
C ASP B 448 25.57 3.06 10.92
N LEU B 449 24.28 2.70 10.84
CA LEU B 449 23.23 3.38 11.61
C LEU B 449 22.83 2.59 12.86
N GLY B 450 23.28 1.35 12.93
CA GLY B 450 22.79 0.37 13.92
C GLY B 450 21.38 -0.08 13.56
N PRO B 451 20.80 -0.98 14.35
CA PRO B 451 19.41 -1.36 14.07
C PRO B 451 18.47 -0.17 14.25
N ASN B 452 17.48 -0.06 13.36
CA ASN B 452 16.52 1.07 13.37
C ASN B 452 15.15 0.69 12.79
N GLY B 453 14.11 1.47 13.12
CA GLY B 453 12.78 1.24 12.57
C GLY B 453 12.69 1.25 11.04
N HIS B 454 13.63 1.90 10.37
CA HIS B 454 13.57 2.02 8.90
C HIS B 454 14.25 0.88 8.17
N GLY B 455 14.97 0.02 8.90
CA GLY B 455 15.76 -1.07 8.31
C GLY B 455 16.92 -0.69 7.41
N TYR B 456 17.45 0.52 7.57
CA TYR B 456 18.49 0.99 6.63
C TYR B 456 19.82 0.86 7.33
N ARG B 457 20.81 0.31 6.62
CA ARG B 457 22.15 0.08 7.17
C ARG B 457 23.19 0.49 6.13
N ARG B 458 24.41 0.78 6.60
CA ARG B 458 25.55 1.05 5.71
C ARG B 458 26.74 0.18 6.14
N GLU B 459 27.62 -0.14 5.20
CA GLU B 459 28.90 -0.79 5.53
C GLU B 459 29.75 0.02 6.50
N GLU B 460 30.57 -0.66 7.29
CA GLU B 460 31.50 0.02 8.20
C GLU B 460 32.63 -0.91 8.57
N SER B 461 33.85 -0.37 8.68
CA SER B 461 35.00 -1.14 9.19
C SER B 461 35.26 -2.40 8.33
N MET B 462 34.98 -2.30 7.03
CA MET B 462 35.11 -3.44 6.11
CA MET B 462 35.10 -3.46 6.14
C MET B 462 36.50 -4.07 6.07
N ASP B 463 37.52 -3.22 6.06
CA ASP B 463 38.91 -3.66 5.92
C ASP B 463 39.38 -4.59 7.05
N ILE B 464 38.94 -4.32 8.29
CA ILE B 464 39.36 -5.15 9.44
C ILE B 464 38.44 -6.32 9.73
N GLN B 465 37.27 -6.34 9.10
CA GLN B 465 36.27 -7.36 9.40
C GLN B 465 36.81 -8.80 9.30
N PRO B 466 37.59 -9.12 8.24
CA PRO B 466 38.05 -10.52 8.15
C PRO B 466 38.93 -10.92 9.31
N ALA B 467 39.91 -10.08 9.65
CA ALA B 467 40.78 -10.32 10.79
C ALA B 467 40.01 -10.41 12.11
N ALA B 468 38.96 -9.59 12.27
CA ALA B 468 38.12 -9.61 13.46
C ALA B 468 37.39 -10.94 13.57
N GLU B 469 36.77 -11.36 12.46
CA GLU B 469 36.06 -12.65 12.35
C GLU B 469 36.93 -13.87 12.67
N ARG B 470 38.09 -13.94 12.03
CA ARG B 470 39.05 -15.02 12.25
C ARG B 470 39.54 -15.06 13.69
N PHE B 471 39.85 -13.89 14.24
CA PHE B 471 40.40 -13.77 15.59
C PHE B 471 39.41 -14.33 16.58
N LEU B 472 38.17 -13.85 16.48
CA LEU B 472 37.12 -14.19 17.44
C LEU B 472 36.67 -15.66 17.36
N LYS B 473 36.63 -16.22 16.15
CA LYS B 473 36.39 -17.66 15.95
C LYS B 473 37.50 -18.55 16.55
N ALA B 474 38.76 -18.23 16.28
CA ALA B 474 39.88 -19.00 16.83
C ALA B 474 39.87 -18.97 18.35
N PHE B 475 39.63 -17.78 18.88
CA PHE B 475 39.76 -17.50 20.30
C PHE B 475 38.71 -18.25 21.09
N LYS B 476 37.48 -18.22 20.60
CA LYS B 476 36.37 -18.89 21.26
C LYS B 476 36.53 -20.41 21.33
N GLU B 477 37.33 -20.97 20.43
CA GLU B 477 37.54 -22.42 20.34
C GLU B 477 38.86 -22.90 20.98
N GLY B 478 39.56 -22.07 21.70
CA GLY B 478 40.84 -22.47 22.21
C GLY B 478 41.82 -22.89 21.13
N LYS B 479 41.53 -22.50 19.89
CA LYS B 479 42.47 -22.61 18.77
C LYS B 479 43.27 -21.34 18.71
N ASN B 480 44.54 -21.45 18.40
CA ASN B 480 45.36 -20.28 18.47
C ASN B 480 44.96 -19.31 17.34
N TYR B 481 44.55 -18.09 17.69
CA TYR B 481 44.53 -17.00 16.69
C TYR B 481 45.85 -16.74 15.97
N ASP B 482 45.73 -16.17 14.76
CA ASP B 482 46.86 -15.75 13.96
C ASP B 482 47.46 -14.45 14.51
N LYS B 483 48.78 -14.50 14.74
CA LYS B 483 49.55 -13.33 15.15
C LYS B 483 49.23 -12.09 14.28
N ALA B 484 49.26 -12.25 12.95
CA ALA B 484 48.91 -11.17 12.03
C ALA B 484 47.56 -10.52 12.30
N ASP B 485 46.56 -11.32 12.68
CA ASP B 485 45.22 -10.77 12.97
C ASP B 485 45.16 -9.97 14.27
N PHE B 486 45.80 -10.52 15.31
CA PHE B 486 46.00 -9.80 16.58
C PHE B 486 46.66 -8.44 16.31
N GLU B 487 47.78 -8.45 15.57
CA GLU B 487 48.47 -7.23 15.18
C GLU B 487 47.63 -6.25 14.35
N THR B 488 46.78 -6.76 13.45
CA THR B 488 45.88 -5.89 12.66
C THR B 488 44.95 -5.08 13.58
N LEU B 489 44.39 -5.76 14.60
CA LEU B 489 43.54 -5.12 15.61
C LEU B 489 44.30 -4.09 16.43
N GLN B 490 45.45 -4.48 16.95
CA GLN B 490 46.39 -3.58 17.62
C GLN B 490 46.68 -2.31 16.80
N TYR B 491 47.07 -2.49 15.53
CA TYR B 491 47.33 -1.39 14.58
C TYR B 491 46.14 -0.44 14.46
N THR B 492 44.95 -1.03 14.37
CA THR B 492 43.70 -0.28 14.20
C THR B 492 43.41 0.54 15.44
N PHE B 493 43.53 -0.07 16.61
CA PHE B 493 43.30 0.67 17.85
C PHE B 493 44.29 1.84 17.99
N GLU B 494 45.54 1.59 17.62
CA GLU B 494 46.55 2.63 17.67
C GLU B 494 46.21 3.81 16.73
N ARG B 495 45.79 3.49 15.51
CA ARG B 495 45.43 4.51 14.53
C ARG B 495 44.20 5.31 14.98
N MET B 496 43.25 4.60 15.59
CA MET B 496 42.08 5.25 16.14
C MET B 496 42.43 6.33 17.17
N LYS B 497 43.33 6.04 18.11
CA LYS B 497 43.71 7.00 19.14
C LYS B 497 44.48 8.18 18.53
N GLU B 498 45.36 7.89 17.57
CA GLU B 498 46.06 8.92 16.80
C GLU B 498 45.08 9.90 16.15
N SER B 499 44.13 9.33 15.42
CA SER B 499 43.10 10.10 14.73
C SER B 499 42.21 10.93 15.68
N ALA B 500 41.73 10.31 16.77
CA ALA B 500 40.90 11.02 17.78
C ALA B 500 41.63 12.23 18.35
N ASP B 501 42.87 12.02 18.78
CA ASP B 501 43.61 13.14 19.41
C ASP B 501 43.98 14.28 18.46
N ILE B 502 44.27 13.94 17.20
CA ILE B 502 44.61 14.93 16.19
C ILE B 502 43.33 15.68 15.75
N LEU B 503 42.23 14.96 15.53
CA LEU B 503 40.95 15.63 15.22
C LEU B 503 40.50 16.59 16.33
N LEU B 504 40.65 16.20 17.59
CA LEU B 504 40.23 17.07 18.70
C LEU B 504 40.90 18.43 18.65
N MET B 505 42.19 18.42 18.31
CA MET B 505 42.98 19.63 18.34
C MET B 505 43.03 20.38 17.02
N ASN B 506 42.38 19.84 15.99
CA ASN B 506 42.39 20.51 14.69
C ASN B 506 41.64 21.84 14.70
N THR B 507 42.26 22.88 14.17
CA THR B 507 41.68 24.21 14.13
C THR B 507 41.38 24.70 12.70
N GLU B 508 41.53 23.82 11.71
CA GLU B 508 41.30 24.24 10.31
C GLU B 508 39.80 24.40 10.03
N ASN B 509 39.01 23.48 10.58
CA ASN B 509 37.57 23.55 10.52
C ASN B 509 37.06 23.34 11.94
N LYS B 510 37.05 24.40 12.72
CA LYS B 510 36.59 24.33 14.10
C LYS B 510 35.11 23.88 14.18
N PRO B 511 34.22 24.39 13.28
CA PRO B 511 32.81 23.99 13.44
C PRO B 511 32.62 22.50 13.27
N LEU B 512 33.32 21.91 12.32
CA LEU B 512 33.28 20.46 12.17
C LEU B 512 33.72 19.74 13.46
N ILE B 513 34.83 20.18 14.06
CA ILE B 513 35.38 19.54 15.26
C ILE B 513 34.37 19.66 16.41
N VAL B 514 33.79 20.84 16.59
CA VAL B 514 32.71 21.00 17.60
C VAL B 514 31.57 19.99 17.42
N GLU B 515 31.07 19.81 16.19
CA GLU B 515 30.00 18.82 15.91
C GLU B 515 30.38 17.42 16.34
N ILE B 516 31.58 16.97 15.95
CA ILE B 516 31.97 15.56 16.15
C ILE B 516 32.64 15.23 17.50
N THR B 517 32.97 16.25 18.28
CA THR B 517 33.78 16.05 19.52
C THR B 517 33.28 14.93 20.47
N PRO B 518 31.95 14.89 20.80
CA PRO B 518 31.49 13.84 21.72
C PRO B 518 31.77 12.45 21.17
N TRP B 519 31.58 12.26 19.86
CA TRP B 519 31.86 10.97 19.19
C TRP B 519 33.35 10.69 19.10
N VAL B 520 34.14 11.73 18.92
CA VAL B 520 35.59 11.58 18.94
C VAL B 520 36.10 11.08 20.30
N HIS B 521 35.57 11.63 21.40
CA HIS B 521 35.95 11.19 22.75
C HIS B 521 35.56 9.72 22.92
N GLN B 522 34.37 9.38 22.48
CA GLN B 522 33.85 8.02 22.59
C GLN B 522 34.66 6.99 21.76
N PHE B 523 35.04 7.41 20.56
CA PHE B 523 35.90 6.66 19.62
C PHE B 523 37.29 6.40 20.25
N LYS B 524 37.89 7.41 20.87
CA LYS B 524 39.17 7.17 21.60
C LYS B 524 39.03 6.18 22.75
N LEU B 525 37.96 6.31 23.56
CA LEU B 525 37.68 5.36 24.64
C LEU B 525 37.53 3.91 24.12
N THR B 526 36.80 3.75 23.01
CA THR B 526 36.66 2.46 22.33
C THR B 526 38.03 1.87 21.97
N ALA B 527 38.89 2.69 21.37
CA ALA B 527 40.23 2.24 21.00
C ALA B 527 41.07 1.85 22.22
N GLU B 528 41.03 2.68 23.28
CA GLU B 528 41.73 2.35 24.52
C GLU B 528 41.22 1.06 25.14
N MET B 529 39.90 0.88 25.15
CA MET B 529 39.27 -0.38 25.62
C MET B 529 39.72 -1.59 24.82
N GLY B 530 39.78 -1.46 23.49
CA GLY B 530 40.34 -2.50 22.63
C GLY B 530 41.77 -2.91 22.99
N GLU B 531 42.66 -1.92 23.17
CA GLU B 531 44.03 -2.18 23.53
C GLU B 531 44.14 -2.95 24.83
N GLU B 532 43.39 -2.50 25.84
CA GLU B 532 43.44 -3.14 27.15
C GLU B 532 42.91 -4.57 27.09
N VAL B 533 41.82 -4.79 26.33
CA VAL B 533 41.24 -6.13 26.16
C VAL B 533 42.21 -7.09 25.49
N LEU B 534 42.90 -6.61 24.46
CA LEU B 534 43.92 -7.45 23.80
C LEU B 534 45.05 -7.80 24.77
N LYS B 535 45.37 -6.87 25.67
CA LYS B 535 46.38 -7.14 26.69
C LYS B 535 45.90 -8.19 27.65
N MET B 536 44.59 -8.27 27.86
CA MET B 536 44.00 -9.34 28.69
C MET B 536 44.09 -10.72 28.01
N VAL B 537 43.89 -10.72 26.69
CA VAL B 537 44.02 -11.92 25.86
C VAL B 537 45.42 -12.52 25.98
N GLU B 538 46.42 -11.66 25.89
CA GLU B 538 47.82 -12.07 25.97
C GLU B 538 48.15 -12.49 27.39
N GLY B 539 47.67 -11.68 28.34
CA GLY B 539 47.65 -12.01 29.76
C GLY B 539 48.74 -12.74 30.53
N ARG B 540 49.94 -12.17 30.51
CA ARG B 540 51.07 -12.77 31.23
C ARG B 540 50.79 -13.52 32.55
N ASN B 541 50.25 -12.82 33.53
CA ASN B 541 50.01 -13.41 34.85
C ASN B 541 48.70 -12.91 35.45
N GLU B 542 48.38 -13.41 36.65
CA GLU B 542 47.11 -13.09 37.28
C GLU B 542 46.99 -11.60 37.65
N SER B 543 48.03 -11.03 38.25
CA SER B 543 47.93 -9.63 38.69
C SER B 543 47.89 -8.64 37.52
N TYR B 544 48.58 -8.98 36.43
CA TYR B 544 48.51 -8.18 35.21
C TYR B 544 47.12 -8.26 34.59
N PHE B 545 46.55 -9.46 34.54
CA PHE B 545 45.22 -9.61 33.96
C PHE B 545 44.23 -8.75 34.72
N LEU B 546 44.25 -8.82 36.05
CA LEU B 546 43.33 -8.06 36.90
C LEU B 546 43.47 -6.56 36.75
N ARG B 547 44.70 -6.09 36.57
CA ARG B 547 44.99 -4.67 36.30
C ARG B 547 44.33 -4.23 35.01
N LYS B 548 44.49 -5.04 33.96
CA LYS B 548 43.85 -4.75 32.66
C LYS B 548 42.34 -4.77 32.78
N TYR B 549 41.82 -5.79 33.46
CA TYR B 549 40.39 -5.93 33.74
C TYR B 549 39.82 -4.71 34.45
N ASN B 550 40.51 -4.25 35.50
CA ASN B 550 40.05 -3.06 36.25
C ASN B 550 40.10 -1.79 35.41
N HIS B 551 41.11 -1.69 34.56
CA HIS B 551 41.18 -0.58 33.62
C HIS B 551 40.03 -0.60 32.61
N VAL B 552 39.69 -1.80 32.10
CA VAL B 552 38.55 -1.92 31.18
C VAL B 552 37.24 -1.50 31.83
N LYS B 553 37.02 -1.92 33.08
CA LYS B 553 35.82 -1.55 33.84
C LYS B 553 35.66 -0.04 33.96
N ALA B 554 36.77 0.65 34.21
CA ALA B 554 36.80 2.11 34.29
C ALA B 554 36.52 2.78 32.93
N LEU B 555 37.08 2.22 31.86
CA LEU B 555 36.79 2.75 30.53
C LEU B 555 35.31 2.53 30.18
N GLN B 556 34.70 1.41 30.60
CA GLN B 556 33.27 1.17 30.38
C GLN B 556 32.42 2.22 31.10
N GLN B 557 32.82 2.54 32.33
CA GLN B 557 32.14 3.58 33.08
C GLN B 557 32.26 4.92 32.39
N GLN B 558 33.44 5.22 31.86
CA GLN B 558 33.63 6.51 31.17
C GLN B 558 32.79 6.66 29.91
N MET B 559 32.67 5.58 29.13
CA MET B 559 31.83 5.60 27.93
C MET B 559 30.35 5.77 28.29
N PHE B 560 29.93 5.12 29.37
CA PHE B 560 28.60 5.35 29.93
C PHE B 560 28.37 6.84 30.27
N TYR B 561 29.33 7.47 30.94
CA TYR B 561 29.24 8.91 31.29
CA TYR B 561 29.11 8.86 31.28
C TYR B 561 29.07 9.79 30.06
N ILE B 562 29.86 9.51 29.01
CA ILE B 562 29.68 10.25 27.74
C ILE B 562 28.28 10.01 27.18
N ASP B 563 27.83 8.75 27.21
CA ASP B 563 26.53 8.34 26.65
C ASP B 563 25.34 8.96 27.38
N GLN B 564 25.54 9.33 28.65
CA GLN B 564 24.51 9.98 29.46
C GLN B 564 24.58 11.50 29.58
N THR B 565 25.68 12.12 29.11
CA THR B 565 25.87 13.55 29.32
C THR B 565 25.97 14.31 28.00
N SER B 566 26.33 13.62 26.92
CA SER B 566 26.40 14.24 25.59
C SER B 566 25.20 13.94 24.73
N ASN B 567 24.84 14.88 23.86
CA ASN B 567 23.78 14.64 22.90
C ASN B 567 22.50 14.08 23.55
N GLN B 568 22.04 14.75 24.60
CA GLN B 568 20.88 14.27 25.36
C GLN B 568 19.52 14.72 24.76
N ASN B 569 19.19 14.21 23.58
CA ASN B 569 17.94 14.51 22.91
C ASN B 569 16.85 13.54 23.36
N PRO B 570 15.56 13.84 23.06
CA PRO B 570 14.46 13.04 23.56
C PRO B 570 14.29 11.69 22.88
N TYR B 571 14.97 11.45 21.76
CA TYR B 571 14.68 10.29 20.90
C TYR B 571 15.69 9.12 20.93
N GLN B 572 16.93 9.42 20.60
CA GLN B 572 18.03 8.47 20.69
C GLN B 572 19.15 9.25 21.36
N PRO B 573 19.11 9.44 22.69
CA PRO B 573 20.18 10.24 23.31
C PRO B 573 21.50 9.47 23.32
N GLY B 574 22.59 10.21 23.45
CA GLY B 574 23.90 9.64 23.69
C GLY B 574 24.80 9.60 22.47
N VAL B 575 25.88 8.82 22.59
CA VAL B 575 26.97 8.82 21.63
C VAL B 575 27.41 7.37 21.37
N LYS B 576 27.07 6.85 20.20
CA LYS B 576 27.51 5.51 19.79
C LYS B 576 28.50 5.60 18.63
N THR B 577 29.50 4.73 18.65
CA THR B 577 30.59 4.83 17.69
C THR B 577 31.19 3.46 17.40
N ALA B 578 31.68 3.28 16.17
CA ALA B 578 32.34 2.03 15.74
C ALA B 578 31.51 0.81 16.16
N THR B 579 30.21 0.91 15.87
CA THR B 579 29.21 -0.03 16.39
C THR B 579 29.05 -1.33 15.61
N ARG B 580 29.37 -1.34 14.32
CA ARG B 580 29.11 -2.52 13.48
C ARG B 580 30.06 -3.72 13.72
N VAL B 581 31.36 -3.44 13.78
CA VAL B 581 32.38 -4.47 13.89
C VAL B 581 33.22 -4.30 15.16
N ILE B 582 33.68 -3.07 15.44
CA ILE B 582 34.70 -2.90 16.45
C ILE B 582 34.20 -3.10 17.89
N LYS B 583 33.14 -2.39 18.27
CA LYS B 583 32.69 -2.49 19.65
C LYS B 583 32.20 -3.90 19.93
N PRO B 584 31.45 -4.52 18.99
CA PRO B 584 31.06 -5.92 19.19
C PRO B 584 32.25 -6.88 19.36
N LEU B 585 33.29 -6.73 18.55
CA LEU B 585 34.54 -7.49 18.74
C LEU B 585 35.14 -7.33 20.14
N ILE B 586 35.26 -6.08 20.59
CA ILE B 586 35.85 -5.81 21.92
C ILE B 586 35.03 -6.44 23.05
N ASP B 587 33.72 -6.23 23.01
CA ASP B 587 32.82 -6.69 24.05
C ASP B 587 32.82 -8.23 24.11
N ARG B 588 32.77 -8.88 22.96
CA ARG B 588 32.77 -10.34 22.91
C ARG B 588 34.07 -10.96 23.43
N THR B 589 35.20 -10.35 23.08
CA THR B 589 36.52 -10.84 23.47
C THR B 589 36.67 -10.62 24.99
N PHE B 590 36.22 -9.46 25.46
CA PHE B 590 36.22 -9.23 26.90
C PHE B 590 35.40 -10.31 27.63
N ALA B 591 34.14 -10.50 27.23
CA ALA B 591 33.31 -11.53 27.88
C ALA B 591 33.97 -12.89 27.85
N THR B 592 34.67 -13.19 26.75
CA THR B 592 35.27 -14.52 26.55
C THR B 592 36.46 -14.77 27.47
N VAL B 593 37.41 -13.84 27.48
CA VAL B 593 38.62 -13.96 28.31
C VAL B 593 38.28 -13.88 29.79
N VAL B 594 37.30 -13.07 30.16
CA VAL B 594 36.82 -13.02 31.54
C VAL B 594 36.28 -14.39 31.93
N LYS B 595 35.50 -15.01 31.05
CA LYS B 595 35.01 -16.38 31.31
C LYS B 595 36.16 -17.39 31.44
N PHE B 596 37.13 -17.34 30.52
CA PHE B 596 38.30 -18.22 30.61
C PHE B 596 39.04 -18.05 31.95
N PHE B 597 39.31 -16.80 32.35
CA PHE B 597 39.98 -16.51 33.62
C PHE B 597 39.21 -17.06 34.82
N ASN B 598 37.90 -16.82 34.85
CA ASN B 598 37.07 -17.36 35.92
C ASN B 598 37.16 -18.87 36.01
N GLN B 599 37.10 -19.55 34.86
CA GLN B 599 37.23 -21.02 34.80
C GLN B 599 38.58 -21.49 35.32
N LYS B 600 39.65 -20.83 34.85
CA LYS B 600 41.03 -21.18 35.18
C LYS B 600 41.36 -20.93 36.66
N PHE B 601 40.94 -19.78 37.18
CA PHE B 601 41.29 -19.34 38.53
C PHE B 601 40.16 -19.42 39.54
N ASN B 602 39.18 -20.28 39.27
CA ASN B 602 38.04 -20.46 40.16
C ASN B 602 37.45 -19.11 40.61
N ALA B 603 37.38 -18.14 39.71
CA ALA B 603 37.01 -16.77 40.06
C ALA B 603 35.57 -16.36 39.64
N HIS B 604 35.19 -15.13 39.97
CA HIS B 604 33.82 -14.64 39.75
C HIS B 604 33.81 -13.22 39.21
N LEU B 605 34.73 -12.93 38.29
CA LEU B 605 34.77 -11.63 37.66
C LEU B 605 33.51 -11.41 36.83
N ASP B 606 32.93 -10.22 36.98
CA ASP B 606 31.78 -9.78 36.20
C ASP B 606 32.18 -9.56 34.73
N ALA B 607 31.49 -10.28 33.84
CA ALA B 607 31.80 -10.26 32.40
C ALA B 607 30.89 -9.32 31.60
N THR B 608 30.09 -8.52 32.29
CA THR B 608 29.19 -7.57 31.62
C THR B 608 30.00 -6.46 30.94
N THR B 609 29.47 -5.95 29.84
CA THR B 609 30.22 -5.11 28.92
C THR B 609 29.71 -3.66 28.86
N ASP B 610 28.47 -3.43 29.24
CA ASP B 610 28.00 -2.06 29.39
C ASP B 610 27.83 -1.77 30.86
N TYR B 611 28.41 -0.66 31.28
CA TYR B 611 28.34 -0.23 32.66
C TYR B 611 26.91 0.16 32.98
N MET B 612 26.41 -0.30 34.12
CA MET B 612 25.09 0.02 34.60
C MET B 612 25.16 0.26 36.10
N PRO B 613 24.85 1.48 36.54
CA PRO B 613 24.92 1.79 37.98
C PRO B 613 23.82 1.14 38.81
N HIS B 614 22.62 0.99 38.23
CA HIS B 614 21.48 0.40 38.93
C HIS B 614 21.47 -1.11 38.75
N LYS B 615 20.82 -1.82 39.67
CA LYS B 615 20.86 -3.30 39.67
C LYS B 615 19.48 -3.97 39.57
N MET B 616 19.51 -5.27 39.25
CA MET B 616 18.35 -6.16 39.33
C MET B 616 18.82 -7.56 39.66
N ASN B 625 16.64 -11.45 33.47
CA ASN B 625 17.96 -11.59 32.85
C ASN B 625 18.22 -10.55 31.74
N LEU B 626 17.26 -9.64 31.57
CA LEU B 626 17.32 -8.55 30.58
C LEU B 626 18.12 -7.38 31.16
N PRO B 627 19.04 -6.77 30.38
CA PRO B 627 19.81 -5.66 30.97
C PRO B 627 18.99 -4.38 31.22
N LEU B 628 19.28 -3.70 32.31
CA LEU B 628 18.71 -2.36 32.56
C LEU B 628 19.28 -1.34 31.59
N GLN B 629 18.44 -0.36 31.26
CA GLN B 629 18.87 0.78 30.45
C GLN B 629 18.55 2.08 31.18
N VAL B 630 19.39 3.08 30.95
CA VAL B 630 19.16 4.43 31.43
C VAL B 630 19.02 5.33 30.21
N LYS B 631 17.87 5.96 30.07
CA LYS B 631 17.65 6.96 29.06
C LYS B 631 17.15 8.22 29.74
N ALA B 632 17.92 9.27 29.62
CA ALA B 632 17.62 10.48 30.33
C ALA B 632 17.24 10.10 31.74
N ASN B 633 16.04 10.45 32.15
CA ASN B 633 15.60 10.27 33.52
C ASN B 633 14.74 9.03 33.74
N ARG B 634 14.79 8.13 32.80
CA ARG B 634 14.10 6.87 32.88
C ARG B 634 15.05 5.70 33.13
N VAL B 635 14.63 4.74 33.92
CA VAL B 635 15.34 3.49 34.10
C VAL B 635 14.41 2.37 33.60
N LEU B 636 14.84 1.67 32.55
CA LEU B 636 14.04 0.64 31.85
C LEU B 636 14.61 -0.77 32.04
N ILE B 637 13.73 -1.76 32.00
CA ILE B 637 14.17 -3.14 31.73
C ILE B 637 14.05 -3.35 30.22
N SER B 638 15.15 -3.76 29.59
CA SER B 638 15.15 -4.14 28.17
C SER B 638 13.95 -5.04 27.87
N PRO B 639 13.09 -4.64 26.90
CA PRO B 639 11.89 -5.38 26.53
C PRO B 639 12.17 -6.54 25.59
N VAL B 652 12.16 -8.36 38.14
CA VAL B 652 11.73 -8.90 39.43
C VAL B 652 11.87 -7.75 40.44
N GLU B 653 13.10 -7.34 40.73
CA GLU B 653 13.37 -6.22 41.63
C GLU B 653 14.47 -5.30 41.09
N ILE B 654 14.26 -3.98 41.24
CA ILE B 654 15.24 -2.98 40.78
C ILE B 654 15.78 -2.17 41.97
N GLU B 655 17.11 -2.08 42.06
CA GLU B 655 17.75 -1.22 43.05
C GLU B 655 18.57 -0.12 42.39
N LEU B 656 18.06 1.11 42.48
CA LEU B 656 18.77 2.30 42.02
C LEU B 656 19.99 2.56 42.89
N ASP B 657 20.98 3.28 42.36
CA ASP B 657 22.24 3.51 43.06
C ASP B 657 22.15 4.61 44.13
N ALA B 658 20.95 5.17 44.30
CA ALA B 658 20.66 6.18 45.31
C ALA B 658 19.14 6.32 45.46
N ILE B 659 18.69 7.11 46.43
CA ILE B 659 17.27 7.45 46.59
C ILE B 659 16.94 8.63 45.68
N TYR B 660 15.86 8.52 44.90
CA TYR B 660 15.45 9.61 44.01
C TYR B 660 14.00 9.95 44.24
N PRO B 661 13.61 11.22 44.01
CA PRO B 661 12.17 11.48 43.93
C PRO B 661 11.64 10.79 42.68
N GLY B 662 10.63 9.94 42.84
CA GLY B 662 10.07 9.15 41.75
C GLY B 662 8.97 9.90 41.04
N GLU B 663 8.98 9.79 39.72
CA GLU B 663 8.04 10.52 38.87
C GLU B 663 6.82 9.63 38.58
N ASN B 664 7.03 8.55 37.82
CA ASN B 664 5.97 7.57 37.52
C ASN B 664 6.48 6.23 36.98
N ILE B 665 5.60 5.23 36.91
CA ILE B 665 5.97 3.91 36.42
C ILE B 665 5.02 3.48 35.29
N GLN B 666 5.57 2.80 34.27
CA GLN B 666 4.78 2.34 33.13
C GLN B 666 5.17 0.92 32.71
N ILE B 667 4.30 -0.03 33.06
CA ILE B 667 4.51 -1.45 32.75
C ILE B 667 3.44 -1.93 31.76
N ASN B 668 3.85 -2.68 30.75
CA ASN B 668 2.95 -3.17 29.71
C ASN B 668 3.26 -4.63 29.35
N PHE B 669 2.25 -5.48 29.49
CA PHE B 669 2.37 -6.89 29.16
C PHE B 669 1.67 -7.19 27.84
N ARG B 700 -1.70 -1.53 28.94
CA ARG B 700 -0.84 -0.42 29.31
C ARG B 700 -1.15 0.05 30.73
N LEU B 701 -0.25 -0.24 31.66
CA LEU B 701 -0.39 0.13 33.07
C LEU B 701 0.50 1.32 33.40
N SER B 702 0.12 2.08 34.44
CA SER B 702 0.89 3.25 34.89
C SER B 702 0.38 3.81 36.23
N ALA B 703 1.30 4.40 37.00
CA ALA B 703 0.95 5.06 38.25
C ALA B 703 1.87 6.26 38.45
N GLY B 704 1.27 7.40 38.82
CA GLY B 704 2.06 8.57 39.19
C GLY B 704 2.60 8.35 40.59
N LEU B 705 3.88 8.64 40.79
CA LEU B 705 4.53 8.43 42.09
C LEU B 705 4.55 9.67 43.00
N GLN B 706 4.13 10.82 42.46
CA GLN B 706 4.07 12.10 43.20
C GLN B 706 5.30 12.47 44.04
N LYS B 707 6.49 12.36 43.45
CA LYS B 707 7.78 12.77 44.07
C LYS B 707 8.25 11.93 45.26
N ALA B 708 7.62 10.78 45.48
CA ALA B 708 7.93 9.93 46.64
C ALA B 708 9.32 9.33 46.51
N PRO B 709 10.12 9.35 47.60
CA PRO B 709 11.49 8.82 47.56
C PRO B 709 11.51 7.33 47.22
N VAL B 710 12.36 6.96 46.28
CA VAL B 710 12.46 5.58 45.82
C VAL B 710 13.92 5.20 45.53
N LYS B 711 14.33 4.08 46.10
CA LYS B 711 15.59 3.44 45.76
C LYS B 711 15.30 2.04 45.19
N PHE B 712 14.43 1.30 45.86
CA PHE B 712 14.03 -0.04 45.44
C PHE B 712 12.65 -0.03 44.76
N VAL B 713 12.51 -0.78 43.66
CA VAL B 713 11.21 -1.04 43.03
C VAL B 713 11.04 -2.56 42.90
N ARG B 714 9.91 -3.08 43.40
CA ARG B 714 9.61 -4.51 43.33
C ARG B 714 8.21 -4.80 42.79
N PHE B 715 8.11 -5.77 41.87
CA PHE B 715 6.82 -6.19 41.31
C PHE B 715 6.58 -7.67 41.57
N PHE B 730 8.21 -1.99 31.07
CA PHE B 730 8.69 -1.66 32.41
C PHE B 730 9.64 -0.44 32.49
N VAL B 731 9.10 0.74 32.80
CA VAL B 731 9.92 1.97 32.87
C VAL B 731 9.63 2.82 34.12
N LEU B 732 10.66 3.00 34.96
CA LEU B 732 10.59 3.94 36.08
C LEU B 732 11.15 5.30 35.66
N THR B 733 10.36 6.35 35.82
CA THR B 733 10.81 7.72 35.59
C THR B 733 11.05 8.36 36.96
N ILE B 734 12.17 9.06 37.08
CA ILE B 734 12.61 9.66 38.34
C ILE B 734 12.94 11.12 38.08
N GLU B 735 13.05 11.90 39.15
CA GLU B 735 13.55 13.27 39.05
C GLU B 735 15.08 13.23 38.93
N LYS B 736 15.57 13.41 37.72
CA LYS B 736 17.01 13.37 37.46
C LYS B 736 17.42 14.53 36.56
#